data_4C0A
#
_entry.id   4C0A
#
_cell.length_a   90.980
_cell.length_b   65.780
_cell.length_c   196.860
_cell.angle_alpha   90.00
_cell.angle_beta   96.13
_cell.angle_gamma   90.00
#
_symmetry.space_group_name_H-M   'P 1 2 1'
#
loop_
_entity.id
_entity.type
_entity.pdbx_description
1 polymer 'IQ MOTIF AND SEC7 DOMAIN-CONTAINING PROTEIN 1'
2 polymer 'ADP-RIBOSYLATION FACTOR 1'
3 non-polymer "GUANOSINE-3'-MONOPHOSPHATE-5'-DIPHOSPHATE"
#
loop_
_entity_poly.entity_id
_entity_poly.type
_entity_poly.pdbx_seq_one_letter_code
_entity_poly.pdbx_strand_id
1 'polypeptide(L)'
;GAMGSGIPMSWDSPAFSNDVIRKRHYRIGLNLFNKKPEKGVQYLIERGFVPDTPVGVAHFLLQRKGLSRQMIGEFLGNRQ
KQFNRDVLDCVVDEMDFSTMELDEALRKFQAHIRVQGKAQKVERLIEAFSQRYCICNPGVVRQFRNPDTIFILAFAIILL
NTDMYSPNVKPERKMKLEDFIKNLRGVDDGEDIPREMLMGIYERIRKRELKTNEDHVSQVQKVEKLIVGKKPIGSLHPGL
GCVLSLPHRRLVCYCRLFEVPDPNKPQKLGLHQREIFLFNDLLVVTKIFQKKKNSVTYSFRQSFSLYGMQVLLFENQYYP
NGIRLTSSVPGADIKVLINFNAPNPQDRKKFTDDLRESIAEVQEMEKHRIESELEKQKGVVRP
;
A,B,E,F
2 'polypeptide(L)'
;MRILMVGLDAAGKTTILYKLKLGEIVTTIPTIGFNVETVEYKNISFTVWDVGGQDKIRPLWRHYFQNTQGLIFVVDSNDR
ERVNEAREELMRMLAEDELRDAVLLVFANKQDLPNAMNAAEITDKLGLHSLRHRNWYIQATCATSGDGLYEGLDWLSNQL
RNQK
;
C,D,G,H
#
# COMPACT_ATOMS: atom_id res chain seq x y z
N PHE A 16 71.13 3.00 22.85
CA PHE A 16 72.10 3.91 22.23
C PHE A 16 71.43 5.06 21.43
N SER A 17 72.21 6.09 21.02
CA SER A 17 71.80 7.27 20.24
C SER A 17 70.66 8.05 20.92
N ASN A 18 71.03 8.74 22.01
CA ASN A 18 70.18 9.51 22.94
C ASN A 18 69.28 10.62 22.33
N ASP A 19 69.41 10.87 21.01
CA ASP A 19 68.68 11.89 20.25
C ASP A 19 67.19 11.56 20.10
N VAL A 20 66.32 12.54 20.36
CA VAL A 20 64.87 12.42 20.19
C VAL A 20 64.47 12.01 18.73
N ILE A 21 65.02 12.70 17.72
CA ILE A 21 64.73 12.42 16.31
C ILE A 21 65.24 11.04 15.84
N ARG A 22 66.49 10.68 16.18
CA ARG A 22 67.06 9.38 15.82
C ARG A 22 66.29 8.23 16.48
N LYS A 23 65.95 8.36 17.77
CA LYS A 23 65.16 7.35 18.48
C LYS A 23 63.77 7.22 17.83
N ARG A 24 63.19 8.35 17.38
CA ARG A 24 61.90 8.38 16.69
C ARG A 24 62.02 7.64 15.35
N HIS A 25 63.14 7.85 14.62
CA HIS A 25 63.41 7.17 13.35
C HIS A 25 63.60 5.66 13.53
N TYR A 26 64.31 5.27 14.59
CA TYR A 26 64.49 3.85 14.93
C TYR A 26 63.11 3.21 15.22
N ARG A 27 62.28 3.87 16.06
CA ARG A 27 60.93 3.43 16.42
C ARG A 27 60.07 3.36 15.12
N ILE A 28 60.28 4.31 14.18
CA ILE A 28 59.58 4.34 12.88
C ILE A 28 59.92 3.10 12.05
N GLY A 29 61.21 2.71 12.04
CA GLY A 29 61.66 1.50 11.37
C GLY A 29 60.96 0.26 11.89
N LEU A 30 60.88 0.16 13.21
CA LEU A 30 60.23 -0.95 13.87
C LEU A 30 58.73 -0.96 13.57
N ASN A 31 58.11 0.22 13.52
CA ASN A 31 56.68 0.34 13.19
C ASN A 31 56.41 -0.11 11.78
N LEU A 32 57.30 0.24 10.85
CA LEU A 32 57.23 -0.16 9.46
C LEU A 32 57.41 -1.66 9.31
N PHE A 33 58.33 -2.26 10.07
CA PHE A 33 58.56 -3.70 10.02
C PHE A 33 57.31 -4.45 10.40
N ASN A 34 56.69 -4.05 11.50
CA ASN A 34 55.53 -4.71 12.04
C ASN A 34 54.30 -4.62 11.12
N LYS A 35 54.31 -3.70 10.15
CA LYS A 35 53.26 -3.57 9.15
C LYS A 35 53.67 -4.32 7.89
N LYS A 36 54.93 -4.16 7.45
CA LYS A 36 55.53 -4.80 6.26
C LYS A 36 57.01 -5.11 6.55
N PRO A 37 57.36 -6.40 6.82
CA PRO A 37 58.73 -6.73 7.23
C PRO A 37 59.83 -6.45 6.22
N GLU A 38 59.52 -6.62 4.95
CA GLU A 38 60.48 -6.39 3.89
C GLU A 38 60.81 -4.88 3.79
N LYS A 39 59.75 -4.05 3.99
CA LYS A 39 59.85 -2.59 3.99
C LYS A 39 60.55 -2.05 5.23
N GLY A 40 60.25 -2.64 6.38
CA GLY A 40 60.86 -2.25 7.64
C GLY A 40 62.34 -2.52 7.64
N VAL A 41 62.75 -3.69 7.13
CA VAL A 41 64.16 -4.06 7.06
C VAL A 41 64.94 -3.15 6.13
N GLN A 42 64.39 -2.86 4.95
CA GLN A 42 65.02 -1.96 3.99
C GLN A 42 65.27 -0.60 4.63
N TYR A 43 64.25 -0.07 5.34
CA TYR A 43 64.28 1.21 6.06
C TYR A 43 65.39 1.26 7.09
N LEU A 44 65.48 0.22 7.93
CA LEU A 44 66.49 0.11 8.98
C LEU A 44 67.91 0.07 8.45
N ILE A 45 68.10 -0.67 7.35
CA ILE A 45 69.37 -0.74 6.67
C ILE A 45 69.75 0.66 6.13
N GLU A 46 68.84 1.29 5.39
CA GLU A 46 69.06 2.61 4.80
C GLU A 46 69.37 3.67 5.83
N ARG A 47 68.79 3.54 7.02
CA ARG A 47 69.00 4.52 8.09
C ARG A 47 70.09 4.15 9.07
N GLY A 48 70.97 3.23 8.66
CA GLY A 48 72.11 2.75 9.43
C GLY A 48 71.80 2.22 10.82
N PHE A 49 70.63 1.57 10.97
CA PHE A 49 70.21 1.00 12.25
C PHE A 49 70.40 -0.51 12.26
N VAL A 50 70.70 -1.09 11.08
CA VAL A 50 70.90 -2.52 10.85
C VAL A 50 71.93 -2.66 9.70
N PRO A 51 72.98 -3.49 9.85
CA PRO A 51 73.92 -3.68 8.72
C PRO A 51 73.26 -4.54 7.63
N ASP A 52 73.74 -4.44 6.39
CA ASP A 52 73.12 -5.09 5.22
C ASP A 52 73.31 -6.60 5.04
N THR A 53 74.14 -7.23 5.88
CA THR A 53 74.36 -8.65 5.73
C THR A 53 73.20 -9.49 6.32
N PRO A 54 72.93 -10.67 5.74
CA PRO A 54 71.91 -11.57 6.29
C PRO A 54 72.16 -11.94 7.75
N VAL A 55 73.44 -12.06 8.14
CA VAL A 55 73.85 -12.41 9.51
C VAL A 55 73.51 -11.29 10.48
N GLY A 56 73.66 -10.05 10.01
CA GLY A 56 73.43 -8.86 10.80
C GLY A 56 71.96 -8.67 11.06
N VAL A 57 71.14 -8.92 10.02
CA VAL A 57 69.68 -8.82 10.08
C VAL A 57 69.14 -9.95 10.97
N ALA A 58 69.75 -11.17 10.88
CA ALA A 58 69.39 -12.34 11.68
C ALA A 58 69.56 -12.04 13.18
N HIS A 59 70.72 -11.47 13.53
CA HIS A 59 71.07 -11.07 14.90
C HIS A 59 70.08 -10.05 15.39
N PHE A 60 69.82 -9.04 14.58
CA PHE A 60 68.92 -7.94 14.86
C PHE A 60 67.51 -8.41 15.25
N LEU A 61 66.94 -9.32 14.44
CA LEU A 61 65.61 -9.89 14.66
C LEU A 61 65.60 -10.70 15.97
N LEU A 62 66.64 -11.54 16.14
CA LEU A 62 66.77 -12.39 17.30
C LEU A 62 66.89 -11.60 18.62
N GLN A 63 67.76 -10.57 18.63
CA GLN A 63 67.96 -9.74 19.82
C GLN A 63 66.92 -8.62 20.01
N ARG A 64 67.02 -7.55 19.21
CA ARG A 64 66.22 -6.32 19.32
C ARG A 64 64.71 -6.44 19.58
N LYS A 65 64.31 -5.91 20.74
CA LYS A 65 62.95 -5.85 21.25
C LYS A 65 62.19 -4.79 20.43
N GLY A 66 60.88 -4.88 20.45
CA GLY A 66 60.04 -3.96 19.70
C GLY A 66 59.55 -4.55 18.40
N LEU A 67 60.04 -5.75 18.05
CA LEU A 67 59.58 -6.45 16.86
C LEU A 67 58.50 -7.49 17.20
N SER A 68 57.43 -7.51 16.41
CA SER A 68 56.33 -8.46 16.55
C SER A 68 56.86 -9.84 16.15
N ARG A 69 56.73 -10.86 17.02
CA ARG A 69 57.25 -12.20 16.72
C ARG A 69 56.50 -12.94 15.61
N GLN A 70 55.24 -12.53 15.35
CA GLN A 70 54.46 -13.08 14.22
C GLN A 70 55.05 -12.48 12.94
N MET A 71 55.36 -11.19 12.97
CA MET A 71 55.98 -10.56 11.82
C MET A 71 57.40 -11.05 11.57
N ILE A 72 58.17 -11.43 12.63
CA ILE A 72 59.51 -12.05 12.46
C ILE A 72 59.35 -13.33 11.64
N GLY A 73 58.33 -14.15 11.99
CA GLY A 73 57.99 -15.38 11.31
C GLY A 73 57.59 -15.15 9.87
N GLU A 74 56.78 -14.09 9.65
CA GLU A 74 56.33 -13.68 8.31
C GLU A 74 57.52 -13.42 7.40
N PHE A 75 58.48 -12.61 7.89
CA PHE A 75 59.68 -12.25 7.15
C PHE A 75 60.57 -13.45 6.89
N LEU A 76 60.87 -14.23 7.93
CA LEU A 76 61.73 -15.39 7.86
C LEU A 76 61.19 -16.51 6.95
N GLY A 77 59.88 -16.68 6.89
CA GLY A 77 59.29 -17.75 6.08
C GLY A 77 58.86 -17.32 4.70
N ASN A 78 59.47 -16.22 4.18
CA ASN A 78 59.13 -15.67 2.86
C ASN A 78 59.08 -16.64 1.67
N ARG A 79 60.08 -17.57 1.55
CA ARG A 79 60.19 -18.62 0.52
C ARG A 79 60.74 -18.12 -0.79
N GLN A 80 60.27 -16.95 -1.25
CA GLN A 80 60.66 -16.40 -2.55
C GLN A 80 61.80 -15.40 -2.56
N LYS A 81 62.03 -14.67 -1.44
CA LYS A 81 63.14 -13.72 -1.41
C LYS A 81 64.46 -14.33 -0.99
N GLN A 82 65.46 -14.19 -1.88
CA GLN A 82 66.78 -14.74 -1.64
C GLN A 82 67.44 -14.17 -0.42
N PHE A 83 67.16 -12.89 -0.07
CA PHE A 83 67.73 -12.31 1.14
C PHE A 83 67.14 -12.97 2.40
N ASN A 84 65.81 -13.12 2.43
CA ASN A 84 65.09 -13.71 3.56
C ASN A 84 65.54 -15.13 3.84
N ARG A 85 65.77 -15.91 2.78
CA ARG A 85 66.21 -17.30 2.87
C ARG A 85 67.55 -17.35 3.59
N ASP A 86 68.46 -16.44 3.22
CA ASP A 86 69.78 -16.34 3.84
C ASP A 86 69.68 -15.86 5.28
N VAL A 87 68.72 -14.96 5.57
CA VAL A 87 68.50 -14.47 6.94
C VAL A 87 68.06 -15.65 7.82
N LEU A 88 67.09 -16.45 7.31
CA LEU A 88 66.59 -17.63 8.02
C LEU A 88 67.68 -18.62 8.33
N ASP A 89 68.50 -18.97 7.31
CA ASP A 89 69.62 -19.89 7.48
C ASP A 89 70.57 -19.38 8.55
N CYS A 90 70.89 -18.06 8.59
CA CYS A 90 71.75 -17.49 9.62
C CYS A 90 71.11 -17.60 10.97
N VAL A 91 69.80 -17.31 11.04
CA VAL A 91 68.99 -17.37 12.26
C VAL A 91 69.09 -18.77 12.88
N VAL A 92 68.84 -19.81 12.04
CA VAL A 92 68.86 -21.20 12.46
C VAL A 92 70.25 -21.64 12.83
N ASP A 93 71.29 -21.14 12.13
CA ASP A 93 72.70 -21.46 12.42
C ASP A 93 73.20 -20.90 13.74
N GLU A 94 72.51 -19.90 14.29
CA GLU A 94 72.87 -19.34 15.59
C GLU A 94 72.37 -20.26 16.72
N MET A 95 71.43 -21.17 16.41
CA MET A 95 70.85 -22.09 17.38
C MET A 95 71.67 -23.35 17.52
N ASP A 96 71.83 -23.81 18.78
CA ASP A 96 72.54 -25.03 19.05
C ASP A 96 71.55 -26.11 19.50
N PHE A 97 71.28 -27.02 18.59
CA PHE A 97 70.33 -28.10 18.77
C PHE A 97 70.98 -29.43 19.18
N SER A 98 72.33 -29.47 19.20
CA SER A 98 73.08 -30.68 19.53
C SER A 98 72.65 -31.22 20.88
N THR A 99 72.42 -32.55 20.93
CA THR A 99 72.05 -33.30 22.14
C THR A 99 70.71 -32.88 22.77
N MET A 100 69.79 -32.36 21.96
CA MET A 100 68.43 -32.02 22.39
C MET A 100 67.53 -32.94 21.60
N GLU A 101 66.43 -33.40 22.22
CA GLU A 101 65.45 -34.20 21.48
C GLU A 101 64.67 -33.22 20.61
N LEU A 102 63.90 -33.72 19.65
CA LEU A 102 63.20 -32.88 18.69
C LEU A 102 62.27 -31.85 19.29
N ASP A 103 61.49 -32.23 20.33
CA ASP A 103 60.58 -31.27 20.95
C ASP A 103 61.32 -30.15 21.64
N GLU A 104 62.43 -30.48 22.35
CA GLU A 104 63.27 -29.52 23.08
C GLU A 104 63.88 -28.52 22.12
N ALA A 105 64.37 -29.01 20.96
CA ALA A 105 64.96 -28.18 19.93
C ALA A 105 63.88 -27.25 19.34
N LEU A 106 62.68 -27.79 19.06
CA LEU A 106 61.58 -27.02 18.49
C LEU A 106 61.07 -25.98 19.46
N ARG A 107 61.05 -26.29 20.77
CA ARG A 107 60.65 -25.35 21.80
C ARG A 107 61.56 -24.13 21.73
N LYS A 108 62.89 -24.35 21.61
CA LYS A 108 63.91 -23.31 21.53
C LYS A 108 63.70 -22.43 20.29
N PHE A 109 63.58 -23.06 19.12
CA PHE A 109 63.39 -22.39 17.85
C PHE A 109 62.11 -21.56 17.82
N GLN A 110 60.98 -22.21 18.15
CA GLN A 110 59.66 -21.60 18.12
C GLN A 110 59.41 -20.54 19.19
N ALA A 111 60.36 -20.39 20.16
CA ALA A 111 60.23 -19.34 21.17
C ALA A 111 60.66 -18.01 20.59
N HIS A 112 61.59 -17.99 19.64
CA HIS A 112 62.06 -16.73 19.09
C HIS A 112 61.24 -16.06 18.00
N ILE A 113 60.36 -16.83 17.37
CA ILE A 113 59.56 -16.48 16.21
C ILE A 113 58.19 -17.13 16.37
N ARG A 114 57.11 -16.52 15.85
CA ARG A 114 55.84 -17.21 15.91
C ARG A 114 55.71 -18.02 14.64
N VAL A 115 55.76 -19.35 14.87
CA VAL A 115 55.63 -20.41 13.87
C VAL A 115 54.14 -20.73 13.80
N GLN A 116 53.34 -19.76 13.36
CA GLN A 116 51.90 -19.99 13.22
C GLN A 116 51.28 -19.21 12.07
N GLY A 117 50.44 -19.90 11.31
CA GLY A 117 49.71 -19.25 10.23
C GLY A 117 49.61 -20.06 8.96
N LYS A 118 49.87 -19.37 7.82
CA LYS A 118 49.87 -19.87 6.44
C LYS A 118 50.71 -21.15 6.30
N ALA A 119 50.12 -22.20 5.69
CA ALA A 119 50.75 -23.52 5.51
C ALA A 119 52.15 -23.44 4.93
N GLN A 120 52.34 -22.61 3.89
CA GLN A 120 53.63 -22.44 3.22
C GLN A 120 54.67 -21.77 4.10
N LYS A 121 54.24 -20.86 4.98
CA LYS A 121 55.10 -20.14 5.91
C LYS A 121 55.60 -21.10 6.98
N VAL A 122 54.66 -21.86 7.58
CA VAL A 122 54.95 -22.85 8.62
C VAL A 122 55.94 -23.89 8.09
N GLU A 123 55.68 -24.42 6.88
CA GLU A 123 56.52 -25.40 6.23
C GLU A 123 57.96 -24.91 6.02
N ARG A 124 58.16 -23.64 5.53
CA ARG A 124 59.47 -23.05 5.26
C ARG A 124 60.28 -22.96 6.52
N LEU A 125 59.65 -22.47 7.60
CA LEU A 125 60.29 -22.44 8.91
C LEU A 125 60.01 -23.87 9.25
N ILE A 126 60.79 -24.55 10.02
CA ILE A 126 60.44 -25.98 10.21
C ILE A 126 61.18 -26.86 9.18
N GLU A 127 61.17 -26.54 7.87
CA GLU A 127 62.05 -27.27 6.94
C GLU A 127 63.51 -26.76 7.18
N ALA A 128 63.66 -25.45 7.40
CA ALA A 128 64.95 -24.84 7.73
C ALA A 128 65.43 -25.33 9.11
N PHE A 129 64.48 -25.43 10.04
CA PHE A 129 64.75 -25.95 11.37
C PHE A 129 65.19 -27.42 11.31
N SER A 130 64.45 -28.25 10.54
CA SER A 130 64.71 -29.69 10.40
C SER A 130 66.05 -29.96 9.77
N GLN A 131 66.46 -29.14 8.80
CA GLN A 131 67.78 -29.31 8.19
C GLN A 131 68.87 -29.08 9.25
N ARG A 132 68.71 -28.02 10.06
CA ARG A 132 69.66 -27.69 11.14
C ARG A 132 69.69 -28.75 12.22
N TYR A 133 68.51 -29.24 12.65
CA TYR A 133 68.46 -30.29 13.67
C TYR A 133 69.25 -31.51 13.22
N CYS A 134 69.05 -31.95 11.97
CA CYS A 134 69.76 -33.10 11.40
C CYS A 134 71.26 -32.91 11.34
N ILE A 135 71.72 -31.68 11.07
CA ILE A 135 73.15 -31.34 11.01
C ILE A 135 73.77 -31.45 12.42
N CYS A 136 73.05 -30.96 13.45
CA CYS A 136 73.48 -30.97 14.85
C CYS A 136 73.33 -32.31 15.52
N ASN A 137 72.51 -33.19 14.93
CA ASN A 137 72.22 -34.49 15.51
C ASN A 137 72.32 -35.55 14.43
N PRO A 138 73.53 -35.81 13.88
CA PRO A 138 73.67 -36.82 12.83
C PRO A 138 73.48 -38.26 13.31
N GLY A 139 73.65 -38.52 14.61
CA GLY A 139 73.47 -39.86 15.18
C GLY A 139 72.02 -40.30 15.23
N VAL A 140 71.11 -39.31 15.26
CA VAL A 140 69.67 -39.53 15.29
C VAL A 140 69.19 -39.86 13.88
N VAL A 141 69.67 -39.11 12.91
CA VAL A 141 69.32 -39.26 11.49
C VAL A 141 69.74 -40.61 10.91
N ARG A 142 70.78 -41.23 11.50
CA ARG A 142 71.26 -42.56 11.10
C ARG A 142 70.27 -43.67 11.46
N GLN A 143 69.50 -43.49 12.56
CA GLN A 143 68.52 -44.45 13.06
C GLN A 143 67.35 -44.61 12.11
N PHE A 144 66.84 -43.47 11.59
CA PHE A 144 65.66 -43.45 10.75
C PHE A 144 65.75 -44.19 9.42
N ARG A 145 66.78 -43.90 8.62
CA ARG A 145 66.94 -44.49 7.28
C ARG A 145 65.83 -43.97 6.32
N ASN A 146 65.61 -42.65 6.46
CA ASN A 146 64.78 -41.67 5.75
C ASN A 146 64.96 -40.33 6.48
N PRO A 147 65.70 -39.38 5.87
CA PRO A 147 65.95 -38.09 6.54
C PRO A 147 64.70 -37.19 6.75
N ASP A 148 63.71 -37.30 5.85
CA ASP A 148 62.42 -36.59 5.83
C ASP A 148 61.60 -36.93 7.06
N THR A 149 61.96 -38.02 7.75
CA THR A 149 61.31 -38.46 8.97
C THR A 149 61.37 -37.35 10.04
N ILE A 150 62.51 -36.62 10.16
CA ILE A 150 62.65 -35.53 11.13
C ILE A 150 61.71 -34.38 10.79
N PHE A 151 61.63 -34.04 9.51
CA PHE A 151 60.71 -33.02 9.04
C PHE A 151 59.25 -33.39 9.32
N ILE A 152 58.85 -34.65 8.99
CA ILE A 152 57.48 -35.15 9.20
C ILE A 152 57.16 -35.16 10.69
N LEU A 153 58.08 -35.67 11.52
CA LEU A 153 57.89 -35.72 12.97
C LEU A 153 57.77 -34.30 13.57
N ALA A 154 58.53 -33.33 13.03
CA ALA A 154 58.46 -31.95 13.48
C ALA A 154 57.04 -31.41 13.30
N PHE A 155 56.41 -31.75 12.17
CA PHE A 155 55.04 -31.34 11.93
C PHE A 155 54.05 -32.12 12.75
N ALA A 156 54.39 -33.36 13.13
CA ALA A 156 53.49 -34.15 13.95
C ALA A 156 53.44 -33.53 15.33
N ILE A 157 54.60 -32.98 15.78
CA ILE A 157 54.74 -32.33 17.08
C ILE A 157 53.95 -31.04 17.07
N ILE A 158 54.12 -30.25 15.99
CA ILE A 158 53.39 -28.99 15.79
C ILE A 158 51.89 -29.25 15.82
N LEU A 159 51.42 -30.24 15.03
CA LEU A 159 50.01 -30.63 14.95
C LEU A 159 49.45 -31.07 16.30
N LEU A 160 50.25 -31.81 17.08
CA LEU A 160 49.87 -32.26 18.41
C LEU A 160 49.66 -31.10 19.33
N ASN A 161 50.60 -30.14 19.30
CA ASN A 161 50.52 -28.93 20.11
C ASN A 161 49.17 -28.21 19.83
N THR A 162 48.83 -28.04 18.53
CA THR A 162 47.56 -27.47 18.13
C THR A 162 46.38 -28.31 18.64
N ASP A 163 46.42 -29.63 18.42
CA ASP A 163 45.32 -30.51 18.84
C ASP A 163 45.04 -30.42 20.35
N MET A 164 46.09 -30.51 21.19
CA MET A 164 45.97 -30.50 22.65
C MET A 164 45.58 -29.13 23.20
N TYR A 165 46.13 -28.05 22.62
CA TYR A 165 46.02 -26.71 23.17
C TYR A 165 45.04 -25.74 22.55
N SER A 166 44.55 -26.04 21.34
CA SER A 166 43.58 -25.16 20.68
C SER A 166 42.18 -25.49 21.19
N PRO A 167 41.45 -24.43 21.66
CA PRO A 167 40.10 -24.63 22.20
C PRO A 167 39.10 -25.07 21.14
N ASN A 168 39.39 -24.79 19.85
CA ASN A 168 38.56 -25.17 18.71
C ASN A 168 38.51 -26.69 18.52
N VAL A 169 39.43 -27.45 19.15
CA VAL A 169 39.42 -28.91 19.06
C VAL A 169 38.45 -29.46 20.11
N LYS A 170 38.40 -28.88 21.34
CA LYS A 170 37.49 -29.26 22.44
C LYS A 170 37.84 -30.65 23.01
N PRO A 171 37.97 -30.82 24.36
CA PRO A 171 38.31 -32.14 24.92
C PRO A 171 37.39 -33.27 24.50
N GLU A 172 37.68 -34.52 24.97
CA GLU A 172 36.91 -35.74 24.66
C GLU A 172 37.03 -36.12 23.16
N ARG A 173 37.92 -35.39 22.41
CA ARG A 173 38.24 -35.54 20.98
C ARG A 173 39.77 -35.25 20.73
N LYS A 174 40.46 -34.80 21.79
CA LYS A 174 41.90 -34.52 21.88
C LYS A 174 42.67 -35.83 21.69
N MET A 175 43.91 -35.73 21.19
CA MET A 175 44.75 -36.89 20.95
C MET A 175 45.30 -37.50 22.25
N LYS A 176 45.12 -38.82 22.41
CA LYS A 176 45.71 -39.61 23.49
C LYS A 176 47.15 -39.94 23.00
N LEU A 177 48.00 -40.47 23.88
CA LEU A 177 49.35 -40.92 23.53
C LEU A 177 49.26 -41.95 22.39
N GLU A 178 48.30 -42.87 22.48
CA GLU A 178 48.13 -43.89 21.46
C GLU A 178 47.68 -43.39 20.13
N ASP A 179 46.81 -42.37 20.11
CA ASP A 179 46.37 -41.75 18.85
C ASP A 179 47.59 -41.12 18.13
N PHE A 180 48.45 -40.41 18.90
CA PHE A 180 49.65 -39.77 18.39
C PHE A 180 50.61 -40.82 17.80
N ILE A 181 50.78 -41.94 18.53
CA ILE A 181 51.67 -43.02 18.12
C ILE A 181 51.15 -43.66 16.81
N LYS A 182 49.86 -44.04 16.77
CA LYS A 182 49.22 -44.70 15.61
C LYS A 182 49.14 -43.82 14.37
N ASN A 183 48.93 -42.52 14.57
CA ASN A 183 48.90 -41.57 13.46
C ASN A 183 50.21 -41.59 12.66
N LEU A 184 51.32 -41.92 13.32
CA LEU A 184 52.65 -41.92 12.70
C LEU A 184 53.17 -43.26 12.20
N ARG A 185 52.30 -44.26 12.23
CA ARG A 185 52.64 -45.60 11.74
C ARG A 185 53.06 -45.56 10.29
N GLY A 186 54.15 -46.27 10.00
CA GLY A 186 54.69 -46.39 8.65
C GLY A 186 55.41 -45.20 8.06
N VAL A 187 55.58 -44.13 8.84
CA VAL A 187 56.21 -42.88 8.38
C VAL A 187 57.69 -43.05 7.96
N ASP A 188 58.40 -43.94 8.63
CA ASP A 188 59.82 -44.18 8.41
C ASP A 188 60.06 -45.14 7.24
N ASP A 189 59.78 -44.68 6.00
CA ASP A 189 59.92 -45.50 4.77
C ASP A 189 59.22 -46.86 4.89
N GLY A 190 58.01 -46.85 5.43
CA GLY A 190 57.23 -48.07 5.61
C GLY A 190 57.24 -48.61 7.02
N GLU A 191 58.30 -48.30 7.78
CA GLU A 191 58.45 -48.75 9.17
C GLU A 191 58.02 -47.66 10.16
N ASP A 192 57.99 -48.03 11.43
CA ASP A 192 57.58 -47.12 12.48
C ASP A 192 58.74 -46.44 13.16
N ILE A 193 58.51 -45.23 13.68
CA ILE A 193 59.45 -44.50 14.53
C ILE A 193 59.37 -45.21 15.91
N PRO A 194 60.46 -45.27 16.74
CA PRO A 194 60.39 -45.94 18.05
C PRO A 194 59.23 -45.48 18.93
N ARG A 195 58.43 -46.42 19.46
CA ARG A 195 57.27 -46.10 20.30
C ARG A 195 57.63 -45.20 21.46
N GLU A 196 58.77 -45.49 22.14
CA GLU A 196 59.23 -44.76 23.33
C GLU A 196 59.66 -43.33 23.01
N MET A 197 60.20 -43.11 21.80
CA MET A 197 60.57 -41.79 21.31
C MET A 197 59.30 -40.96 21.17
N LEU A 198 58.29 -41.50 20.44
CA LEU A 198 56.99 -40.85 20.24
C LEU A 198 56.30 -40.55 21.56
N MET A 199 56.33 -41.51 22.51
CA MET A 199 55.73 -41.38 23.85
C MET A 199 56.33 -40.17 24.58
N GLY A 200 57.66 -40.10 24.54
CA GLY A 200 58.41 -39.03 25.18
C GLY A 200 58.03 -37.68 24.64
N ILE A 201 57.96 -37.58 23.29
CA ILE A 201 57.61 -36.36 22.58
C ILE A 201 56.21 -35.95 23.02
N TYR A 202 55.27 -36.93 22.99
CA TYR A 202 53.89 -36.71 23.40
C TYR A 202 53.80 -36.15 24.82
N GLU A 203 54.43 -36.85 25.77
CA GLU A 203 54.37 -36.45 27.18
C GLU A 203 54.99 -35.10 27.47
N ARG A 204 56.06 -34.75 26.74
CA ARG A 204 56.71 -33.43 26.88
C ARG A 204 55.77 -32.28 26.45
N ILE A 205 55.04 -32.45 25.33
CA ILE A 205 54.05 -31.47 24.82
C ILE A 205 52.88 -31.40 25.80
N ARG A 206 52.41 -32.56 26.28
CA ARG A 206 51.30 -32.62 27.23
C ARG A 206 51.61 -31.85 28.52
N LYS A 207 52.84 -32.02 29.02
CA LYS A 207 53.27 -31.36 30.24
C LYS A 207 53.49 -29.85 30.09
N ARG A 208 53.89 -29.37 28.89
CA ARG A 208 54.12 -27.94 28.62
C ARG A 208 53.82 -27.54 27.16
N GLU A 209 52.96 -26.53 26.98
CA GLU A 209 52.59 -26.03 25.65
C GLU A 209 53.74 -25.17 25.12
N LEU A 210 53.86 -25.18 23.78
CA LEU A 210 54.79 -24.37 22.98
C LEU A 210 54.05 -23.04 22.88
N LYS A 211 54.65 -21.96 23.40
CA LYS A 211 53.93 -20.69 23.46
C LYS A 211 54.60 -19.44 22.83
N THR A 212 55.89 -19.54 22.47
CA THR A 212 56.69 -18.39 21.97
C THR A 212 57.02 -17.52 23.20
N ASN A 213 57.76 -16.43 23.00
CA ASN A 213 58.15 -15.52 24.08
C ASN A 213 57.33 -14.24 24.03
N GLU A 214 57.17 -13.63 25.23
CA GLU A 214 56.45 -12.40 25.48
C GLU A 214 56.93 -11.36 24.50
N ASP A 215 55.98 -10.82 23.75
CA ASP A 215 56.14 -9.82 22.71
C ASP A 215 55.71 -8.47 23.27
N HIS A 216 55.94 -7.42 22.50
CA HIS A 216 55.49 -6.09 22.87
C HIS A 216 53.93 -6.10 22.72
N VAL A 217 53.41 -6.96 21.83
CA VAL A 217 51.99 -7.13 21.58
C VAL A 217 51.29 -7.96 22.69
N SER A 218 52.05 -8.82 23.44
CA SER A 218 51.54 -9.62 24.59
C SER A 218 50.82 -8.68 25.56
N GLN A 219 51.49 -7.54 25.90
CA GLN A 219 51.00 -6.48 26.76
C GLN A 219 49.70 -5.83 26.23
N VAL A 220 49.59 -5.62 24.90
CA VAL A 220 48.39 -5.02 24.27
C VAL A 220 47.20 -5.98 24.39
N GLN A 221 47.46 -7.29 24.24
CA GLN A 221 46.45 -8.34 24.36
C GLN A 221 45.96 -8.40 25.79
N LYS A 222 46.89 -8.24 26.75
CA LYS A 222 46.57 -8.21 28.17
C LYS A 222 45.59 -7.07 28.44
N VAL A 223 45.86 -5.87 27.89
CA VAL A 223 44.99 -4.69 28.05
C VAL A 223 43.62 -4.94 27.39
N GLU A 224 43.65 -5.35 26.08
CA GLU A 224 42.49 -5.55 25.21
C GLU A 224 41.40 -6.42 25.78
N LYS A 225 41.78 -7.36 26.64
CA LYS A 225 40.84 -8.29 27.28
C LYS A 225 40.12 -7.71 28.52
N LEU A 226 40.72 -6.67 29.13
CA LEU A 226 40.19 -5.96 30.29
C LEU A 226 39.11 -4.96 29.88
N ILE A 227 39.13 -4.54 28.60
CA ILE A 227 38.17 -3.59 28.03
C ILE A 227 36.89 -4.35 27.60
N VAL A 228 35.71 -3.72 27.83
CA VAL A 228 34.39 -4.24 27.43
C VAL A 228 33.53 -3.19 26.65
N GLY A 229 33.70 -3.14 25.33
CA GLY A 229 32.95 -2.22 24.46
C GLY A 229 33.74 -1.64 23.30
N LEU A 240 32.39 -3.62 20.23
CA LEU A 240 33.79 -4.00 20.46
C LEU A 240 34.56 -4.55 19.22
N GLY A 241 34.16 -4.05 18.03
CA GLY A 241 34.82 -4.35 16.76
C GLY A 241 35.94 -3.37 16.47
N CYS A 242 36.94 -3.30 17.38
CA CYS A 242 38.10 -2.40 17.31
C CYS A 242 39.42 -3.18 17.20
N VAL A 243 39.49 -4.36 17.87
CA VAL A 243 40.64 -5.29 17.91
C VAL A 243 42.04 -4.63 18.04
N LEU A 244 42.27 -3.98 19.18
CA LEU A 244 43.56 -3.35 19.38
C LEU A 244 44.50 -4.38 19.89
N SER A 245 45.33 -4.89 18.97
CA SER A 245 46.32 -5.92 19.22
C SER A 245 47.12 -6.09 17.99
N LEU A 246 47.05 -5.12 17.09
CA LEU A 246 47.73 -5.18 15.81
C LEU A 246 49.25 -5.29 15.98
N PRO A 247 49.93 -6.06 15.10
CA PRO A 247 51.39 -6.27 15.26
C PRO A 247 52.24 -5.04 15.57
N HIS A 248 51.97 -3.93 14.86
CA HIS A 248 52.67 -2.66 14.98
C HIS A 248 52.38 -1.93 16.27
N ARG A 249 51.16 -2.11 16.81
CA ARG A 249 50.69 -1.44 18.01
C ARG A 249 51.36 -1.87 19.32
N ARG A 250 51.95 -0.87 20.02
CA ARG A 250 52.66 -0.95 21.30
C ARG A 250 51.94 -0.01 22.31
N LEU A 251 51.81 -0.41 23.60
CA LEU A 251 51.16 0.44 24.59
C LEU A 251 52.18 1.36 25.26
N VAL A 252 52.13 2.66 24.94
CA VAL A 252 53.00 3.71 25.46
C VAL A 252 52.78 3.92 26.98
N CYS A 253 51.51 4.15 27.42
CA CYS A 253 51.15 4.34 28.82
C CYS A 253 49.65 4.34 29.15
N TYR A 254 49.33 4.11 30.43
CA TYR A 254 48.00 4.15 31.04
C TYR A 254 48.06 5.30 32.04
N CYS A 255 46.98 6.09 32.14
CA CYS A 255 46.92 7.25 33.02
C CYS A 255 45.47 7.60 33.31
N ARG A 256 45.14 7.90 34.59
CA ARG A 256 43.79 8.38 34.83
C ARG A 256 43.76 9.88 34.68
N LEU A 257 42.67 10.34 34.05
CA LEU A 257 42.37 11.72 33.78
C LEU A 257 40.88 11.89 33.91
N PHE A 258 40.46 13.08 34.29
CA PHE A 258 39.06 13.44 34.46
C PHE A 258 38.61 14.18 33.22
N GLU A 259 37.53 13.75 32.60
CA GLU A 259 37.04 14.35 31.37
C GLU A 259 36.25 15.63 31.64
N VAL A 260 36.57 16.67 30.87
CA VAL A 260 36.00 18.01 31.02
C VAL A 260 35.08 18.34 29.83
N PRO A 261 33.75 18.11 29.99
CA PRO A 261 32.83 18.44 28.88
C PRO A 261 32.84 19.94 28.56
N ASP A 262 32.84 20.79 29.59
CA ASP A 262 32.90 22.22 29.33
C ASP A 262 33.98 22.89 30.15
N PRO A 263 35.08 23.30 29.48
CA PRO A 263 36.16 23.99 30.20
C PRO A 263 35.75 25.35 30.77
N ASN A 264 34.71 25.96 30.17
CA ASN A 264 34.18 27.26 30.58
C ASN A 264 33.30 27.17 31.81
N LYS A 265 32.83 25.97 32.19
CA LYS A 265 31.98 25.78 33.38
C LYS A 265 32.74 24.93 34.41
N PRO A 266 32.47 25.04 35.73
CA PRO A 266 33.20 24.18 36.69
C PRO A 266 32.52 22.84 36.85
N GLN A 267 33.11 21.93 37.66
CA GLN A 267 32.56 20.60 37.97
C GLN A 267 33.14 19.99 39.27
N LYS A 268 32.47 18.95 39.82
CA LYS A 268 32.95 18.21 41.00
C LYS A 268 34.32 17.57 40.67
N LEU A 269 35.22 17.48 41.64
CA LEU A 269 36.57 16.96 41.45
C LEU A 269 36.74 15.61 40.77
N GLY A 270 36.27 14.54 41.40
CA GLY A 270 36.38 13.18 40.86
C GLY A 270 35.51 12.84 39.66
N LEU A 271 34.71 13.83 39.20
CA LEU A 271 33.77 13.71 38.09
C LEU A 271 34.41 13.34 36.78
N HIS A 272 33.69 12.47 36.04
CA HIS A 272 34.06 11.94 34.71
C HIS A 272 35.50 11.36 34.77
N GLN A 273 35.70 10.33 35.63
CA GLN A 273 36.99 9.68 35.80
C GLN A 273 37.26 8.69 34.66
N ARG A 274 38.06 9.13 33.70
CA ARG A 274 38.45 8.30 32.59
C ARG A 274 39.79 7.65 32.88
N GLU A 275 40.06 6.59 32.14
CA GLU A 275 41.26 5.78 32.18
C GLU A 275 41.76 5.76 30.75
N ILE A 276 42.91 6.41 30.55
CA ILE A 276 43.46 6.54 29.21
C ILE A 276 44.52 5.51 28.93
N PHE A 277 44.50 4.96 27.73
CA PHE A 277 45.54 4.07 27.27
C PHE A 277 46.07 4.67 25.98
N LEU A 278 47.38 4.93 25.97
CA LEU A 278 48.10 5.49 24.86
C LEU A 278 48.97 4.41 24.27
N PHE A 279 48.72 4.15 23.01
CA PHE A 279 49.38 3.22 22.13
C PHE A 279 50.13 4.11 21.17
N ASN A 280 51.15 3.57 20.49
CA ASN A 280 51.94 4.37 19.58
C ASN A 280 51.14 5.11 18.51
N ASP A 281 49.94 4.61 18.10
CA ASP A 281 49.12 5.25 17.07
C ASP A 281 47.71 5.62 17.48
N LEU A 282 47.31 5.34 18.72
CA LEU A 282 45.94 5.54 19.15
C LEU A 282 45.87 5.96 20.62
N LEU A 283 44.80 6.71 20.95
CA LEU A 283 44.46 7.06 22.33
C LEU A 283 43.10 6.47 22.63
N VAL A 284 43.04 5.59 23.62
CA VAL A 284 41.78 4.95 24.02
C VAL A 284 41.36 5.53 25.38
N VAL A 285 40.07 5.82 25.57
CA VAL A 285 39.52 6.42 26.79
C VAL A 285 38.48 5.47 27.34
N THR A 286 38.44 5.24 28.67
CA THR A 286 37.48 4.31 29.24
C THR A 286 36.94 4.80 30.56
N LYS A 287 35.68 4.53 30.87
CA LYS A 287 35.13 4.78 32.21
C LYS A 287 35.41 3.35 32.82
N ILE A 288 35.02 3.08 34.04
CA ILE A 288 35.30 1.77 34.63
C ILE A 288 34.05 0.88 34.64
N PHE A 289 34.20 -0.42 34.98
CA PHE A 289 33.06 -1.34 35.04
C PHE A 289 32.93 -2.03 36.39
N GLN A 290 33.98 -2.75 36.84
CA GLN A 290 33.96 -3.48 38.12
C GLN A 290 35.02 -3.09 39.16
N LYS A 291 34.61 -3.22 40.46
CA LYS A 291 35.37 -2.97 41.69
C LYS A 291 36.49 -4.03 41.80
N LYS A 292 36.11 -5.24 42.29
CA LYS A 292 36.86 -6.49 42.54
C LYS A 292 38.37 -6.48 42.88
N LYS A 293 38.74 -7.35 43.84
CA LYS A 293 40.11 -7.55 44.31
C LYS A 293 40.88 -8.34 43.24
N ASN A 294 41.93 -7.70 42.64
CA ASN A 294 42.85 -8.18 41.58
C ASN A 294 42.35 -7.94 40.13
N SER A 295 41.02 -8.07 39.91
CA SER A 295 40.32 -7.92 38.62
C SER A 295 39.61 -6.57 38.43
N VAL A 296 39.80 -5.98 37.25
CA VAL A 296 39.21 -4.70 36.87
C VAL A 296 38.83 -4.68 35.38
N THR A 297 37.63 -4.19 35.09
CA THR A 297 37.13 -4.07 33.72
C THR A 297 37.00 -2.62 33.31
N TYR A 298 37.23 -2.32 32.03
CA TYR A 298 37.16 -0.97 31.52
C TYR A 298 36.03 -0.82 30.52
N SER A 299 35.22 0.22 30.73
CA SER A 299 34.01 0.46 29.97
C SER A 299 34.13 0.79 28.46
N PHE A 300 35.25 1.40 28.00
CA PHE A 300 35.46 1.89 26.62
C PHE A 300 34.48 3.01 26.30
N ARG A 301 35.01 4.20 26.16
CA ARG A 301 34.20 5.34 25.89
C ARG A 301 34.44 5.72 24.42
N GLN A 302 35.69 6.11 24.08
CA GLN A 302 36.04 6.52 22.72
C GLN A 302 37.48 6.23 22.33
N SER A 303 37.75 6.21 21.01
CA SER A 303 39.07 5.94 20.44
C SER A 303 39.49 7.08 19.50
N PHE A 304 40.71 7.54 19.67
CA PHE A 304 41.23 8.64 18.87
C PHE A 304 42.51 8.28 18.18
N SER A 305 42.47 8.31 16.86
CA SER A 305 43.67 8.12 16.04
C SER A 305 44.55 9.37 16.28
N LEU A 306 45.86 9.23 16.37
CA LEU A 306 46.72 10.37 16.67
C LEU A 306 47.04 11.32 15.51
N TYR A 307 46.97 10.79 14.27
CA TYR A 307 47.28 11.57 13.07
C TYR A 307 46.45 12.86 13.00
N GLY A 308 47.15 13.98 12.81
CA GLY A 308 46.53 15.28 12.68
C GLY A 308 46.12 15.89 14.00
N MET A 309 46.37 15.19 15.12
CA MET A 309 45.99 15.72 16.43
C MET A 309 47.12 16.50 17.08
N GLN A 310 46.72 17.46 17.94
CA GLN A 310 47.60 18.31 18.72
C GLN A 310 47.14 18.25 20.17
N VAL A 311 48.05 18.62 21.07
CA VAL A 311 47.84 18.60 22.52
C VAL A 311 48.14 19.99 23.02
N LEU A 312 47.22 20.51 23.83
CA LEU A 312 47.24 21.85 24.39
C LEU A 312 47.08 21.82 25.90
N LEU A 313 47.94 22.49 26.63
CA LEU A 313 47.76 22.58 28.05
C LEU A 313 46.97 23.86 28.25
N PHE A 314 46.05 23.88 29.23
CA PHE A 314 45.27 25.06 29.59
C PHE A 314 45.05 25.11 31.08
N GLU A 315 45.01 26.31 31.62
CA GLU A 315 44.71 26.52 33.05
C GLU A 315 43.68 27.63 33.12
N ASN A 316 42.60 27.42 33.88
CA ASN A 316 41.61 28.47 34.07
C ASN A 316 41.19 28.57 35.56
N GLN A 317 40.14 29.36 35.85
CA GLN A 317 39.60 29.52 37.20
C GLN A 317 39.01 28.24 37.79
N TYR A 318 38.77 27.23 36.94
CA TYR A 318 38.16 25.96 37.34
C TYR A 318 39.08 24.76 37.21
N TYR A 319 39.92 24.72 36.18
CA TYR A 319 40.79 23.57 35.92
C TYR A 319 42.26 23.97 35.97
N PRO A 320 43.07 23.40 36.90
CA PRO A 320 44.48 23.77 36.96
C PRO A 320 45.40 22.99 36.03
N ASN A 321 45.24 21.67 35.94
CA ASN A 321 46.09 20.83 35.10
C ASN A 321 45.25 20.36 33.89
N GLY A 322 44.68 21.30 33.12
CA GLY A 322 43.87 20.97 31.95
C GLY A 322 44.66 20.64 30.71
N ILE A 323 44.09 19.82 29.83
CA ILE A 323 44.65 19.37 28.54
C ILE A 323 43.50 19.39 27.55
N ARG A 324 43.74 19.83 26.30
CA ARG A 324 42.74 19.83 25.23
C ARG A 324 43.36 19.16 24.00
N LEU A 325 42.70 18.11 23.51
CA LEU A 325 43.16 17.42 22.32
C LEU A 325 42.32 17.96 21.20
N THR A 326 42.97 18.39 20.11
CA THR A 326 42.29 18.99 18.96
C THR A 326 42.86 18.42 17.68
N SER A 327 42.03 18.17 16.68
CA SER A 327 42.46 17.65 15.40
C SER A 327 42.50 18.74 14.35
N SER A 328 43.56 18.73 13.55
CA SER A 328 43.73 19.64 12.43
C SER A 328 43.97 18.80 11.18
N VAL A 329 43.17 19.05 10.16
CA VAL A 329 43.19 18.35 8.86
C VAL A 329 43.27 19.39 7.71
N PRO A 330 43.80 19.06 6.51
CA PRO A 330 43.85 20.07 5.41
C PRO A 330 42.48 20.52 4.89
N GLY A 331 41.43 19.75 5.25
CA GLY A 331 40.04 20.06 4.93
C GLY A 331 39.49 21.06 5.94
N ALA A 332 38.45 20.65 6.71
CA ALA A 332 37.81 21.49 7.74
C ALA A 332 38.67 21.56 9.04
N ASP A 333 39.84 22.22 8.89
CA ASP A 333 40.89 22.44 9.89
C ASP A 333 40.39 22.89 11.25
N ILE A 334 41.04 22.34 12.31
CA ILE A 334 40.82 22.61 13.72
C ILE A 334 39.44 22.23 14.25
N LYS A 335 39.41 21.32 15.23
CA LYS A 335 38.19 20.82 15.86
C LYS A 335 38.61 20.25 17.21
N VAL A 336 37.79 20.45 18.27
CA VAL A 336 38.12 19.93 19.60
C VAL A 336 37.67 18.48 19.73
N LEU A 337 38.63 17.61 19.99
CA LEU A 337 38.38 16.20 20.16
C LEU A 337 37.80 15.90 21.54
N ILE A 338 38.53 16.28 22.61
CA ILE A 338 38.24 16.03 24.03
C ILE A 338 39.04 16.99 24.93
N ASN A 339 38.61 17.15 26.17
CA ASN A 339 39.22 18.02 27.17
C ASN A 339 39.39 17.21 28.45
N PHE A 340 40.52 17.38 29.13
CA PHE A 340 40.81 16.61 30.32
C PHE A 340 41.41 17.46 31.43
N ASN A 341 41.20 17.04 32.67
CA ASN A 341 41.88 17.65 33.80
C ASN A 341 42.77 16.56 34.45
N ALA A 342 44.10 16.79 34.56
CA ALA A 342 44.98 15.81 35.20
C ALA A 342 44.99 16.02 36.70
N PRO A 343 45.17 14.97 37.51
CA PRO A 343 45.13 15.17 38.97
C PRO A 343 46.24 16.06 39.53
N ASN A 344 47.41 16.04 38.88
CA ASN A 344 48.55 16.85 39.27
C ASN A 344 49.26 17.43 38.06
N PRO A 345 50.03 18.53 38.24
CA PRO A 345 50.80 19.06 37.12
C PRO A 345 51.77 18.00 36.58
N GLN A 346 52.34 17.16 37.46
CA GLN A 346 53.30 16.10 37.12
C GLN A 346 52.70 15.11 36.13
N ASP A 347 51.48 14.64 36.40
CA ASP A 347 50.80 13.69 35.53
C ASP A 347 50.48 14.31 34.19
N ARG A 348 50.00 15.60 34.22
CA ARG A 348 49.73 16.38 33.01
C ARG A 348 50.99 16.39 32.14
N LYS A 349 52.15 16.80 32.73
CA LYS A 349 53.42 16.90 32.01
C LYS A 349 53.81 15.58 31.40
N LYS A 350 53.74 14.51 32.20
CA LYS A 350 54.15 13.18 31.76
C LYS A 350 53.37 12.70 30.54
N PHE A 351 52.04 12.72 30.69
CA PHE A 351 51.10 12.29 29.68
C PHE A 351 51.26 13.14 28.40
N THR A 352 51.34 14.47 28.57
CA THR A 352 51.48 15.36 27.44
C THR A 352 52.76 15.12 26.68
N ASP A 353 53.88 14.87 27.39
CA ASP A 353 55.16 14.60 26.75
C ASP A 353 55.12 13.30 25.96
N ASP A 354 54.53 12.27 26.55
CA ASP A 354 54.37 10.98 25.87
C ASP A 354 53.49 11.07 24.67
N LEU A 355 52.35 11.78 24.81
CA LEU A 355 51.38 11.93 23.72
C LEU A 355 51.97 12.77 22.57
N ARG A 356 52.68 13.85 22.90
CA ARG A 356 53.34 14.68 21.91
C ARG A 356 54.35 13.87 21.09
N GLU A 357 55.16 13.05 21.77
CA GLU A 357 56.14 12.24 21.07
C GLU A 357 55.49 11.21 20.17
N SER A 358 54.39 10.62 20.64
CA SER A 358 53.63 9.64 19.89
C SER A 358 53.09 10.27 18.60
N ILE A 359 52.55 11.48 18.68
CA ILE A 359 51.98 12.21 17.53
C ILE A 359 53.01 12.46 16.45
N ALA A 360 54.20 12.90 16.88
CA ALA A 360 55.30 13.19 15.99
C ALA A 360 55.72 11.88 15.28
N GLU A 361 55.79 10.77 16.04
CA GLU A 361 56.12 9.46 15.52
C GLU A 361 55.11 9.09 14.43
N VAL A 362 53.79 9.24 14.70
CA VAL A 362 52.69 8.99 13.77
C VAL A 362 52.76 9.92 12.53
N GLN A 363 53.16 11.20 12.74
CA GLN A 363 53.30 12.20 11.67
C GLN A 363 54.33 11.79 10.65
N GLU A 364 55.59 11.55 11.09
CA GLU A 364 56.69 11.14 10.20
C GLU A 364 56.42 9.81 9.53
N MET A 365 55.71 8.89 10.23
CA MET A 365 55.28 7.58 9.72
C MET A 365 54.33 7.72 8.52
N GLU A 366 53.56 8.82 8.48
CA GLU A 366 52.65 9.13 7.40
C GLU A 366 53.39 9.88 6.29
N LYS A 367 54.18 10.94 6.64
CA LYS A 367 54.98 11.76 5.71
C LYS A 367 55.77 10.85 4.75
N HIS A 368 56.30 9.73 5.30
CA HIS A 368 57.03 8.69 4.59
C HIS A 368 56.08 7.91 3.69
N ARG A 369 54.96 7.42 4.26
CA ARG A 369 53.97 6.63 3.55
C ARG A 369 53.48 7.38 2.32
N ILE A 370 53.15 8.68 2.48
CA ILE A 370 52.69 9.52 1.38
C ILE A 370 53.76 9.67 0.27
N GLU A 371 55.06 9.67 0.65
CA GLU A 371 56.18 9.77 -0.30
C GLU A 371 56.42 8.43 -1.00
N SER A 372 56.42 7.31 -0.22
CA SER A 372 56.60 5.95 -0.72
C SER A 372 55.58 5.63 -1.83
N GLU A 373 54.34 6.13 -1.67
CA GLU A 373 53.23 5.93 -2.60
C GLU A 373 53.28 6.88 -3.79
N LEU A 374 53.82 8.10 -3.58
CA LEU A 374 53.96 9.13 -4.62
C LEU A 374 55.04 8.74 -5.65
N GLU A 375 55.93 7.79 -5.26
CA GLU A 375 56.99 7.22 -6.10
C GLU A 375 56.47 6.01 -6.85
N LYS A 376 55.63 5.17 -6.18
CA LYS A 376 54.95 3.99 -6.75
C LYS A 376 54.09 4.41 -7.95
N GLN A 377 53.54 5.64 -7.92
CA GLN A 377 52.75 6.25 -8.98
C GLN A 377 53.67 7.08 -9.89
N SER B 13 -40.86 -40.84 -5.41
CA SER B 13 -39.72 -40.90 -4.51
C SER B 13 -39.76 -39.85 -3.34
N PRO B 14 -40.02 -38.51 -3.53
CA PRO B 14 -40.11 -37.61 -2.34
C PRO B 14 -41.46 -37.70 -1.64
N ALA B 15 -41.65 -36.99 -0.51
CA ALA B 15 -42.94 -37.00 0.20
C ALA B 15 -43.88 -35.88 -0.34
N PHE B 16 -44.61 -35.10 0.54
CA PHE B 16 -45.54 -34.03 0.09
C PHE B 16 -44.81 -32.89 -0.70
N SER B 17 -44.95 -32.94 -2.07
CA SER B 17 -44.30 -32.12 -3.10
C SER B 17 -42.81 -32.28 -2.84
N ASN B 18 -42.29 -31.48 -1.88
CA ASN B 18 -40.94 -31.60 -1.41
C ASN B 18 -40.74 -31.52 0.12
N ASP B 19 -40.21 -32.64 0.54
CA ASP B 19 -39.90 -33.26 1.79
C ASP B 19 -38.57 -32.78 2.39
N VAL B 20 -38.55 -32.59 3.70
CA VAL B 20 -37.35 -32.17 4.43
C VAL B 20 -36.16 -33.14 4.24
N ILE B 21 -36.41 -34.44 4.42
CA ILE B 21 -35.38 -35.48 4.26
C ILE B 21 -34.83 -35.60 2.81
N ARG B 22 -35.72 -35.62 1.82
CA ARG B 22 -35.34 -35.69 0.41
C ARG B 22 -34.53 -34.47 -0.01
N LYS B 23 -34.96 -33.28 0.38
CA LYS B 23 -34.24 -32.03 0.09
C LYS B 23 -32.86 -32.09 0.74
N ARG B 24 -32.78 -32.65 1.98
CA ARG B 24 -31.51 -32.82 2.71
C ARG B 24 -30.58 -33.78 1.92
N HIS B 25 -31.15 -34.89 1.40
CA HIS B 25 -30.40 -35.86 0.60
C HIS B 25 -29.91 -35.29 -0.70
N TYR B 26 -30.75 -34.49 -1.37
CA TYR B 26 -30.37 -33.80 -2.60
C TYR B 26 -29.18 -32.83 -2.31
N ARG B 27 -29.29 -32.02 -1.22
CA ARG B 27 -28.26 -31.09 -0.79
C ARG B 27 -26.98 -31.89 -0.44
N ILE B 28 -27.13 -33.11 0.14
CA ILE B 28 -26.01 -34.00 0.47
C ILE B 28 -25.26 -34.43 -0.80
N GLY B 29 -26.02 -34.78 -1.84
CA GLY B 29 -25.43 -35.11 -3.14
C GLY B 29 -24.59 -33.99 -3.71
N LEU B 30 -25.12 -32.78 -3.66
CA LEU B 30 -24.44 -31.59 -4.14
C LEU B 30 -23.19 -31.33 -3.32
N ASN B 31 -23.26 -31.53 -1.98
CA ASN B 31 -22.11 -31.35 -1.08
C ASN B 31 -21.02 -32.32 -1.42
N LEU B 32 -21.39 -33.58 -1.71
CA LEU B 32 -20.46 -34.62 -2.11
C LEU B 32 -19.80 -34.31 -3.43
N PHE B 33 -20.55 -33.76 -4.39
CA PHE B 33 -20.03 -33.40 -5.71
C PHE B 33 -18.95 -32.38 -5.58
N ASN B 34 -19.21 -31.34 -4.79
CA ASN B 34 -18.31 -30.22 -4.61
C ASN B 34 -17.02 -30.61 -3.90
N LYS B 35 -17.00 -31.76 -3.22
CA LYS B 35 -15.79 -32.29 -2.61
C LYS B 35 -15.12 -33.28 -3.56
N LYS B 36 -15.90 -34.19 -4.20
CA LYS B 36 -15.45 -35.23 -5.14
C LYS B 36 -16.52 -35.40 -6.26
N PRO B 37 -16.31 -34.86 -7.47
CA PRO B 37 -17.37 -34.88 -8.50
C PRO B 37 -17.82 -36.25 -8.98
N GLU B 38 -16.90 -37.19 -9.05
CA GLU B 38 -17.22 -38.52 -9.51
C GLU B 38 -18.13 -39.23 -8.47
N LYS B 39 -17.83 -38.97 -7.17
CA LYS B 39 -18.59 -39.50 -6.03
C LYS B 39 -19.96 -38.85 -5.89
N GLY B 40 -20.02 -37.54 -6.11
CA GLY B 40 -21.26 -36.79 -6.04
C GLY B 40 -22.22 -37.22 -7.11
N VAL B 41 -21.73 -37.42 -8.34
CA VAL B 41 -22.56 -37.87 -9.45
C VAL B 41 -23.14 -39.25 -9.21
N GLN B 42 -22.29 -40.17 -8.75
CA GLN B 42 -22.73 -41.52 -8.45
C GLN B 42 -23.85 -41.51 -7.42
N TYR B 43 -23.68 -40.71 -6.36
CA TYR B 43 -24.65 -40.54 -5.27
C TYR B 43 -25.99 -40.06 -5.78
N LEU B 44 -25.99 -39.00 -6.63
CA LEU B 44 -27.20 -38.41 -7.20
C LEU B 44 -27.95 -39.36 -8.09
N ILE B 45 -27.21 -40.13 -8.91
CA ILE B 45 -27.80 -41.15 -9.75
C ILE B 45 -28.46 -42.23 -8.88
N GLU B 46 -27.73 -42.75 -7.89
CA GLU B 46 -28.23 -43.80 -7.00
C GLU B 46 -29.46 -43.37 -6.21
N ARG B 47 -29.55 -42.08 -5.89
CA ARG B 47 -30.69 -41.55 -5.13
C ARG B 47 -31.80 -40.98 -5.99
N GLY B 48 -31.74 -41.28 -7.28
CA GLY B 48 -32.74 -40.88 -8.24
C GLY B 48 -32.94 -39.39 -8.39
N PHE B 49 -31.85 -38.63 -8.27
CA PHE B 49 -31.96 -37.20 -8.45
C PHE B 49 -31.47 -36.77 -9.80
N VAL B 50 -30.74 -37.67 -10.46
CA VAL B 50 -30.11 -37.50 -11.78
C VAL B 50 -30.26 -38.83 -12.55
N PRO B 51 -30.72 -38.78 -13.84
CA PRO B 51 -30.77 -40.03 -14.63
C PRO B 51 -29.35 -40.45 -15.05
N ASP B 52 -29.13 -41.74 -15.36
CA ASP B 52 -27.82 -42.31 -15.62
C ASP B 52 -27.18 -42.02 -16.98
N THR B 53 -27.88 -41.36 -17.88
CA THR B 53 -27.33 -41.09 -19.19
C THR B 53 -26.38 -39.89 -19.16
N PRO B 54 -25.35 -39.90 -20.03
CA PRO B 54 -24.43 -38.75 -20.15
C PRO B 54 -25.15 -37.44 -20.46
N VAL B 55 -26.25 -37.51 -21.27
CA VAL B 55 -27.06 -36.34 -21.65
C VAL B 55 -27.79 -35.75 -20.45
N GLY B 56 -28.24 -36.63 -19.57
CA GLY B 56 -29.00 -36.27 -18.38
C GLY B 56 -28.12 -35.58 -17.38
N VAL B 57 -26.89 -36.11 -17.22
CA VAL B 57 -25.88 -35.57 -16.29
C VAL B 57 -25.40 -34.23 -16.83
N ALA B 58 -25.25 -34.12 -18.17
CA ALA B 58 -24.82 -32.89 -18.84
C ALA B 58 -25.80 -31.74 -18.57
N HIS B 59 -27.10 -32.04 -18.74
CA HIS B 59 -28.19 -31.11 -18.50
C HIS B 59 -28.18 -30.67 -17.06
N PHE B 60 -28.06 -31.64 -16.14
CA PHE B 60 -28.04 -31.46 -14.70
C PHE B 60 -26.97 -30.47 -14.27
N LEU B 61 -25.72 -30.66 -14.75
CA LEU B 61 -24.58 -29.80 -14.44
C LEU B 61 -24.83 -28.39 -14.97
N LEU B 62 -25.31 -28.31 -16.22
CA LEU B 62 -25.58 -27.05 -16.89
C LEU B 62 -26.67 -26.21 -16.22
N GLN B 63 -27.79 -26.86 -15.86
CA GLN B 63 -28.92 -26.20 -15.21
C GLN B 63 -28.76 -26.04 -13.71
N ARG B 64 -28.94 -27.15 -12.95
CA ARG B 64 -28.97 -27.20 -11.48
C ARG B 64 -27.89 -26.41 -10.70
N LYS B 65 -28.38 -25.41 -9.97
CA LYS B 65 -27.62 -24.51 -9.11
C LYS B 65 -27.16 -25.30 -7.89
N GLY B 66 -26.17 -24.77 -7.22
CA GLY B 66 -25.65 -25.44 -6.04
C GLY B 66 -24.38 -26.19 -6.33
N LEU B 67 -23.99 -26.27 -7.62
CA LEU B 67 -22.75 -26.92 -8.01
C LEU B 67 -21.64 -25.89 -8.21
N SER B 68 -20.46 -26.17 -7.67
CA SER B 68 -19.26 -25.35 -7.80
C SER B 68 -18.81 -25.44 -9.29
N ARG B 69 -18.68 -24.29 -10.01
CA ARG B 69 -18.27 -24.29 -11.42
C ARG B 69 -16.83 -24.73 -11.68
N GLN B 70 -15.96 -24.61 -10.64
CA GLN B 70 -14.57 -25.10 -10.70
C GLN B 70 -14.67 -26.63 -10.73
N MET B 71 -15.53 -27.20 -9.84
CA MET B 71 -15.75 -28.63 -9.75
C MET B 71 -16.42 -29.17 -10.99
N ILE B 72 -17.33 -28.39 -11.64
CA ILE B 72 -17.93 -28.81 -12.91
C ILE B 72 -16.81 -29.04 -13.94
N GLY B 73 -15.85 -28.12 -14.00
CA GLY B 73 -14.69 -28.21 -14.87
C GLY B 73 -13.81 -29.40 -14.55
N GLU B 74 -13.60 -29.68 -13.23
CA GLU B 74 -12.81 -30.82 -12.75
C GLU B 74 -13.42 -32.11 -13.23
N PHE B 75 -14.74 -32.25 -13.12
CA PHE B 75 -15.46 -33.43 -13.57
C PHE B 75 -15.42 -33.59 -15.09
N LEU B 76 -15.78 -32.52 -15.82
CA LEU B 76 -15.84 -32.51 -17.27
C LEU B 76 -14.48 -32.69 -17.94
N GLY B 77 -13.40 -32.25 -17.30
CA GLY B 77 -12.06 -32.38 -17.89
C GLY B 77 -11.34 -33.68 -17.61
N ASN B 78 -12.05 -34.67 -17.01
CA ASN B 78 -11.49 -35.93 -16.56
C ASN B 78 -10.73 -36.82 -17.53
N ARG B 79 -10.72 -36.54 -18.85
CA ARG B 79 -9.96 -37.30 -19.89
C ARG B 79 -9.85 -38.86 -19.80
N GLN B 80 -9.71 -39.43 -18.59
CA GLN B 80 -9.60 -40.86 -18.38
C GLN B 80 -10.93 -41.57 -18.18
N LYS B 81 -11.94 -40.89 -17.59
CA LYS B 81 -13.23 -41.58 -17.45
C LYS B 81 -14.12 -41.49 -18.69
N GLN B 82 -14.48 -42.67 -19.21
CA GLN B 82 -15.31 -42.73 -20.40
C GLN B 82 -16.65 -42.09 -20.21
N PHE B 83 -17.21 -42.12 -19.00
CA PHE B 83 -18.49 -41.46 -18.75
C PHE B 83 -18.37 -39.95 -18.85
N ASN B 84 -17.34 -39.38 -18.21
CA ASN B 84 -17.07 -37.95 -18.18
C ASN B 84 -16.87 -37.39 -19.57
N ARG B 85 -16.15 -38.14 -20.44
CA ARG B 85 -15.87 -37.74 -21.82
C ARG B 85 -17.19 -37.58 -22.57
N ASP B 86 -18.11 -38.53 -22.38
CA ASP B 86 -19.44 -38.50 -22.99
C ASP B 86 -20.29 -37.37 -22.43
N VAL B 87 -20.14 -37.08 -21.12
CA VAL B 87 -20.87 -35.98 -20.47
C VAL B 87 -20.42 -34.66 -21.11
N LEU B 88 -19.10 -34.49 -21.26
CA LEU B 88 -18.50 -33.29 -21.86
C LEU B 88 -19.02 -33.08 -23.27
N ASP B 89 -19.00 -34.15 -24.11
CA ASP B 89 -19.49 -34.08 -25.49
C ASP B 89 -20.96 -33.64 -25.52
N CYS B 90 -21.80 -34.17 -24.61
CA CYS B 90 -23.20 -33.75 -24.54
C CYS B 90 -23.31 -32.30 -24.13
N VAL B 91 -22.47 -31.89 -23.16
CA VAL B 91 -22.43 -30.53 -22.62
C VAL B 91 -22.16 -29.55 -23.76
N VAL B 92 -21.10 -29.84 -24.54
CA VAL B 92 -20.68 -29.01 -25.66
C VAL B 92 -21.70 -29.01 -26.76
N ASP B 93 -22.39 -30.16 -27.00
CA ASP B 93 -23.43 -30.27 -28.03
C ASP B 93 -24.67 -29.44 -27.72
N GLU B 94 -24.85 -29.05 -26.45
CA GLU B 94 -25.98 -28.21 -26.06
C GLU B 94 -25.72 -26.73 -26.42
N MET B 95 -24.44 -26.39 -26.70
CA MET B 95 -24.02 -25.05 -27.04
C MET B 95 -24.15 -24.78 -28.52
N ASP B 96 -24.56 -23.54 -28.82
CA ASP B 96 -24.85 -22.95 -30.12
C ASP B 96 -23.71 -22.01 -30.53
N PHE B 97 -22.70 -22.53 -31.25
CA PHE B 97 -21.51 -21.74 -31.64
C PHE B 97 -21.58 -21.20 -33.07
N SER B 98 -22.59 -21.63 -33.83
CA SER B 98 -22.73 -21.21 -35.22
C SER B 98 -22.77 -19.69 -35.34
N THR B 99 -22.03 -19.15 -36.30
CA THR B 99 -21.98 -17.71 -36.60
C THR B 99 -21.37 -16.84 -35.49
N MET B 100 -20.57 -17.45 -34.61
CA MET B 100 -19.87 -16.69 -33.57
C MET B 100 -18.39 -16.77 -33.91
N GLU B 101 -17.64 -15.71 -33.57
CA GLU B 101 -16.19 -15.75 -33.75
C GLU B 101 -15.66 -16.56 -32.56
N LEU B 102 -14.41 -17.01 -32.64
CA LEU B 102 -13.82 -17.88 -31.63
C LEU B 102 -13.87 -17.35 -30.20
N ASP B 103 -13.60 -16.05 -30.01
CA ASP B 103 -13.63 -15.49 -28.65
C ASP B 103 -15.03 -15.48 -28.08
N GLU B 104 -16.04 -15.14 -28.92
CA GLU B 104 -17.45 -15.07 -28.54
C GLU B 104 -17.95 -16.43 -28.13
N ALA B 105 -17.57 -17.46 -28.92
CA ALA B 105 -17.93 -18.84 -28.63
C ALA B 105 -17.28 -19.30 -27.29
N LEU B 106 -15.99 -18.96 -27.11
CA LEU B 106 -15.27 -19.33 -25.90
C LEU B 106 -15.82 -18.63 -24.66
N ARG B 107 -16.27 -17.36 -24.81
CA ARG B 107 -16.87 -16.61 -23.73
C ARG B 107 -18.08 -17.37 -23.24
N LYS B 108 -18.92 -17.87 -24.17
CA LYS B 108 -20.15 -18.62 -23.88
C LYS B 108 -19.83 -19.92 -23.15
N PHE B 109 -18.89 -20.71 -23.68
CA PHE B 109 -18.48 -21.98 -23.11
C PHE B 109 -17.88 -21.82 -21.71
N GLN B 110 -16.93 -20.92 -21.57
CA GLN B 110 -16.22 -20.69 -20.31
C GLN B 110 -17.07 -20.02 -19.25
N ALA B 111 -18.30 -19.61 -19.60
CA ALA B 111 -19.18 -19.03 -18.60
C ALA B 111 -19.84 -20.13 -17.77
N HIS B 112 -20.09 -21.29 -18.38
CA HIS B 112 -20.77 -22.37 -17.68
C HIS B 112 -19.96 -23.29 -16.76
N ILE B 113 -18.64 -23.24 -16.88
CA ILE B 113 -17.66 -24.08 -16.21
C ILE B 113 -16.43 -23.23 -15.94
N ARG B 114 -15.67 -23.53 -14.89
CA ARG B 114 -14.45 -22.77 -14.71
C ARG B 114 -13.36 -23.56 -15.38
N VAL B 115 -12.87 -22.92 -16.47
CA VAL B 115 -11.80 -23.37 -17.37
C VAL B 115 -10.53 -22.79 -16.78
N GLN B 116 -10.17 -23.22 -15.56
CA GLN B 116 -8.97 -22.75 -14.91
C GLN B 116 -8.31 -23.78 -14.02
N GLY B 117 -6.99 -23.89 -14.14
CA GLY B 117 -6.20 -24.76 -13.30
C GLY B 117 -5.12 -25.53 -14.05
N LYS B 118 -5.07 -26.84 -13.79
CA LYS B 118 -4.18 -27.84 -14.38
C LYS B 118 -4.26 -27.82 -15.93
N ALA B 119 -3.08 -27.73 -16.60
CA ALA B 119 -2.99 -27.66 -18.06
C ALA B 119 -3.72 -28.78 -18.75
N GLN B 120 -3.64 -30.03 -18.21
CA GLN B 120 -4.33 -31.20 -18.78
C GLN B 120 -5.84 -31.10 -18.71
N LYS B 121 -6.37 -30.46 -17.67
CA LYS B 121 -7.80 -30.25 -17.45
C LYS B 121 -8.32 -29.22 -18.46
N VAL B 122 -7.60 -28.08 -18.57
CA VAL B 122 -7.91 -26.99 -19.48
C VAL B 122 -7.85 -27.48 -20.93
N GLU B 123 -6.83 -28.30 -21.27
CA GLU B 123 -6.67 -28.91 -22.58
C GLU B 123 -7.85 -29.76 -23.00
N ARG B 124 -8.33 -30.67 -22.10
CA ARG B 124 -9.46 -31.56 -22.38
C ARG B 124 -10.73 -30.80 -22.65
N LEU B 125 -11.01 -29.79 -21.83
CA LEU B 125 -12.13 -28.90 -22.12
C LEU B 125 -11.39 -28.09 -23.18
N ILE B 126 -12.00 -27.26 -23.98
CA ILE B 126 -11.12 -26.60 -24.99
C ILE B 126 -10.77 -27.53 -26.19
N GLU B 127 -10.30 -28.77 -26.01
CA GLU B 127 -10.20 -29.68 -27.17
C GLU B 127 -11.64 -30.08 -27.58
N ALA B 128 -12.51 -30.37 -26.57
CA ALA B 128 -13.92 -30.68 -26.77
C ALA B 128 -14.68 -29.48 -27.31
N PHE B 129 -14.33 -28.30 -26.81
CA PHE B 129 -14.89 -27.06 -27.28
C PHE B 129 -14.52 -26.80 -28.77
N SER B 130 -13.21 -26.96 -29.09
CA SER B 130 -12.67 -26.72 -30.42
C SER B 130 -13.28 -27.64 -31.44
N GLN B 131 -13.53 -28.90 -31.07
CA GLN B 131 -14.18 -29.84 -31.99
C GLN B 131 -15.57 -29.33 -32.35
N ARG B 132 -16.32 -28.87 -31.32
CA ARG B 132 -17.67 -28.35 -31.49
C ARG B 132 -17.71 -27.09 -32.31
N TYR B 133 -16.78 -26.15 -32.01
CA TYR B 133 -16.73 -24.90 -32.79
C TYR B 133 -16.53 -25.20 -34.29
N CYS B 134 -15.59 -26.09 -34.61
CA CYS B 134 -15.33 -26.48 -35.99
C CYS B 134 -16.53 -27.13 -36.68
N ILE B 135 -17.34 -27.90 -35.94
CA ILE B 135 -18.54 -28.54 -36.47
C ILE B 135 -19.60 -27.48 -36.80
N CYS B 136 -19.75 -26.47 -35.93
CA CYS B 136 -20.71 -25.38 -36.08
C CYS B 136 -20.28 -24.32 -37.06
N ASN B 137 -18.99 -24.29 -37.38
CA ASN B 137 -18.44 -23.27 -38.25
C ASN B 137 -17.50 -23.92 -39.25
N PRO B 138 -18.05 -24.76 -40.18
CA PRO B 138 -17.16 -25.44 -41.16
C PRO B 138 -16.55 -24.53 -42.20
N GLY B 139 -17.16 -23.37 -42.48
CA GLY B 139 -16.63 -22.40 -43.44
C GLY B 139 -15.38 -21.68 -42.95
N VAL B 140 -15.22 -21.61 -41.63
CA VAL B 140 -14.07 -21.00 -40.96
C VAL B 140 -12.89 -21.97 -41.02
N VAL B 141 -13.14 -23.24 -40.71
CA VAL B 141 -12.13 -24.29 -40.73
C VAL B 141 -11.52 -24.54 -42.12
N ARG B 142 -12.26 -24.20 -43.19
CA ARG B 142 -11.79 -24.31 -44.57
C ARG B 142 -10.69 -23.26 -44.90
N GLN B 143 -10.74 -22.08 -44.23
CA GLN B 143 -9.77 -20.98 -44.39
C GLN B 143 -8.39 -21.41 -43.92
N PHE B 144 -8.37 -22.38 -43.01
CA PHE B 144 -7.16 -22.91 -42.43
C PHE B 144 -6.58 -24.11 -43.11
N ARG B 145 -5.25 -24.04 -43.32
CA ARG B 145 -4.36 -25.06 -43.87
C ARG B 145 -4.29 -26.26 -42.89
N ASN B 146 -4.77 -26.09 -41.65
CA ASN B 146 -4.79 -27.11 -40.60
C ASN B 146 -5.98 -26.94 -39.65
N PRO B 147 -6.75 -28.01 -39.35
CA PRO B 147 -7.89 -27.88 -38.42
C PRO B 147 -7.51 -27.58 -36.95
N ASP B 148 -6.32 -28.06 -36.49
CA ASP B 148 -5.73 -27.89 -35.14
C ASP B 148 -5.45 -26.42 -34.85
N THR B 149 -5.52 -25.58 -35.91
CA THR B 149 -5.33 -24.13 -35.79
C THR B 149 -6.43 -23.51 -34.91
N ILE B 150 -7.65 -24.06 -34.91
CA ILE B 150 -8.70 -23.57 -34.03
C ILE B 150 -8.39 -23.91 -32.58
N PHE B 151 -7.90 -25.12 -32.34
CA PHE B 151 -7.51 -25.54 -31.00
C PHE B 151 -6.37 -24.67 -30.47
N ILE B 152 -5.32 -24.46 -31.28
CA ILE B 152 -4.15 -23.65 -30.91
C ILE B 152 -4.58 -22.21 -30.62
N LEU B 153 -5.41 -21.64 -31.51
CA LEU B 153 -5.89 -20.27 -31.34
C LEU B 153 -6.77 -20.13 -30.08
N ALA B 154 -7.56 -21.16 -29.77
CA ALA B 154 -8.37 -21.16 -28.56
C ALA B 154 -7.47 -21.00 -27.32
N PHE B 155 -6.34 -21.70 -27.30
CA PHE B 155 -5.41 -21.57 -26.21
C PHE B 155 -4.65 -20.27 -26.26
N ALA B 156 -4.49 -19.66 -27.45
CA ALA B 156 -3.79 -18.38 -27.52
C ALA B 156 -4.69 -17.33 -26.89
N ILE B 157 -6.01 -17.47 -27.07
CA ILE B 157 -7.00 -16.58 -26.52
C ILE B 157 -7.02 -16.72 -25.00
N ILE B 158 -7.06 -17.98 -24.52
CA ILE B 158 -7.01 -18.31 -23.08
C ILE B 158 -5.74 -17.72 -22.46
N LEU B 159 -4.56 -17.94 -23.08
CA LEU B 159 -3.28 -17.43 -22.61
C LEU B 159 -3.25 -15.90 -22.55
N LEU B 160 -3.88 -15.25 -23.56
CA LEU B 160 -3.97 -13.79 -23.61
C LEU B 160 -4.80 -13.27 -22.46
N ASN B 161 -5.93 -13.92 -22.20
CA ASN B 161 -6.80 -13.56 -21.08
C ASN B 161 -6.00 -13.56 -19.77
N THR B 162 -5.22 -14.65 -19.54
CA THR B 162 -4.33 -14.74 -18.38
C THR B 162 -3.27 -13.61 -18.39
N ASP B 163 -2.58 -13.42 -19.53
CA ASP B 163 -1.54 -12.40 -19.62
C ASP B 163 -2.04 -10.99 -19.29
N MET B 164 -3.18 -10.60 -19.90
CA MET B 164 -3.76 -9.27 -19.72
C MET B 164 -4.33 -9.07 -18.33
N TYR B 165 -4.93 -10.10 -17.76
CA TYR B 165 -5.69 -9.92 -16.53
C TYR B 165 -5.15 -10.47 -15.25
N SER B 166 -4.08 -11.28 -15.30
CA SER B 166 -3.48 -11.83 -14.08
C SER B 166 -2.52 -10.79 -13.52
N PRO B 167 -2.72 -10.45 -12.21
CA PRO B 167 -1.87 -9.42 -11.58
C PRO B 167 -0.42 -9.85 -11.43
N ASN B 168 -0.16 -11.17 -11.44
CA ASN B 168 1.18 -11.75 -11.37
C ASN B 168 2.02 -11.44 -12.62
N VAL B 169 1.39 -10.95 -13.71
CA VAL B 169 2.12 -10.61 -14.93
C VAL B 169 2.67 -9.20 -14.79
N LYS B 170 1.87 -8.21 -14.27
CA LYS B 170 2.20 -6.77 -14.10
C LYS B 170 2.51 -6.10 -15.46
N PRO B 171 2.15 -4.82 -15.73
CA PRO B 171 2.46 -4.24 -17.07
C PRO B 171 3.95 -4.17 -17.46
N GLU B 172 4.60 -5.36 -17.44
CA GLU B 172 5.99 -5.66 -17.78
C GLU B 172 6.00 -5.61 -19.30
N ARG B 173 5.52 -6.69 -19.89
CA ARG B 173 5.35 -6.91 -21.30
C ARG B 173 4.01 -7.66 -21.39
N LYS B 174 2.98 -7.04 -20.76
CA LYS B 174 1.60 -7.50 -20.91
C LYS B 174 1.38 -7.25 -22.39
N MET B 175 1.04 -8.32 -23.12
CA MET B 175 0.89 -8.34 -24.55
C MET B 175 0.15 -7.19 -25.20
N LYS B 176 0.80 -6.56 -26.17
CA LYS B 176 0.21 -5.54 -26.99
C LYS B 176 -0.45 -6.27 -28.16
N LEU B 177 -1.29 -5.58 -28.95
CA LEU B 177 -1.83 -6.13 -30.19
C LEU B 177 -0.65 -5.78 -31.06
N GLU B 178 0.15 -6.75 -31.29
CA GLU B 178 1.38 -6.83 -32.09
C GLU B 178 2.17 -7.93 -31.50
N ASP B 179 2.33 -7.96 -30.16
CA ASP B 179 2.98 -9.10 -29.51
C ASP B 179 2.08 -10.34 -29.72
N PHE B 180 0.74 -10.18 -29.56
CA PHE B 180 -0.22 -11.25 -29.73
C PHE B 180 -0.19 -11.79 -31.16
N ILE B 181 -0.14 -10.86 -32.14
CA ILE B 181 -0.09 -11.23 -33.56
C ILE B 181 1.19 -12.00 -33.89
N LYS B 182 2.37 -11.45 -33.50
CA LYS B 182 3.69 -12.05 -33.78
C LYS B 182 3.93 -13.37 -33.05
N ASN B 183 3.38 -13.52 -31.83
CA ASN B 183 3.50 -14.76 -31.08
C ASN B 183 2.91 -15.94 -31.88
N LEU B 184 1.89 -15.65 -32.70
CA LEU B 184 1.15 -16.67 -33.46
C LEU B 184 1.60 -16.90 -34.88
N ARG B 185 2.70 -16.28 -35.24
CA ARG B 185 3.29 -16.45 -36.57
C ARG B 185 3.60 -17.90 -36.85
N GLY B 186 3.24 -18.35 -38.03
CA GLY B 186 3.52 -19.70 -38.49
C GLY B 186 2.69 -20.82 -37.93
N VAL B 187 1.69 -20.52 -37.10
CA VAL B 187 0.85 -21.52 -36.44
C VAL B 187 0.02 -22.38 -37.41
N ASP B 188 -0.42 -21.79 -38.52
CA ASP B 188 -1.26 -22.44 -39.52
C ASP B 188 -0.42 -23.27 -40.51
N ASP B 189 0.16 -24.40 -40.03
CA ASP B 189 1.03 -25.26 -40.84
C ASP B 189 2.14 -24.49 -41.56
N GLY B 190 2.77 -23.59 -40.85
CA GLY B 190 3.84 -22.78 -41.40
C GLY B 190 3.40 -21.38 -41.80
N GLU B 191 2.12 -21.20 -42.10
CA GLU B 191 1.56 -19.90 -42.49
C GLU B 191 0.89 -19.19 -41.30
N ASP B 192 0.48 -17.96 -41.51
CA ASP B 192 -0.12 -17.16 -40.47
C ASP B 192 -1.62 -17.18 -40.54
N ILE B 193 -2.26 -16.96 -39.38
CA ILE B 193 -3.71 -16.74 -39.27
C ILE B 193 -3.93 -15.29 -39.73
N PRO B 194 -5.10 -14.91 -40.32
CA PRO B 194 -5.30 -13.50 -40.76
C PRO B 194 -5.06 -12.45 -39.69
N ARG B 195 -4.26 -11.41 -40.02
CA ARG B 195 -3.91 -10.34 -39.09
C ARG B 195 -5.13 -9.71 -38.44
N GLU B 196 -6.15 -9.41 -39.25
CA GLU B 196 -7.39 -8.76 -38.82
C GLU B 196 -8.23 -9.62 -37.87
N MET B 197 -8.20 -10.94 -38.08
CA MET B 197 -8.87 -11.90 -37.23
C MET B 197 -8.23 -11.83 -35.83
N LEU B 198 -6.88 -11.96 -35.77
CA LEU B 198 -6.10 -11.90 -34.54
C LEU B 198 -6.32 -10.58 -33.80
N MET B 199 -6.33 -9.44 -34.55
CA MET B 199 -6.56 -8.08 -34.01
C MET B 199 -7.90 -8.01 -33.31
N GLY B 200 -8.92 -8.55 -33.98
CA GLY B 200 -10.30 -8.58 -33.49
C GLY B 200 -10.37 -9.35 -32.19
N ILE B 201 -9.76 -10.55 -32.16
CA ILE B 201 -9.71 -11.44 -30.99
C ILE B 201 -9.06 -10.70 -29.86
N TYR B 202 -7.91 -10.10 -30.12
CA TYR B 202 -7.17 -9.33 -29.15
C TYR B 202 -8.02 -8.20 -28.55
N GLU B 203 -8.61 -7.35 -29.41
CA GLU B 203 -9.40 -6.21 -28.95
C GLU B 203 -10.64 -6.61 -28.16
N ARG B 204 -11.26 -7.74 -28.51
CA ARG B 204 -12.41 -8.26 -27.79
C ARG B 204 -12.06 -8.66 -26.35
N ILE B 205 -10.90 -9.36 -26.16
CA ILE B 205 -10.42 -9.78 -24.84
C ILE B 205 -10.01 -8.54 -24.05
N ARG B 206 -9.32 -7.57 -24.71
CA ARG B 206 -8.90 -6.33 -24.05
C ARG B 206 -10.10 -5.54 -23.51
N LYS B 207 -11.18 -5.47 -24.28
CA LYS B 207 -12.38 -4.76 -23.91
C LYS B 207 -13.18 -5.43 -22.81
N ARG B 208 -13.16 -6.80 -22.74
CA ARG B 208 -13.87 -7.57 -21.69
C ARG B 208 -13.16 -8.89 -21.32
N GLU B 209 -12.86 -9.11 -20.03
CA GLU B 209 -12.21 -10.34 -19.55
C GLU B 209 -13.16 -11.58 -19.58
N LEU B 210 -12.57 -12.77 -19.77
CA LEU B 210 -13.26 -14.05 -19.69
C LEU B 210 -13.47 -14.30 -18.17
N LYS B 211 -14.75 -14.38 -17.73
CA LYS B 211 -15.03 -14.42 -16.31
C LYS B 211 -15.64 -15.63 -15.58
N THR B 212 -16.51 -16.48 -16.18
CA THR B 212 -17.21 -17.59 -15.50
C THR B 212 -18.37 -17.00 -14.66
N ASN B 213 -19.57 -17.55 -14.82
CA ASN B 213 -20.74 -17.09 -14.14
C ASN B 213 -20.70 -17.29 -12.63
N GLU B 214 -21.37 -16.36 -11.92
CA GLU B 214 -21.58 -16.28 -10.49
C GLU B 214 -22.06 -17.65 -10.02
N ASP B 215 -21.31 -18.19 -9.06
CA ASP B 215 -21.45 -19.49 -8.42
C ASP B 215 -22.08 -19.33 -7.04
N HIS B 216 -22.36 -20.46 -6.37
CA HIS B 216 -22.85 -20.40 -5.00
C HIS B 216 -21.67 -19.96 -4.11
N VAL B 217 -20.44 -20.27 -4.55
CA VAL B 217 -19.21 -19.91 -3.87
C VAL B 217 -18.84 -18.43 -4.06
N SER B 218 -19.33 -17.77 -5.16
CA SER B 218 -19.11 -16.34 -5.42
C SER B 218 -19.53 -15.54 -4.20
N GLN B 219 -20.73 -15.83 -3.67
CA GLN B 219 -21.32 -15.24 -2.48
C GLN B 219 -20.46 -15.46 -1.22
N VAL B 220 -19.82 -16.66 -1.07
CA VAL B 220 -18.95 -16.98 0.09
C VAL B 220 -17.69 -16.14 0.03
N GLN B 221 -17.14 -15.94 -1.17
CA GLN B 221 -15.95 -15.14 -1.42
C GLN B 221 -16.26 -13.69 -1.09
N LYS B 222 -17.46 -13.24 -1.47
CA LYS B 222 -17.92 -11.88 -1.22
C LYS B 222 -17.91 -11.66 0.29
N VAL B 223 -18.46 -12.61 1.08
CA VAL B 223 -18.50 -12.52 2.55
C VAL B 223 -17.09 -12.52 3.14
N GLU B 224 -16.27 -13.54 2.77
CA GLU B 224 -14.93 -13.82 3.24
C GLU B 224 -13.99 -12.65 3.22
N LYS B 225 -14.17 -11.74 2.25
CA LYS B 225 -13.33 -10.56 2.07
C LYS B 225 -13.68 -9.40 2.99
N LEU B 226 -14.91 -9.39 3.50
CA LEU B 226 -15.42 -8.37 4.41
C LEU B 226 -14.94 -8.65 5.82
N ILE B 227 -14.55 -9.91 6.11
CA ILE B 227 -14.06 -10.37 7.41
C ILE B 227 -12.57 -10.08 7.63
N VAL B 228 -12.24 -9.38 8.73
CA VAL B 228 -10.86 -9.02 9.07
C VAL B 228 -10.30 -9.58 10.38
N GLY B 229 -9.71 -10.77 10.29
CA GLY B 229 -9.08 -11.46 11.42
C GLY B 229 -8.84 -12.94 11.18
N LYS B 230 -7.77 -13.49 11.84
CA LYS B 230 -7.30 -14.90 11.86
C LYS B 230 -7.68 -15.81 10.64
N LEU B 240 -9.00 -14.09 7.37
CA LEU B 240 -10.34 -13.97 6.79
C LEU B 240 -11.40 -14.87 7.49
N GLY B 241 -10.93 -15.74 8.39
CA GLY B 241 -11.75 -16.71 9.12
C GLY B 241 -11.39 -18.13 8.71
N CYS B 242 -10.10 -18.34 8.34
CA CYS B 242 -9.47 -19.60 7.84
C CYS B 242 -10.09 -20.09 6.52
N VAL B 243 -9.68 -19.41 5.41
CA VAL B 243 -10.09 -19.57 4.01
C VAL B 243 -11.50 -20.19 3.77
N LEU B 244 -12.54 -19.50 4.28
CA LEU B 244 -13.88 -19.99 4.04
C LEU B 244 -14.33 -19.54 2.67
N SER B 245 -14.26 -20.45 1.70
CA SER B 245 -14.68 -20.30 0.30
C SER B 245 -14.33 -21.59 -0.38
N LEU B 246 -14.44 -22.67 0.39
CA LEU B 246 -14.22 -24.01 -0.11
C LEU B 246 -15.37 -24.37 -1.08
N PRO B 247 -15.06 -25.13 -2.18
CA PRO B 247 -16.09 -25.44 -3.19
C PRO B 247 -17.45 -25.90 -2.67
N HIS B 248 -17.45 -26.78 -1.65
CA HIS B 248 -18.63 -27.37 -1.03
C HIS B 248 -19.40 -26.37 -0.18
N ARG B 249 -18.69 -25.41 0.43
CA ARG B 249 -19.27 -24.41 1.32
C ARG B 249 -20.20 -23.38 0.65
N ARG B 250 -21.48 -23.35 1.14
CA ARG B 250 -22.59 -22.48 0.73
CA ARG B 250 -22.59 -22.47 0.73
C ARG B 250 -23.00 -21.64 1.96
N LEU B 251 -23.36 -20.36 1.78
CA LEU B 251 -23.79 -19.53 2.92
C LEU B 251 -25.28 -19.60 3.08
N VAL B 252 -25.71 -20.28 4.15
CA VAL B 252 -27.12 -20.51 4.51
C VAL B 252 -27.81 -19.19 4.87
N CYS B 253 -27.25 -18.38 5.82
CA CYS B 253 -27.78 -17.08 6.22
C CYS B 253 -26.88 -16.22 7.10
N TYR B 254 -27.17 -14.90 7.13
CA TYR B 254 -26.55 -13.87 7.97
C TYR B 254 -27.66 -13.38 8.91
N CYS B 255 -27.33 -13.14 10.18
CA CYS B 255 -28.31 -12.74 11.17
C CYS B 255 -27.60 -12.03 12.34
N ARG B 256 -28.16 -10.91 12.83
CA ARG B 256 -27.56 -10.34 14.03
C ARG B 256 -28.20 -10.93 15.26
N LEU B 257 -27.35 -11.21 16.25
CA LEU B 257 -27.68 -11.79 17.54
C LEU B 257 -26.76 -11.17 18.55
N PHE B 258 -27.23 -11.08 19.79
CA PHE B 258 -26.50 -10.50 20.90
C PHE B 258 -25.94 -11.63 21.72
N GLU B 259 -24.63 -11.60 21.99
CA GLU B 259 -23.97 -12.68 22.71
C GLU B 259 -24.19 -12.54 24.22
N VAL B 260 -24.57 -13.67 24.85
CA VAL B 260 -24.89 -13.74 26.27
C VAL B 260 -23.81 -14.53 27.05
N PRO B 261 -22.82 -13.82 27.63
CA PRO B 261 -21.78 -14.51 28.41
C PRO B 261 -22.37 -15.24 29.61
N ASP B 262 -23.32 -14.61 30.33
CA ASP B 262 -23.93 -15.31 31.44
C ASP B 262 -25.43 -15.24 31.38
N PRO B 263 -26.09 -16.38 31.03
CA PRO B 263 -27.57 -16.41 30.98
C PRO B 263 -28.22 -16.19 32.35
N ASN B 264 -27.49 -16.48 33.43
CA ASN B 264 -27.96 -16.33 34.81
C ASN B 264 -27.92 -14.88 35.29
N LYS B 265 -27.20 -14.00 34.59
CA LYS B 265 -27.09 -12.58 34.97
C LYS B 265 -27.74 -11.72 33.87
N PRO B 266 -28.25 -10.51 34.15
CA PRO B 266 -28.81 -9.69 33.06
C PRO B 266 -27.74 -8.86 32.36
N GLN B 267 -28.12 -8.11 31.30
CA GLN B 267 -27.23 -7.19 30.55
C GLN B 267 -27.99 -6.10 29.75
N LYS B 268 -27.28 -5.04 29.36
CA LYS B 268 -27.82 -3.94 28.53
C LYS B 268 -28.30 -4.53 27.19
N LEU B 269 -29.37 -3.96 26.62
CA LEU B 269 -29.98 -4.45 25.39
C LEU B 269 -29.09 -4.72 24.18
N GLY B 270 -28.49 -3.67 23.61
CA GLY B 270 -27.64 -3.80 22.43
C GLY B 270 -26.28 -4.42 22.67
N LEU B 271 -25.98 -4.82 23.92
CA LEU B 271 -24.69 -5.38 24.33
C LEU B 271 -24.31 -6.65 23.63
N HIS B 272 -23.01 -6.76 23.28
CA HIS B 272 -22.39 -7.91 22.60
C HIS B 272 -23.05 -8.26 21.23
N GLN B 273 -23.22 -7.22 20.39
CA GLN B 273 -23.85 -7.35 19.09
C GLN B 273 -22.99 -8.11 18.09
N ARG B 274 -23.29 -9.38 17.96
CA ARG B 274 -22.59 -10.23 17.01
C ARG B 274 -23.37 -10.28 15.71
N GLU B 275 -22.66 -10.68 14.67
CA GLU B 275 -23.13 -10.84 13.31
C GLU B 275 -22.79 -12.27 12.94
N ILE B 276 -23.81 -13.09 12.76
CA ILE B 276 -23.60 -14.50 12.51
C ILE B 276 -23.70 -14.81 11.05
N PHE B 277 -22.82 -15.70 10.58
CA PHE B 277 -22.89 -16.21 9.22
C PHE B 277 -22.91 -17.71 9.35
N LEU B 278 -23.97 -18.29 8.81
CA LEU B 278 -24.20 -19.72 8.78
C LEU B 278 -24.00 -20.24 7.37
N PHE B 279 -23.05 -21.15 7.27
CA PHE B 279 -22.64 -21.87 6.09
C PHE B 279 -23.13 -23.27 6.31
N ASN B 280 -23.26 -24.06 5.25
CA ASN B 280 -23.77 -25.41 5.40
C ASN B 280 -23.02 -26.30 6.40
N ASP B 281 -21.71 -26.01 6.69
CA ASP B 281 -20.93 -26.81 7.64
C ASP B 281 -20.32 -26.04 8.80
N LEU B 282 -20.52 -24.72 8.86
CA LEU B 282 -19.87 -23.90 9.86
C LEU B 282 -20.74 -22.72 10.30
N LEU B 283 -20.52 -22.26 11.55
CA LEU B 283 -21.14 -21.04 12.09
C LEU B 283 -20.05 -20.09 12.42
N VAL B 284 -20.04 -18.92 11.78
CA VAL B 284 -19.03 -17.86 12.03
C VAL B 284 -19.71 -16.71 12.79
N VAL B 285 -19.04 -16.16 13.81
CA VAL B 285 -19.56 -15.08 14.66
C VAL B 285 -18.62 -13.90 14.53
N THR B 286 -19.13 -12.66 14.41
CA THR B 286 -18.25 -11.49 14.24
C THR B 286 -18.77 -10.30 14.99
N LYS B 287 -17.89 -9.40 15.48
CA LYS B 287 -18.33 -8.10 16.01
C LYS B 287 -18.17 -7.28 14.69
N ILE B 288 -18.77 -6.13 14.58
CA ILE B 288 -18.63 -5.34 13.35
C ILE B 288 -17.33 -4.55 13.38
N PHE B 289 -16.95 -3.92 12.26
CA PHE B 289 -15.73 -3.11 12.22
C PHE B 289 -16.02 -1.67 11.85
N GLN B 290 -16.44 -1.42 10.62
CA GLN B 290 -16.64 -0.06 10.17
C GLN B 290 -18.07 0.43 9.90
N LYS B 291 -18.90 -0.40 9.21
CA LYS B 291 -20.27 -0.06 8.75
C LYS B 291 -20.17 1.01 7.64
N LYS B 292 -19.38 2.06 7.88
CA LYS B 292 -19.07 3.10 6.90
C LYS B 292 -20.35 3.67 6.26
N LYS B 293 -20.45 3.62 4.90
CA LYS B 293 -21.60 4.16 4.16
C LYS B 293 -22.12 3.11 3.20
N ASN B 294 -21.33 2.87 2.16
CA ASN B 294 -21.51 1.95 1.04
C ASN B 294 -21.22 0.46 1.37
N SER B 295 -20.35 0.20 2.36
CA SER B 295 -19.92 -1.16 2.67
C SER B 295 -19.60 -1.38 4.13
N VAL B 296 -19.93 -2.58 4.60
CA VAL B 296 -19.67 -3.05 5.96
C VAL B 296 -18.58 -4.17 6.01
N THR B 297 -17.72 -4.09 7.06
CA THR B 297 -16.59 -4.97 7.34
C THR B 297 -16.75 -5.61 8.70
N TYR B 298 -16.35 -6.88 8.79
CA TYR B 298 -16.52 -7.72 9.98
C TYR B 298 -15.24 -8.09 10.67
N SER B 299 -15.29 -8.17 12.00
CA SER B 299 -14.11 -8.46 12.83
C SER B 299 -13.68 -9.92 13.05
N PHE B 300 -14.61 -10.90 13.08
CA PHE B 300 -14.32 -12.32 13.35
C PHE B 300 -14.03 -12.54 14.82
N ARG B 301 -14.95 -13.20 15.49
CA ARG B 301 -14.82 -13.48 16.90
C ARG B 301 -14.50 -14.95 17.07
N GLN B 302 -15.35 -15.85 16.56
CA GLN B 302 -15.10 -17.29 16.64
C GLN B 302 -15.79 -18.10 15.55
N SER B 303 -15.34 -19.35 15.34
CA SER B 303 -15.85 -20.26 14.32
C SER B 303 -16.26 -21.60 14.96
N PHE B 304 -17.45 -22.06 14.62
CA PHE B 304 -17.97 -23.30 15.17
C PHE B 304 -18.33 -24.29 14.11
N SER B 305 -17.70 -25.43 14.16
CA SER B 305 -18.01 -26.57 13.31
C SER B 305 -19.42 -27.05 13.73
N LEU B 306 -20.24 -27.48 12.78
CA LEU B 306 -21.58 -27.90 13.19
C LEU B 306 -21.71 -29.33 13.73
N TYR B 307 -20.79 -30.22 13.32
CA TYR B 307 -20.80 -31.63 13.73
C TYR B 307 -20.78 -31.76 15.23
N GLY B 308 -21.71 -32.56 15.74
CA GLY B 308 -21.82 -32.85 17.16
C GLY B 308 -22.44 -31.73 17.97
N MET B 309 -22.89 -30.64 17.31
CA MET B 309 -23.52 -29.52 18.02
C MET B 309 -25.01 -29.63 18.03
N GLN B 310 -25.62 -29.05 19.06
CA GLN B 310 -27.07 -28.99 19.26
C GLN B 310 -27.45 -27.55 19.55
N VAL B 311 -28.73 -27.26 19.32
CA VAL B 311 -29.31 -25.93 19.48
C VAL B 311 -30.48 -26.06 20.43
N LEU B 312 -30.57 -25.16 21.40
CA LEU B 312 -31.68 -25.18 22.32
C LEU B 312 -32.09 -23.77 22.67
N LEU B 313 -33.39 -23.58 22.69
CA LEU B 313 -34.01 -22.31 22.99
C LEU B 313 -34.17 -22.24 24.48
N PHE B 314 -34.04 -21.05 25.04
CA PHE B 314 -34.24 -20.80 26.47
C PHE B 314 -34.86 -19.43 26.70
N GLU B 315 -35.68 -19.31 27.72
CA GLU B 315 -36.29 -18.04 28.10
C GLU B 315 -36.16 -17.94 29.61
N ASN B 316 -35.66 -16.81 30.11
CA ASN B 316 -35.59 -16.58 31.54
C ASN B 316 -36.08 -15.15 31.89
N GLN B 317 -35.88 -14.73 33.15
CA GLN B 317 -36.25 -13.39 33.62
C GLN B 317 -35.47 -12.26 32.94
N TYR B 318 -34.36 -12.60 32.27
CA TYR B 318 -33.51 -11.61 31.61
C TYR B 318 -33.48 -11.71 30.09
N TYR B 319 -33.55 -12.92 29.54
CA TYR B 319 -33.50 -13.10 28.10
C TYR B 319 -34.76 -13.76 27.57
N PRO B 320 -35.53 -13.08 26.68
CA PRO B 320 -36.74 -13.70 26.13
C PRO B 320 -36.53 -14.61 24.93
N ASN B 321 -35.71 -14.20 23.97
CA ASN B 321 -35.48 -14.99 22.76
C ASN B 321 -34.05 -15.58 22.83
N GLY B 322 -33.73 -16.33 23.89
CA GLY B 322 -32.40 -16.92 24.06
C GLY B 322 -32.18 -18.20 23.30
N ILE B 323 -30.93 -18.49 22.94
CA ILE B 323 -30.47 -19.69 22.20
C ILE B 323 -29.15 -20.11 22.86
N ARG B 324 -28.91 -21.41 23.02
CA ARG B 324 -27.68 -21.94 23.57
C ARG B 324 -27.18 -23.04 22.62
N LEU B 325 -25.94 -22.89 22.17
CA LEU B 325 -25.33 -23.87 21.30
C LEU B 325 -24.43 -24.68 22.19
N THR B 326 -24.55 -26.00 22.10
CA THR B 326 -23.77 -26.91 22.92
C THR B 326 -23.24 -28.06 22.06
N SER B 327 -22.02 -28.55 22.34
CA SER B 327 -21.46 -29.65 21.58
C SER B 327 -21.33 -30.89 22.44
N SER B 328 -21.92 -31.96 21.96
CA SER B 328 -21.88 -33.24 22.62
C SER B 328 -20.92 -34.18 21.88
N VAL B 329 -19.69 -34.29 22.42
CA VAL B 329 -18.63 -35.17 21.89
C VAL B 329 -18.69 -36.54 22.62
N PRO B 330 -18.33 -37.68 21.97
CA PRO B 330 -18.42 -38.98 22.67
C PRO B 330 -17.44 -39.14 23.85
N GLY B 331 -17.98 -39.11 25.07
CA GLY B 331 -17.20 -39.27 26.29
C GLY B 331 -17.18 -38.05 27.20
N ALA B 332 -16.80 -36.88 26.64
CA ALA B 332 -16.72 -35.59 27.38
C ALA B 332 -18.09 -34.89 27.54
N ASP B 333 -19.11 -35.49 26.87
CA ASP B 333 -20.53 -35.14 26.73
C ASP B 333 -21.06 -33.84 27.35
N ILE B 334 -21.50 -32.94 26.44
CA ILE B 334 -22.09 -31.64 26.67
C ILE B 334 -21.10 -30.59 27.10
N LYS B 335 -20.99 -29.55 26.27
CA LYS B 335 -20.12 -28.39 26.44
C LYS B 335 -20.92 -27.19 25.94
N VAL B 336 -21.06 -26.11 26.74
CA VAL B 336 -21.77 -24.92 26.28
C VAL B 336 -20.82 -24.03 25.47
N LEU B 337 -20.90 -24.14 24.14
CA LEU B 337 -20.10 -23.39 23.20
C LEU B 337 -20.34 -21.91 23.30
N ILE B 338 -21.60 -21.47 23.11
CA ILE B 338 -22.00 -20.06 23.11
C ILE B 338 -23.50 -19.90 23.46
N ASN B 339 -23.90 -18.69 23.90
CA ASN B 339 -25.26 -18.34 24.27
C ASN B 339 -25.60 -17.04 23.56
N PHE B 340 -26.83 -16.93 23.05
CA PHE B 340 -27.26 -15.77 22.30
C PHE B 340 -28.67 -15.31 22.66
N ASN B 341 -28.92 -14.03 22.49
CA ASN B 341 -30.27 -13.50 22.60
C ASN B 341 -30.68 -12.94 21.23
N ALA B 342 -31.79 -13.43 20.63
CA ALA B 342 -32.23 -12.89 19.34
C ALA B 342 -33.11 -11.66 19.56
N PRO B 343 -33.12 -10.67 18.65
CA PRO B 343 -33.92 -9.47 18.90
C PRO B 343 -35.43 -9.69 18.96
N ASN B 344 -35.92 -10.69 18.23
CA ASN B 344 -37.33 -11.05 18.23
C ASN B 344 -37.52 -12.55 18.24
N PRO B 345 -38.71 -13.03 18.66
CA PRO B 345 -38.96 -14.48 18.60
C PRO B 345 -38.85 -14.98 17.17
N GLN B 346 -39.27 -14.15 16.18
CA GLN B 346 -39.25 -14.49 14.75
C GLN B 346 -37.86 -14.81 14.26
N ASP B 347 -36.88 -13.96 14.62
CA ASP B 347 -35.50 -14.16 14.23
C ASP B 347 -34.92 -15.40 14.89
N ARG B 348 -35.22 -15.59 16.20
CA ARG B 348 -34.82 -16.77 16.95
C ARG B 348 -35.29 -18.01 16.20
N LYS B 349 -36.60 -18.08 15.87
CA LYS B 349 -37.19 -19.23 15.18
C LYS B 349 -36.52 -19.49 13.86
N LYS B 350 -36.32 -18.44 13.06
CA LYS B 350 -35.73 -18.53 11.73
C LYS B 350 -34.33 -19.13 11.77
N PHE B 351 -33.48 -18.49 12.57
CA PHE B 351 -32.10 -18.89 12.75
C PHE B 351 -31.99 -20.31 13.29
N THR B 352 -32.77 -20.62 14.33
CA THR B 352 -32.76 -21.95 14.92
C THR B 352 -33.17 -23.01 13.94
N ASP B 353 -34.19 -22.75 13.11
CA ASP B 353 -34.65 -23.70 12.12
C ASP B 353 -33.59 -23.96 11.05
N ASP B 354 -32.94 -22.89 10.59
CA ASP B 354 -31.88 -23.01 9.61
C ASP B 354 -30.67 -23.74 10.16
N LEU B 355 -30.29 -23.41 11.40
CA LEU B 355 -29.12 -24.04 12.05
C LEU B 355 -29.39 -25.51 12.32
N ARG B 356 -30.60 -25.86 12.78
CA ARG B 356 -30.99 -27.24 13.02
C ARG B 356 -30.90 -28.06 11.75
N GLU B 357 -31.41 -27.52 10.64
CA GLU B 357 -31.36 -28.23 9.37
C GLU B 357 -29.95 -28.44 8.90
N SER B 358 -29.10 -27.42 9.08
CA SER B 358 -27.69 -27.48 8.72
C SER B 358 -26.99 -28.60 9.47
N ILE B 359 -27.25 -28.72 10.78
CA ILE B 359 -26.64 -29.74 11.64
C ILE B 359 -26.96 -31.15 11.19
N ALA B 360 -28.23 -31.38 10.86
CA ALA B 360 -28.71 -32.66 10.41
C ALA B 360 -28.00 -33.00 9.07
N GLU B 361 -27.88 -31.99 8.18
CA GLU B 361 -27.23 -32.15 6.90
C GLU B 361 -25.79 -32.62 7.14
N VAL B 362 -25.05 -31.92 8.03
CA VAL B 362 -23.67 -32.24 8.43
C VAL B 362 -23.56 -33.64 9.11
N GLN B 363 -24.58 -34.01 9.93
CA GLN B 363 -24.63 -35.29 10.63
C GLN B 363 -24.66 -36.43 9.64
N GLU B 364 -25.64 -36.43 8.71
CA GLU B 364 -25.75 -37.49 7.72
C GLU B 364 -24.54 -37.55 6.77
N MET B 365 -23.89 -36.41 6.47
CA MET B 365 -22.68 -36.36 5.66
C MET B 365 -21.55 -37.17 6.29
N GLU B 366 -21.34 -37.00 7.60
CA GLU B 366 -20.32 -37.75 8.32
C GLU B 366 -20.72 -39.17 8.54
N LYS B 367 -22.04 -39.42 8.78
CA LYS B 367 -22.63 -40.76 8.92
C LYS B 367 -22.30 -41.58 7.63
N HIS B 368 -22.44 -40.94 6.43
CA HIS B 368 -22.18 -41.47 5.10
C HIS B 368 -20.72 -41.78 4.88
N ARG B 369 -19.84 -40.79 5.08
CA ARG B 369 -18.40 -40.99 4.85
C ARG B 369 -17.76 -42.05 5.75
N ILE B 370 -18.34 -42.32 6.93
CA ILE B 370 -17.85 -43.38 7.82
C ILE B 370 -18.31 -44.73 7.26
N GLU B 371 -19.54 -44.79 6.72
CA GLU B 371 -20.05 -45.99 6.07
C GLU B 371 -19.31 -46.25 4.76
N SER B 372 -19.12 -45.21 3.91
CA SER B 372 -18.36 -45.29 2.65
C SER B 372 -16.93 -45.81 2.89
N GLU B 373 -16.33 -45.46 4.05
CA GLU B 373 -14.97 -45.89 4.43
C GLU B 373 -14.98 -47.32 5.01
N LEU B 374 -16.08 -47.73 5.69
CA LEU B 374 -16.24 -49.06 6.25
C LEU B 374 -16.41 -50.14 5.15
N GLU B 375 -16.79 -49.69 3.94
CA GLU B 375 -16.96 -50.50 2.74
C GLU B 375 -15.63 -50.58 1.99
N LYS B 376 -14.89 -49.44 1.91
CA LYS B 376 -13.55 -49.32 1.30
C LYS B 376 -12.57 -50.31 1.95
N GLN B 377 -12.77 -50.55 3.26
CA GLN B 377 -12.00 -51.51 4.07
C GLN B 377 -12.71 -52.88 3.97
N LYS B 378 -12.29 -53.70 2.99
CA LYS B 378 -12.83 -55.03 2.67
C LYS B 378 -11.85 -55.84 1.83
N MET C 1 -25.85 25.72 -15.99
CA MET C 1 -25.17 24.66 -16.73
C MET C 1 -26.20 23.78 -17.47
N ARG C 2 -26.07 23.67 -18.80
CA ARG C 2 -27.01 22.87 -19.57
C ARG C 2 -26.63 21.40 -19.55
N ILE C 3 -27.55 20.59 -19.05
CA ILE C 3 -27.35 19.15 -18.94
C ILE C 3 -28.41 18.43 -19.76
N LEU C 4 -27.97 17.48 -20.57
CA LEU C 4 -28.89 16.64 -21.28
C LEU C 4 -28.89 15.24 -20.62
N MET C 5 -30.06 14.79 -20.16
CA MET C 5 -30.21 13.47 -19.57
C MET C 5 -30.88 12.55 -20.56
N VAL C 6 -30.13 11.57 -21.05
CA VAL C 6 -30.60 10.62 -22.05
C VAL C 6 -30.39 9.19 -21.58
N GLY C 7 -30.91 8.26 -22.36
CA GLY C 7 -30.91 6.85 -22.07
C GLY C 7 -32.20 6.25 -22.59
N LEU C 8 -32.27 4.93 -22.64
CA LEU C 8 -33.46 4.27 -23.16
C LEU C 8 -34.67 4.55 -22.30
N ASP C 9 -35.87 4.31 -22.85
CA ASP C 9 -37.08 4.41 -22.04
C ASP C 9 -36.95 3.37 -20.93
N ALA C 10 -37.59 3.65 -19.79
CA ALA C 10 -37.60 2.79 -18.61
C ALA C 10 -36.29 2.70 -17.84
N ALA C 11 -35.26 3.44 -18.25
CA ALA C 11 -33.96 3.45 -17.55
C ALA C 11 -34.07 4.10 -16.16
N GLY C 12 -34.97 5.06 -16.01
CA GLY C 12 -35.21 5.75 -14.75
C GLY C 12 -34.96 7.24 -14.80
N LYS C 13 -34.87 7.82 -16.02
CA LYS C 13 -34.59 9.25 -16.21
C LYS C 13 -35.57 10.17 -15.51
N THR C 14 -36.87 9.98 -15.75
CA THR C 14 -37.89 10.80 -15.13
C THR C 14 -37.89 10.63 -13.63
N THR C 15 -37.66 9.38 -13.15
CA THR C 15 -37.58 9.11 -11.71
C THR C 15 -36.44 9.93 -11.09
N ILE C 16 -35.29 9.95 -11.76
CA ILE C 16 -34.13 10.70 -11.32
C ILE C 16 -34.41 12.20 -11.32
N LEU C 17 -34.99 12.72 -12.41
CA LEU C 17 -35.27 14.15 -12.50
C LEU C 17 -36.09 14.64 -11.33
N TYR C 18 -37.21 13.96 -11.02
CA TYR C 18 -38.12 14.33 -9.94
C TYR C 18 -37.52 14.12 -8.54
N LYS C 19 -36.67 13.09 -8.41
CA LYS C 19 -36.00 12.82 -7.14
C LYS C 19 -35.01 13.95 -6.89
N LEU C 20 -34.26 14.35 -7.93
CA LEU C 20 -33.31 15.46 -7.83
C LEU C 20 -34.00 16.77 -7.57
N LYS C 21 -35.08 17.07 -8.33
CA LYS C 21 -35.79 18.34 -8.17
C LYS C 21 -36.52 18.49 -6.82
N LEU C 22 -37.00 17.37 -6.22
CA LEU C 22 -37.68 17.19 -4.91
C LEU C 22 -38.22 18.42 -4.12
N GLY C 23 -37.35 19.05 -3.31
CA GLY C 23 -37.73 20.17 -2.45
C GLY C 23 -37.74 21.54 -3.09
N GLU C 24 -38.54 21.72 -4.16
CA GLU C 24 -38.67 22.99 -4.89
C GLU C 24 -40.11 23.47 -5.02
N ILE C 25 -40.39 24.71 -4.56
CA ILE C 25 -41.73 25.33 -4.63
C ILE C 25 -42.19 25.58 -6.09
N VAL C 26 -42.71 24.51 -6.74
CA VAL C 26 -43.19 24.50 -8.13
C VAL C 26 -44.39 25.44 -8.33
N THR C 27 -45.28 25.57 -7.30
CA THR C 27 -46.51 26.38 -7.24
C THR C 27 -47.19 26.53 -8.61
N THR C 28 -48.07 25.56 -8.93
CA THR C 28 -48.79 25.34 -10.19
C THR C 28 -47.87 24.65 -11.20
N ILE C 29 -48.01 23.31 -11.27
CA ILE C 29 -47.24 22.37 -12.09
C ILE C 29 -47.10 22.63 -13.64
N PRO C 30 -48.06 23.30 -14.37
CA PRO C 30 -47.93 23.52 -15.83
C PRO C 30 -46.70 23.13 -16.70
N THR C 31 -46.54 23.85 -17.82
CA THR C 31 -45.56 23.66 -18.90
C THR C 31 -45.77 22.40 -19.71
N ILE C 32 -46.28 22.59 -20.95
CA ILE C 32 -46.63 21.56 -21.91
C ILE C 32 -45.42 20.99 -22.65
N GLY C 33 -45.24 19.67 -22.58
CA GLY C 33 -44.14 19.01 -23.25
C GLY C 33 -43.28 18.16 -22.34
N PHE C 34 -42.03 17.98 -22.73
CA PHE C 34 -41.02 17.15 -22.09
C PHE C 34 -40.55 17.70 -20.73
N ASN C 35 -39.82 16.86 -19.95
CA ASN C 35 -39.38 17.33 -18.65
C ASN C 35 -38.09 18.06 -18.61
N VAL C 36 -38.15 19.22 -17.95
CA VAL C 36 -37.00 20.11 -17.75
C VAL C 36 -37.12 20.74 -16.39
N GLU C 37 -36.06 20.65 -15.58
CA GLU C 37 -36.01 21.27 -14.27
C GLU C 37 -34.63 21.82 -14.01
N THR C 38 -34.54 22.92 -13.26
CA THR C 38 -33.27 23.49 -12.84
C THR C 38 -33.00 23.01 -11.43
N VAL C 39 -31.85 22.39 -11.24
CA VAL C 39 -31.42 21.85 -9.94
C VAL C 39 -30.18 22.61 -9.46
N GLU C 40 -30.25 23.16 -8.24
CA GLU C 40 -29.08 23.82 -7.67
C GLU C 40 -28.37 22.79 -6.77
N TYR C 41 -27.06 22.63 -6.92
CA TYR C 41 -26.35 21.70 -6.06
C TYR C 41 -25.40 22.38 -5.06
N LYS C 42 -24.11 22.34 -5.26
CA LYS C 42 -23.21 22.99 -4.32
C LYS C 42 -22.96 24.39 -4.89
N ASN C 43 -24.03 25.20 -4.89
CA ASN C 43 -24.04 26.57 -5.38
C ASN C 43 -23.88 26.71 -6.91
N ILE C 44 -24.14 25.60 -7.64
CA ILE C 44 -24.10 25.54 -9.10
C ILE C 44 -25.48 25.15 -9.58
N SER C 45 -26.01 25.86 -10.57
CA SER C 45 -27.36 25.58 -11.09
C SER C 45 -27.32 24.81 -12.40
N PHE C 46 -27.98 23.65 -12.43
CA PHE C 46 -28.04 22.79 -13.61
C PHE C 46 -29.43 22.75 -14.18
N THR C 47 -29.57 23.09 -15.46
CA THR C 47 -30.85 22.92 -16.17
C THR C 47 -30.75 21.54 -16.82
N VAL C 48 -31.55 20.60 -16.31
CA VAL C 48 -31.54 19.22 -16.75
C VAL C 48 -32.71 18.88 -17.66
N TRP C 49 -32.39 18.52 -18.90
CA TRP C 49 -33.37 18.17 -19.90
C TRP C 49 -33.48 16.68 -19.95
N ASP C 50 -34.66 16.16 -19.56
CA ASP C 50 -35.00 14.74 -19.56
C ASP C 50 -35.69 14.48 -20.90
N VAL C 51 -34.86 14.00 -21.82
CA VAL C 51 -35.04 13.78 -23.24
C VAL C 51 -35.51 12.37 -23.56
N GLY C 52 -34.67 11.52 -24.18
CA GLY C 52 -35.08 10.18 -24.62
C GLY C 52 -36.16 10.24 -25.71
N GLY C 53 -36.45 11.47 -26.17
CA GLY C 53 -37.41 11.77 -27.21
C GLY C 53 -37.04 11.15 -28.54
N GLN C 54 -35.71 10.95 -28.78
CA GLN C 54 -35.03 10.38 -29.98
C GLN C 54 -35.82 9.39 -30.86
N ASP C 55 -36.78 8.63 -30.25
CA ASP C 55 -37.70 7.67 -30.88
C ASP C 55 -36.97 6.94 -31.99
N LYS C 56 -37.16 7.46 -33.21
CA LYS C 56 -36.57 6.99 -34.45
C LYS C 56 -36.02 8.26 -35.08
N ILE C 57 -36.88 9.28 -35.20
CA ILE C 57 -36.60 10.51 -35.91
C ILE C 57 -36.36 11.77 -35.11
N ARG C 58 -35.25 11.82 -34.33
CA ARG C 58 -34.97 13.07 -33.64
C ARG C 58 -33.61 13.78 -33.80
N PRO C 59 -33.46 14.46 -34.96
CA PRO C 59 -32.35 15.39 -35.12
C PRO C 59 -32.90 16.76 -34.64
N LEU C 60 -33.90 16.71 -33.75
CA LEU C 60 -34.60 17.85 -33.14
C LEU C 60 -33.91 18.19 -31.85
N TRP C 61 -32.98 17.34 -31.44
CA TRP C 61 -32.19 17.60 -30.26
C TRP C 61 -30.87 18.18 -30.69
N ARG C 62 -30.68 18.36 -32.01
CA ARG C 62 -29.52 18.96 -32.65
C ARG C 62 -29.16 20.32 -32.02
N HIS C 63 -30.14 21.25 -31.91
CA HIS C 63 -29.98 22.62 -31.37
C HIS C 63 -29.37 22.67 -29.98
N TYR C 64 -29.85 21.78 -29.11
CA TYR C 64 -29.43 21.70 -27.72
C TYR C 64 -27.98 21.23 -27.51
N PHE C 65 -27.49 20.38 -28.42
CA PHE C 65 -26.13 19.84 -28.42
C PHE C 65 -24.99 20.84 -28.29
N GLN C 66 -25.00 21.92 -29.09
CA GLN C 66 -23.92 22.94 -29.08
C GLN C 66 -23.66 23.51 -27.69
N ASN C 67 -24.72 24.03 -27.03
CA ASN C 67 -24.63 24.64 -25.70
C ASN C 67 -24.66 23.64 -24.55
N THR C 68 -24.81 22.30 -24.84
CA THR C 68 -24.82 21.28 -23.78
C THR C 68 -23.44 21.12 -23.21
N GLN C 69 -23.32 21.24 -21.89
CA GLN C 69 -22.05 21.16 -21.19
C GLN C 69 -21.81 19.79 -20.56
N GLY C 70 -22.91 19.11 -20.22
CA GLY C 70 -22.84 17.82 -19.57
C GLY C 70 -23.94 16.89 -20.01
N LEU C 71 -23.60 15.60 -20.04
CA LEU C 71 -24.52 14.53 -20.40
C LEU C 71 -24.67 13.58 -19.25
N ILE C 72 -25.92 13.26 -18.91
CA ILE C 72 -26.20 12.22 -17.91
C ILE C 72 -26.80 11.06 -18.70
N PHE C 73 -26.10 9.92 -18.75
CA PHE C 73 -26.60 8.74 -19.43
C PHE C 73 -27.08 7.74 -18.41
N VAL C 74 -28.40 7.50 -18.39
CA VAL C 74 -29.02 6.58 -17.45
C VAL C 74 -29.22 5.20 -18.07
N VAL C 75 -28.72 4.17 -17.38
CA VAL C 75 -28.82 2.78 -17.82
C VAL C 75 -29.58 1.91 -16.82
N ASP C 76 -30.51 1.09 -17.28
CA ASP C 76 -31.19 0.13 -16.40
C ASP C 76 -30.21 -1.04 -16.28
N SER C 77 -29.52 -1.13 -15.13
CA SER C 77 -28.49 -2.14 -14.88
C SER C 77 -29.00 -3.56 -14.82
N ASN C 78 -30.31 -3.74 -14.66
CA ASN C 78 -30.95 -5.05 -14.64
C ASN C 78 -31.36 -5.54 -16.05
N ASP C 79 -31.40 -4.63 -17.02
CA ASP C 79 -31.83 -4.95 -18.37
C ASP C 79 -30.68 -5.35 -19.29
N ARG C 80 -30.26 -6.61 -19.18
CA ARG C 80 -29.20 -7.17 -20.00
C ARG C 80 -29.60 -7.21 -21.48
N GLU C 81 -30.88 -7.52 -21.75
CA GLU C 81 -31.41 -7.63 -23.11
C GLU C 81 -31.23 -6.34 -23.90
N ARG C 82 -31.30 -5.18 -23.24
CA ARG C 82 -31.19 -3.90 -23.92
C ARG C 82 -29.88 -3.15 -23.68
N VAL C 83 -28.89 -3.76 -23.00
CA VAL C 83 -27.64 -3.08 -22.73
C VAL C 83 -26.87 -2.70 -24.01
N ASN C 84 -26.92 -3.55 -25.04
CA ASN C 84 -26.28 -3.27 -26.32
C ASN C 84 -26.94 -2.08 -27.02
N GLU C 85 -28.29 -2.03 -26.95
CA GLU C 85 -29.05 -0.91 -27.51
C GLU C 85 -28.65 0.38 -26.78
N ALA C 86 -28.49 0.31 -25.45
CA ALA C 86 -28.06 1.46 -24.67
C ALA C 86 -26.69 1.93 -25.13
N ARG C 87 -25.76 0.99 -25.36
CA ARG C 87 -24.43 1.31 -25.87
C ARG C 87 -24.54 2.05 -27.20
N GLU C 88 -25.38 1.53 -28.10
CA GLU C 88 -25.57 2.13 -29.42
C GLU C 88 -26.05 3.57 -29.32
N GLU C 89 -27.04 3.82 -28.45
CA GLU C 89 -27.60 5.16 -28.24
C GLU C 89 -26.59 6.10 -27.65
N LEU C 90 -25.77 5.59 -26.74
CA LEU C 90 -24.72 6.41 -26.14
C LEU C 90 -23.68 6.81 -27.18
N MET C 91 -23.19 5.83 -27.96
CA MET C 91 -22.17 6.09 -28.97
C MET C 91 -22.67 6.99 -30.08
N ARG C 92 -23.97 6.86 -30.45
CA ARG C 92 -24.57 7.73 -31.46
C ARG C 92 -24.63 9.18 -30.99
N MET C 93 -24.83 9.40 -29.67
CA MET C 93 -24.83 10.73 -29.05
C MET C 93 -23.40 11.28 -29.02
N LEU C 94 -22.45 10.46 -28.54
CA LEU C 94 -21.04 10.85 -28.41
C LEU C 94 -20.37 11.17 -29.73
N ALA C 95 -20.92 10.65 -30.86
CA ALA C 95 -20.42 10.89 -32.21
C ALA C 95 -20.72 12.32 -32.68
N GLU C 96 -21.67 13.01 -32.03
CA GLU C 96 -22.04 14.38 -32.39
C GLU C 96 -20.93 15.39 -32.08
N ASP C 97 -20.45 16.11 -33.11
CA ASP C 97 -19.40 17.10 -32.95
C ASP C 97 -19.77 18.19 -31.94
N GLU C 98 -21.03 18.56 -31.88
CA GLU C 98 -21.50 19.57 -30.94
C GLU C 98 -21.32 19.19 -29.49
N LEU C 99 -21.19 17.89 -29.21
CA LEU C 99 -21.01 17.38 -27.85
C LEU C 99 -19.56 16.97 -27.52
N ARG C 100 -18.61 17.26 -28.43
CA ARG C 100 -17.21 16.86 -28.30
C ARG C 100 -16.55 17.23 -26.95
N ASP C 101 -16.99 18.35 -26.33
CA ASP C 101 -16.42 18.79 -25.07
C ASP C 101 -17.29 18.51 -23.86
N ALA C 102 -18.50 17.97 -24.09
CA ALA C 102 -19.39 17.65 -22.99
C ALA C 102 -18.80 16.56 -22.07
N VAL C 103 -18.99 16.72 -20.75
CA VAL C 103 -18.60 15.73 -19.75
C VAL C 103 -19.72 14.70 -19.64
N LEU C 104 -19.37 13.45 -19.35
CA LEU C 104 -20.33 12.36 -19.31
C LEU C 104 -20.45 11.70 -17.95
N LEU C 105 -21.64 11.76 -17.37
CA LEU C 105 -21.92 11.07 -16.14
C LEU C 105 -22.86 9.91 -16.46
N VAL C 106 -22.42 8.67 -16.18
CA VAL C 106 -23.25 7.49 -16.41
C VAL C 106 -23.87 7.05 -15.08
N PHE C 107 -25.22 6.97 -15.04
CA PHE C 107 -25.87 6.42 -13.87
C PHE C 107 -26.23 4.96 -14.17
N ALA C 108 -25.55 4.02 -13.49
CA ALA C 108 -25.82 2.60 -13.60
C ALA C 108 -26.94 2.36 -12.59
N ASN C 109 -28.16 2.58 -13.06
CA ASN C 109 -29.36 2.59 -12.24
C ASN C 109 -29.96 1.25 -11.93
N LYS C 110 -30.87 1.23 -10.95
CA LYS C 110 -31.62 0.05 -10.51
C LYS C 110 -30.72 -0.98 -9.80
N GLN C 111 -29.74 -0.49 -9.05
CA GLN C 111 -28.82 -1.33 -8.31
C GLN C 111 -29.52 -2.11 -7.18
N ASP C 112 -30.75 -1.71 -6.81
CA ASP C 112 -31.55 -2.39 -5.78
C ASP C 112 -32.01 -3.79 -6.26
N LEU C 113 -32.11 -3.99 -7.57
CA LEU C 113 -32.55 -5.27 -8.13
C LEU C 113 -31.47 -6.32 -7.99
N PRO C 114 -31.83 -7.55 -7.55
CA PRO C 114 -30.82 -8.57 -7.25
C PRO C 114 -29.91 -8.99 -8.39
N ASN C 115 -30.43 -8.94 -9.63
CA ASN C 115 -29.67 -9.33 -10.81
C ASN C 115 -29.05 -8.15 -11.55
N ALA C 116 -29.03 -6.97 -10.92
CA ALA C 116 -28.42 -5.79 -11.53
C ALA C 116 -26.91 -6.00 -11.77
N MET C 117 -26.46 -5.58 -12.96
CA MET C 117 -25.04 -5.60 -13.32
C MET C 117 -24.40 -4.45 -12.57
N ASN C 118 -23.23 -4.70 -12.02
CA ASN C 118 -22.36 -3.82 -11.25
C ASN C 118 -21.83 -2.64 -12.15
N ALA C 119 -21.34 -1.52 -11.54
CA ALA C 119 -20.80 -0.41 -12.33
C ALA C 119 -19.63 -0.89 -13.24
N ALA C 120 -18.76 -1.78 -12.73
CA ALA C 120 -17.66 -2.36 -13.49
C ALA C 120 -18.18 -3.14 -14.69
N GLU C 121 -19.24 -3.96 -14.50
CA GLU C 121 -19.82 -4.72 -15.61
C GLU C 121 -20.44 -3.81 -16.66
N ILE C 122 -21.20 -2.80 -16.22
CA ILE C 122 -21.82 -1.83 -17.14
C ILE C 122 -20.75 -1.07 -17.95
N THR C 123 -19.63 -0.72 -17.28
CA THR C 123 -18.51 -0.05 -17.92
C THR C 123 -18.06 -0.86 -19.12
N ASP C 124 -17.92 -2.18 -18.96
CA ASP C 124 -17.50 -3.08 -20.01
C ASP C 124 -18.53 -3.15 -21.12
N LYS C 125 -19.79 -3.34 -20.76
CA LYS C 125 -20.89 -3.46 -21.72
C LYS C 125 -21.12 -2.22 -22.58
N LEU C 126 -20.82 -1.03 -22.03
CA LEU C 126 -21.00 0.24 -22.73
C LEU C 126 -19.74 0.66 -23.47
N GLY C 127 -18.64 -0.05 -23.22
CA GLY C 127 -17.34 0.22 -23.83
C GLY C 127 -16.76 1.56 -23.44
N LEU C 128 -17.04 2.01 -22.19
CA LEU C 128 -16.54 3.29 -21.70
C LEU C 128 -15.01 3.40 -21.64
N HIS C 129 -14.33 2.27 -21.41
CA HIS C 129 -12.89 2.16 -21.29
C HIS C 129 -12.20 2.51 -22.63
N SER C 130 -12.92 2.41 -23.76
CA SER C 130 -12.38 2.70 -25.08
C SER C 130 -12.39 4.19 -25.40
N LEU C 131 -13.17 5.01 -24.65
CA LEU C 131 -13.23 6.46 -24.85
C LEU C 131 -11.87 7.08 -24.44
N ARG C 132 -11.22 7.83 -25.32
CA ARG C 132 -9.90 8.42 -24.98
C ARG C 132 -9.94 9.87 -25.41
N HIS C 133 -11.02 10.55 -25.04
CA HIS C 133 -11.27 11.93 -25.43
C HIS C 133 -12.15 12.66 -24.44
N ARG C 134 -12.72 11.90 -23.49
CA ARG C 134 -13.77 12.38 -22.62
C ARG C 134 -13.57 12.29 -21.12
N ASN C 135 -14.11 13.30 -20.40
CA ASN C 135 -14.20 13.29 -18.95
C ASN C 135 -15.48 12.48 -18.67
N TRP C 136 -15.34 11.30 -18.05
CA TRP C 136 -16.47 10.45 -17.76
C TRP C 136 -16.39 9.82 -16.41
N TYR C 137 -17.54 9.49 -15.86
CA TYR C 137 -17.65 8.88 -14.55
C TYR C 137 -18.87 8.00 -14.55
N ILE C 138 -18.75 6.81 -13.93
CA ILE C 138 -19.89 5.91 -13.79
C ILE C 138 -20.24 5.82 -12.31
N GLN C 139 -21.54 5.96 -12.01
CA GLN C 139 -22.02 5.91 -10.64
C GLN C 139 -23.15 4.92 -10.51
N ALA C 140 -22.98 3.94 -9.60
CA ALA C 140 -24.02 2.98 -9.31
C ALA C 140 -25.12 3.72 -8.52
N THR C 141 -26.37 3.58 -8.96
CA THR C 141 -27.47 4.27 -8.30
C THR C 141 -28.71 3.41 -8.14
N CYS C 142 -29.54 3.81 -7.18
CA CYS C 142 -30.88 3.34 -7.03
C CYS C 142 -31.72 4.62 -6.95
N ALA C 143 -32.35 5.00 -8.07
CA ALA C 143 -33.10 6.24 -8.14
C ALA C 143 -34.25 6.30 -7.15
N THR C 144 -34.92 5.16 -6.91
CA THR C 144 -36.04 5.11 -5.98
C THR C 144 -35.67 5.46 -4.54
N SER C 145 -34.49 5.03 -4.12
CA SER C 145 -33.99 5.29 -2.76
C SER C 145 -33.13 6.56 -2.70
N GLY C 146 -32.68 7.05 -3.86
CA GLY C 146 -31.82 8.21 -3.97
C GLY C 146 -30.33 7.92 -3.86
N ASP C 147 -30.00 6.66 -3.53
CA ASP C 147 -28.61 6.26 -3.38
C ASP C 147 -27.76 6.46 -4.64
N GLY C 148 -26.63 7.14 -4.45
CA GLY C 148 -25.67 7.40 -5.52
C GLY C 148 -25.88 8.67 -6.30
N LEU C 149 -27.07 9.28 -6.20
CA LEU C 149 -27.38 10.49 -6.98
C LEU C 149 -26.50 11.69 -6.66
N TYR C 150 -26.35 12.00 -5.38
CA TYR C 150 -25.56 13.18 -5.00
C TYR C 150 -24.07 13.00 -5.23
N GLU C 151 -23.61 11.72 -5.25
CA GLU C 151 -22.22 11.39 -5.57
C GLU C 151 -21.96 11.67 -7.04
N GLY C 152 -22.93 11.34 -7.88
CA GLY C 152 -22.89 11.66 -9.31
C GLY C 152 -22.83 13.17 -9.51
N LEU C 153 -23.67 13.92 -8.78
CA LEU C 153 -23.69 15.38 -8.85
C LEU C 153 -22.42 16.02 -8.33
N ASP C 154 -21.76 15.39 -7.34
CA ASP C 154 -20.48 15.88 -6.84
C ASP C 154 -19.44 15.90 -7.97
N TRP C 155 -19.32 14.78 -8.72
CA TRP C 155 -18.41 14.69 -9.85
C TRP C 155 -18.75 15.72 -10.92
N LEU C 156 -20.05 15.81 -11.30
CA LEU C 156 -20.55 16.71 -12.33
C LEU C 156 -20.33 18.17 -11.97
N SER C 157 -20.64 18.57 -10.72
CA SER C 157 -20.41 19.94 -10.27
C SER C 157 -18.93 20.28 -10.32
N ASN C 158 -18.05 19.33 -9.90
CA ASN C 158 -16.60 19.52 -9.92
C ASN C 158 -16.06 19.68 -11.33
N GLN C 159 -16.65 18.98 -12.30
CA GLN C 159 -16.27 19.09 -13.70
C GLN C 159 -16.63 20.47 -14.29
N LEU C 160 -17.79 21.00 -13.90
CA LEU C 160 -18.36 22.23 -14.44
C LEU C 160 -18.23 23.50 -13.60
N ARG C 161 -17.34 23.51 -12.61
CA ARG C 161 -17.07 24.67 -11.76
C ARG C 161 -16.48 25.87 -12.55
N MET D 1 -8.74 8.66 10.66
CA MET D 1 -8.67 7.98 9.37
C MET D 1 -7.22 8.01 8.85
N ARG D 2 -6.65 6.84 8.58
CA ARG D 2 -5.28 6.78 8.10
C ARG D 2 -5.20 6.99 6.61
N ILE D 3 -4.46 8.02 6.21
CA ILE D 3 -4.27 8.37 4.81
C ILE D 3 -2.79 8.31 4.46
N LEU D 4 -2.45 7.65 3.37
CA LEU D 4 -1.08 7.66 2.86
C LEU D 4 -1.00 8.56 1.61
N MET D 5 -0.15 9.59 1.64
CA MET D 5 0.03 10.51 0.52
C MET D 5 1.33 10.22 -0.20
N VAL D 6 1.22 9.72 -1.41
CA VAL D 6 2.38 9.34 -2.21
C VAL D 6 2.36 10.00 -3.58
N GLY D 7 3.43 9.80 -4.33
CA GLY D 7 3.64 10.39 -5.63
C GLY D 7 5.11 10.70 -5.79
N LEU D 8 5.53 11.03 -7.01
CA LEU D 8 6.94 11.32 -7.28
C LEU D 8 7.40 12.54 -6.53
N ASP D 9 8.72 12.69 -6.38
CA ASP D 9 9.28 13.91 -5.81
C ASP D 9 8.86 15.05 -6.73
N ALA D 10 8.71 16.25 -6.14
CA ALA D 10 8.33 17.50 -6.81
C ALA D 10 6.87 17.56 -7.26
N ALA D 11 6.05 16.54 -6.97
CA ALA D 11 4.64 16.52 -7.35
C ALA D 11 3.82 17.59 -6.61
N GLY D 12 4.25 17.93 -5.40
CA GLY D 12 3.61 18.94 -4.58
C GLY D 12 3.06 18.41 -3.27
N LYS D 13 3.48 17.21 -2.86
CA LYS D 13 2.99 16.57 -1.63
C LYS D 13 3.18 17.43 -0.40
N THR D 14 4.41 17.93 -0.19
CA THR D 14 4.71 18.80 0.95
C THR D 14 3.94 20.08 0.93
N THR D 15 3.79 20.69 -0.25
CA THR D 15 3.00 21.90 -0.44
C THR D 15 1.56 21.66 0.02
N ILE D 16 0.99 20.53 -0.40
CA ILE D 16 -0.35 20.14 -0.05
C ILE D 16 -0.49 19.92 1.44
N LEU D 17 0.45 19.18 2.05
CA LEU D 17 0.37 18.87 3.47
C LEU D 17 0.31 20.13 4.32
N TYR D 18 1.20 21.09 4.06
CA TYR D 18 1.28 22.35 4.81
C TYR D 18 0.11 23.27 4.54
N LYS D 19 -0.40 23.25 3.29
CA LYS D 19 -1.57 24.05 2.92
C LYS D 19 -2.77 23.52 3.67
N LEU D 20 -2.93 22.19 3.70
CA LEU D 20 -4.02 21.55 4.43
C LEU D 20 -3.92 21.80 5.94
N LYS D 21 -2.72 21.67 6.51
CA LYS D 21 -2.46 21.91 7.94
C LYS D 21 -2.17 23.41 8.20
N LEU D 22 -3.24 24.19 8.06
CA LEU D 22 -3.39 25.62 8.26
C LEU D 22 -4.87 25.77 8.63
N GLY D 23 -5.50 24.62 8.89
CA GLY D 23 -6.89 24.48 9.31
C GLY D 23 -7.03 24.78 10.78
N GLU D 24 -6.23 24.07 11.59
CA GLU D 24 -6.14 24.29 13.03
C GLU D 24 -4.90 25.18 13.26
N ILE D 25 -5.04 26.25 14.10
CA ILE D 25 -4.00 27.25 14.45
C ILE D 25 -2.72 26.55 14.97
N VAL D 26 -1.84 26.09 14.01
CA VAL D 26 -0.59 25.30 14.16
C VAL D 26 -0.25 24.90 15.63
N THR D 27 -1.10 23.99 16.12
CA THR D 27 -1.11 23.37 17.43
C THR D 27 -0.05 22.27 17.40
N THR D 28 -0.02 21.54 16.28
CA THR D 28 0.82 20.41 15.95
C THR D 28 2.27 20.76 15.47
N ILE D 29 3.30 20.29 16.22
CA ILE D 29 4.74 20.47 15.92
C ILE D 29 5.27 19.13 15.36
N PRO D 30 5.88 19.09 14.15
CA PRO D 30 6.33 17.79 13.59
C PRO D 30 7.31 17.04 14.47
N THR D 31 7.39 15.70 14.30
CA THR D 31 8.20 14.85 15.17
C THR D 31 9.48 14.25 14.59
N ILE D 32 10.20 14.99 13.69
CA ILE D 32 11.47 14.57 13.07
C ILE D 32 11.30 13.40 12.09
N GLY D 33 11.62 13.67 10.83
CA GLY D 33 11.54 12.70 9.74
C GLY D 33 10.66 13.22 8.63
N PHE D 34 9.90 12.32 8.01
CA PHE D 34 8.98 12.73 6.96
C PHE D 34 7.77 13.47 7.56
N ASN D 35 6.82 13.88 6.72
CA ASN D 35 5.68 14.63 7.20
C ASN D 35 4.51 13.78 7.53
N VAL D 36 3.89 14.13 8.64
CA VAL D 36 2.66 13.53 9.15
C VAL D 36 1.90 14.58 9.90
N GLU D 37 0.67 14.85 9.47
CA GLU D 37 -0.19 15.83 10.15
C GLU D 37 -1.60 15.31 10.17
N THR D 38 -2.35 15.65 11.23
CA THR D 38 -3.74 15.29 11.37
C THR D 38 -4.54 16.49 10.93
N VAL D 39 -5.43 16.28 9.99
CA VAL D 39 -6.32 17.30 9.44
C VAL D 39 -7.75 16.98 9.77
N GLU D 40 -8.47 17.90 10.44
CA GLU D 40 -9.90 17.69 10.69
C GLU D 40 -10.67 18.37 9.56
N TYR D 41 -11.60 17.65 8.91
CA TYR D 41 -12.36 18.25 7.85
C TYR D 41 -13.84 18.47 8.22
N LYS D 42 -14.77 17.68 7.71
CA LYS D 42 -16.15 17.91 8.06
C LYS D 42 -16.45 16.99 9.21
N ASN D 43 -15.82 17.31 10.37
CA ASN D 43 -15.92 16.56 11.63
C ASN D 43 -15.30 15.15 11.57
N ILE D 44 -14.39 14.97 10.63
CA ILE D 44 -13.66 13.74 10.38
C ILE D 44 -12.18 14.06 10.50
N SER D 45 -11.42 13.28 11.29
CA SER D 45 -9.99 13.54 11.46
C SER D 45 -9.15 12.61 10.61
N PHE D 46 -8.30 13.17 9.73
CA PHE D 46 -7.44 12.40 8.85
C PHE D 46 -6.00 12.57 9.23
N THR D 47 -5.32 11.46 9.50
CA THR D 47 -3.89 11.48 9.72
C THR D 47 -3.27 11.20 8.35
N VAL D 48 -2.65 12.23 7.75
CA VAL D 48 -2.02 12.08 6.43
C VAL D 48 -0.50 11.93 6.50
N TRP D 49 -0.01 10.79 6.03
CA TRP D 49 1.39 10.44 6.00
C TRP D 49 1.99 10.72 4.65
N ASP D 50 3.16 11.36 4.63
CA ASP D 50 3.89 11.57 3.39
C ASP D 50 4.94 10.45 3.32
N VAL D 51 4.64 9.49 2.50
CA VAL D 51 5.38 8.25 2.26
C VAL D 51 6.29 8.41 1.03
N GLY D 52 5.99 9.42 0.18
CA GLY D 52 6.70 9.79 -1.05
C GLY D 52 8.22 9.88 -0.92
N GLY D 53 8.69 9.53 0.28
CA GLY D 53 10.08 9.35 0.71
C GLY D 53 10.37 7.87 0.77
N GLN D 54 10.40 7.24 -0.44
CA GLN D 54 10.61 5.83 -0.68
C GLN D 54 11.74 5.53 -1.63
N ASP D 55 11.87 6.36 -2.72
CA ASP D 55 12.81 6.21 -3.85
C ASP D 55 12.26 4.99 -4.62
N LYS D 56 12.21 3.85 -3.90
CA LYS D 56 11.69 2.52 -4.18
C LYS D 56 11.76 1.89 -2.77
N ILE D 57 13.03 1.82 -2.27
CA ILE D 57 13.61 1.23 -1.07
C ILE D 57 12.82 1.20 0.25
N ARG D 58 11.51 1.55 0.29
CA ARG D 58 10.79 1.47 1.57
C ARG D 58 9.59 0.51 1.69
N PRO D 59 9.87 -0.77 1.98
CA PRO D 59 8.80 -1.72 2.26
C PRO D 59 8.52 -1.67 3.77
N LEU D 60 8.97 -0.57 4.42
CA LEU D 60 8.87 -0.34 5.86
C LEU D 60 7.57 0.35 6.21
N TRP D 61 6.80 0.69 5.16
CA TRP D 61 5.49 1.29 5.26
C TRP D 61 4.36 0.23 5.46
N ARG D 62 4.69 -1.08 5.23
CA ARG D 62 3.82 -2.22 5.54
C ARG D 62 3.76 -2.15 7.05
N HIS D 63 2.59 -2.40 7.65
CA HIS D 63 2.35 -2.27 9.11
C HIS D 63 1.22 -1.27 9.12
N TYR D 64 1.50 -0.11 8.49
CA TYR D 64 0.58 0.98 8.28
C TYR D 64 -0.37 0.61 7.17
N PHE D 65 0.06 -0.27 6.22
CA PHE D 65 -0.76 -0.73 5.08
C PHE D 65 -2.03 -1.43 5.52
N GLN D 66 -2.01 -2.25 6.60
CA GLN D 66 -3.20 -2.87 7.20
C GLN D 66 -3.91 -1.68 7.90
N ASN D 67 -5.25 -1.53 7.74
CA ASN D 67 -6.06 -0.40 8.24
C ASN D 67 -5.53 0.99 7.76
N THR D 68 -5.04 1.04 6.52
CA THR D 68 -4.47 2.25 5.95
C THR D 68 -5.46 3.20 5.32
N GLN D 69 -6.74 2.83 5.27
CA GLN D 69 -7.96 3.46 4.71
C GLN D 69 -8.03 4.26 3.39
N GLY D 70 -7.16 5.24 3.16
CA GLY D 70 -7.20 6.06 1.95
C GLY D 70 -5.83 6.43 1.43
N LEU D 71 -5.71 6.53 0.11
CA LEU D 71 -4.47 6.91 -0.57
C LEU D 71 -4.68 8.21 -1.31
N ILE D 72 -3.76 9.16 -1.15
CA ILE D 72 -3.75 10.39 -1.92
C ILE D 72 -2.57 10.29 -2.85
N PHE D 73 -2.81 10.20 -4.15
CA PHE D 73 -1.74 10.15 -5.14
C PHE D 73 -1.62 11.51 -5.82
N VAL D 74 -0.49 12.20 -5.58
CA VAL D 74 -0.25 13.53 -6.14
C VAL D 74 0.60 13.43 -7.39
N VAL D 75 0.09 14.03 -8.50
CA VAL D 75 0.76 14.04 -9.79
C VAL D 75 1.07 15.45 -10.25
N ASP D 76 2.29 15.69 -10.74
CA ASP D 76 2.62 16.99 -11.33
C ASP D 76 2.07 16.93 -12.76
N SER D 77 0.93 17.61 -12.98
CA SER D 77 0.22 17.61 -14.25
C SER D 77 0.96 18.27 -15.40
N ASN D 78 2.00 19.05 -15.08
CA ASN D 78 2.84 19.70 -16.07
C ASN D 78 4.03 18.82 -16.51
N ASP D 79 4.33 17.77 -15.75
CA ASP D 79 5.46 16.90 -16.02
C ASP D 79 5.11 15.70 -16.86
N ARG D 80 5.02 15.93 -18.18
CA ARG D 80 4.72 14.87 -19.14
C ARG D 80 5.83 13.81 -19.18
N GLU D 81 7.09 14.24 -19.06
CA GLU D 81 8.26 13.37 -19.10
C GLU D 81 8.19 12.28 -18.03
N ARG D 82 7.62 12.58 -16.88
CA ARG D 82 7.56 11.62 -15.78
C ARG D 82 6.16 11.04 -15.50
N VAL D 83 5.17 11.33 -16.35
CA VAL D 83 3.81 10.82 -16.11
C VAL D 83 3.73 9.28 -16.12
N ASN D 84 4.51 8.62 -16.98
CA ASN D 84 4.54 7.17 -17.03
C ASN D 84 5.17 6.60 -15.78
N GLU D 85 6.23 7.27 -15.26
CA GLU D 85 6.88 6.87 -14.01
C GLU D 85 5.88 7.01 -12.86
N ALA D 86 5.07 8.09 -12.86
CA ALA D 86 4.02 8.28 -11.86
C ALA D 86 3.01 7.12 -11.91
N ARG D 87 2.58 6.73 -13.13
CA ARG D 87 1.68 5.60 -13.33
C ARG D 87 2.30 4.34 -12.72
N GLU D 88 3.59 4.08 -13.01
CA GLU D 88 4.30 2.90 -12.49
C GLU D 88 4.29 2.86 -10.97
N GLU D 89 4.58 4.01 -10.32
CA GLU D 89 4.61 4.11 -8.86
C GLU D 89 3.22 3.90 -8.27
N LEU D 90 2.19 4.42 -8.96
CA LEU D 90 0.82 4.22 -8.51
C LEU D 90 0.42 2.77 -8.57
N MET D 91 0.69 2.12 -9.71
CA MET D 91 0.33 0.72 -9.90
C MET D 91 1.09 -0.20 -8.96
N ARG D 92 2.36 0.12 -8.65
CA ARG D 92 3.22 -0.62 -7.71
C ARG D 92 2.59 -0.59 -6.31
N MET D 93 2.03 0.57 -5.93
CA MET D 93 1.35 0.73 -4.65
C MET D 93 0.02 -0.04 -4.64
N LEU D 94 -0.79 0.13 -5.69
CA LEU D 94 -2.10 -0.51 -5.80
C LEU D 94 -2.03 -2.03 -5.85
N ALA D 95 -0.88 -2.59 -6.24
CA ALA D 95 -0.65 -4.02 -6.31
C ALA D 95 -0.55 -4.66 -4.92
N GLU D 96 -0.27 -3.84 -3.89
CA GLU D 96 -0.13 -4.31 -2.50
C GLU D 96 -1.43 -4.83 -1.92
N ASP D 97 -1.46 -6.11 -1.51
CA ASP D 97 -2.64 -6.74 -0.92
C ASP D 97 -3.16 -5.98 0.29
N GLU D 98 -2.24 -5.46 1.11
CA GLU D 98 -2.62 -4.71 2.29
C GLU D 98 -3.47 -3.46 1.98
N LEU D 99 -3.37 -2.92 0.75
CA LEU D 99 -4.09 -1.72 0.34
C LEU D 99 -5.31 -2.00 -0.54
N ARG D 100 -5.67 -3.28 -0.73
CA ARG D 100 -6.79 -3.73 -1.57
C ARG D 100 -8.14 -2.99 -1.29
N ASP D 101 -8.36 -2.55 -0.05
CA ASP D 101 -9.59 -1.89 0.35
C ASP D 101 -9.48 -0.39 0.45
N ALA D 102 -8.28 0.14 0.29
CA ALA D 102 -8.07 1.58 0.37
C ALA D 102 -8.75 2.34 -0.77
N VAL D 103 -9.36 3.47 -0.46
CA VAL D 103 -9.94 4.40 -1.45
C VAL D 103 -8.80 5.29 -2.02
N LEU D 104 -8.91 5.68 -3.28
CA LEU D 104 -7.86 6.43 -3.95
C LEU D 104 -8.31 7.81 -4.41
N LEU D 105 -7.65 8.84 -3.90
CA LEU D 105 -7.88 10.20 -4.35
C LEU D 105 -6.66 10.64 -5.13
N VAL D 106 -6.84 10.99 -6.40
CA VAL D 106 -5.73 11.47 -7.23
C VAL D 106 -5.79 12.99 -7.33
N PHE D 107 -4.71 13.67 -6.93
CA PHE D 107 -4.63 15.11 -7.11
C PHE D 107 -3.83 15.38 -8.38
N ALA D 108 -4.51 15.88 -9.45
CA ALA D 108 -3.85 16.26 -10.69
C ALA D 108 -3.40 17.69 -10.42
N ASN D 109 -2.22 17.81 -9.84
CA ASN D 109 -1.68 19.07 -9.33
C ASN D 109 -1.00 19.95 -10.36
N LYS D 110 -0.77 21.20 -9.98
CA LYS D 110 -0.09 22.23 -10.78
C LYS D 110 -0.91 22.67 -11.98
N GLN D 111 -2.24 22.72 -11.80
CA GLN D 111 -3.16 23.15 -12.84
C GLN D 111 -3.00 24.63 -13.21
N ASP D 112 -2.28 25.41 -12.39
CA ASP D 112 -1.99 26.82 -12.65
C ASP D 112 -1.02 27.00 -13.82
N LEU D 113 -0.19 25.98 -14.09
CA LEU D 113 0.79 26.04 -15.17
C LEU D 113 0.08 25.92 -16.53
N PRO D 114 0.46 26.78 -17.50
CA PRO D 114 -0.26 26.80 -18.78
C PRO D 114 -0.26 25.52 -19.58
N ASN D 115 0.80 24.71 -19.45
CA ASN D 115 0.93 23.45 -20.18
C ASN D 115 0.49 22.23 -19.37
N ALA D 116 -0.16 22.45 -18.21
CA ALA D 116 -0.64 21.34 -17.40
C ALA D 116 -1.69 20.50 -18.12
N MET D 117 -1.56 19.16 -18.02
CA MET D 117 -2.52 18.21 -18.57
C MET D 117 -3.73 18.27 -17.66
N ASN D 118 -4.91 18.25 -18.28
CA ASN D 118 -6.24 18.28 -17.71
C ASN D 118 -6.52 16.99 -16.86
N ALA D 119 -7.51 17.01 -15.92
CA ALA D 119 -7.85 15.79 -15.14
C ALA D 119 -8.22 14.62 -16.08
N ALA D 120 -8.96 14.89 -17.19
CA ALA D 120 -9.30 13.86 -18.18
C ALA D 120 -8.07 13.26 -18.81
N GLU D 121 -7.09 14.11 -19.19
CA GLU D 121 -5.85 13.62 -19.79
C GLU D 121 -5.03 12.78 -18.79
N ILE D 122 -4.91 13.26 -17.54
CA ILE D 122 -4.18 12.52 -16.50
C ILE D 122 -4.85 11.17 -16.24
N THR D 123 -6.19 11.13 -16.25
CA THR D 123 -6.95 9.90 -16.06
C THR D 123 -6.49 8.85 -17.07
N ASP D 124 -6.35 9.26 -18.34
CA ASP D 124 -5.91 8.39 -19.42
C ASP D 124 -4.46 7.94 -19.21
N LYS D 125 -3.57 8.90 -18.91
CA LYS D 125 -2.17 8.62 -18.72
C LYS D 125 -1.86 7.67 -17.54
N LEU D 126 -2.70 7.71 -16.50
CA LEU D 126 -2.53 6.89 -15.30
C LEU D 126 -3.28 5.57 -15.41
N GLY D 127 -4.11 5.45 -16.44
CA GLY D 127 -4.91 4.25 -16.68
C GLY D 127 -5.96 3.97 -15.62
N LEU D 128 -6.48 5.05 -14.99
CA LEU D 128 -7.56 4.93 -14.00
C LEU D 128 -8.76 4.68 -14.98
N HIS D 129 -9.80 3.95 -14.64
CA HIS D 129 -10.89 3.58 -15.61
C HIS D 129 -10.60 2.14 -15.95
N SER D 130 -9.28 1.70 -15.97
CA SER D 130 -8.98 0.26 -16.10
C SER D 130 -9.10 -0.42 -14.72
N LEU D 131 -9.04 0.37 -13.62
CA LEU D 131 -9.20 -0.14 -12.23
C LEU D 131 -10.67 -0.64 -12.09
N ARG D 132 -10.90 -1.91 -11.75
CA ARG D 132 -12.25 -2.52 -11.71
C ARG D 132 -12.56 -3.13 -10.33
N HIS D 133 -12.20 -2.44 -9.25
CA HIS D 133 -12.33 -2.98 -7.88
C HIS D 133 -12.04 -1.88 -6.84
N ARG D 134 -11.96 -0.64 -7.31
CA ARG D 134 -11.43 0.47 -6.55
C ARG D 134 -12.30 1.71 -6.52
N ASN D 135 -12.49 2.30 -5.33
CA ASN D 135 -13.20 3.57 -5.21
C ASN D 135 -12.14 4.63 -5.47
N TRP D 136 -12.30 5.40 -6.56
CA TRP D 136 -11.31 6.41 -6.93
C TRP D 136 -11.93 7.68 -7.44
N TYR D 137 -11.19 8.78 -7.31
CA TYR D 137 -11.62 10.10 -7.73
C TYR D 137 -10.39 10.88 -8.13
N ILE D 138 -10.50 11.66 -9.21
CA ILE D 138 -9.43 12.54 -9.65
C ILE D 138 -9.90 13.97 -9.49
N GLN D 139 -9.04 14.80 -8.89
CA GLN D 139 -9.35 16.19 -8.64
C GLN D 139 -8.23 17.07 -9.17
N ALA D 140 -8.59 18.00 -10.08
CA ALA D 140 -7.64 18.97 -10.59
C ALA D 140 -7.36 19.97 -9.45
N THR D 141 -6.06 20.21 -9.19
CA THR D 141 -5.68 21.11 -8.10
C THR D 141 -4.55 22.04 -8.45
N CYS D 142 -4.48 23.12 -7.71
CA CYS D 142 -3.33 24.00 -7.68
C CYS D 142 -3.01 24.14 -6.18
N ALA D 143 -2.00 23.40 -5.72
CA ALA D 143 -1.65 23.37 -4.31
C ALA D 143 -1.25 24.74 -3.76
N THR D 144 -0.53 25.54 -4.55
CA THR D 144 -0.09 26.87 -4.16
C THR D 144 -1.25 27.84 -3.86
N SER D 145 -2.33 27.73 -4.65
CA SER D 145 -3.51 28.58 -4.45
C SER D 145 -4.56 27.92 -3.56
N GLY D 146 -4.44 26.61 -3.35
CA GLY D 146 -5.38 25.83 -2.54
C GLY D 146 -6.56 25.29 -3.33
N ASP D 147 -6.71 25.73 -4.60
CA ASP D 147 -7.83 25.32 -5.45
C ASP D 147 -7.92 23.81 -5.66
N GLY D 148 -9.10 23.28 -5.41
CA GLY D 148 -9.40 21.87 -5.59
C GLY D 148 -9.13 20.97 -4.40
N LEU D 149 -8.37 21.44 -3.40
CA LEU D 149 -8.02 20.62 -2.24
C LEU D 149 -9.20 20.19 -1.40
N TYR D 150 -10.07 21.13 -1.05
CA TYR D 150 -11.20 20.79 -0.21
C TYR D 150 -12.26 19.96 -0.93
N GLU D 151 -12.32 20.06 -2.26
CA GLU D 151 -13.21 19.24 -3.09
C GLU D 151 -12.73 17.78 -3.03
N GLY D 152 -11.42 17.59 -3.07
CA GLY D 152 -10.80 16.28 -2.91
C GLY D 152 -11.16 15.70 -1.54
N LEU D 153 -11.02 16.51 -0.49
CA LEU D 153 -11.36 16.11 0.87
C LEU D 153 -12.86 15.82 1.05
N ASP D 154 -13.74 16.51 0.31
CA ASP D 154 -15.18 16.24 0.35
C ASP D 154 -15.44 14.79 -0.08
N TRP D 155 -14.84 14.38 -1.22
CA TRP D 155 -14.97 13.00 -1.71
C TRP D 155 -14.42 11.99 -0.71
N LEU D 156 -13.20 12.25 -0.19
CA LEU D 156 -12.51 11.36 0.73
C LEU D 156 -13.28 11.21 2.04
N SER D 157 -13.79 12.32 2.61
CA SER D 157 -14.60 12.29 3.84
C SER D 157 -15.86 11.46 3.61
N ASN D 158 -16.52 11.64 2.44
CA ASN D 158 -17.74 10.90 2.10
C ASN D 158 -17.49 9.41 1.97
N GLN D 159 -16.33 9.04 1.42
CA GLN D 159 -15.94 7.62 1.28
C GLN D 159 -15.74 6.94 2.65
N LEU D 160 -15.07 7.64 3.56
CA LEU D 160 -14.62 7.08 4.82
C LEU D 160 -15.52 7.23 6.04
N ARG D 161 -16.41 8.22 6.04
CA ARG D 161 -17.30 8.46 7.19
C ARG D 161 -17.97 7.19 7.71
N ASN D 162 -18.08 7.03 9.06
CA ASN D 162 -18.69 5.83 9.64
C ASN D 162 -20.06 6.20 10.17
N GLN D 163 -21.11 5.38 9.87
CA GLN D 163 -22.47 5.65 10.36
C GLN D 163 -22.52 5.61 11.91
N LYS D 164 -21.67 4.76 12.53
CA LYS D 164 -21.53 4.63 13.98
C LYS D 164 -20.16 4.06 14.33
N PHE E 16 30.95 39.82 16.41
CA PHE E 16 32.16 40.65 16.46
C PHE E 16 31.89 42.10 16.05
N SER E 17 32.73 43.03 16.54
CA SER E 17 32.66 44.47 16.33
C SER E 17 31.34 45.11 16.78
N ASN E 18 31.39 45.60 18.03
CA ASN E 18 30.46 46.39 18.87
C ASN E 18 29.46 47.32 18.14
N ASP E 19 29.80 47.72 16.87
CA ASP E 19 29.11 48.63 15.93
C ASP E 19 27.65 48.31 15.66
N VAL E 20 26.76 49.29 15.89
CA VAL E 20 25.31 49.17 15.69
C VAL E 20 24.93 48.76 14.26
N ILE E 21 25.49 49.46 13.25
CA ILE E 21 25.24 49.18 11.83
C ILE E 21 25.73 47.79 11.36
N ARG E 22 26.95 47.43 11.72
CA ARG E 22 27.52 46.13 11.37
C ARG E 22 26.74 44.98 12.01
N LYS E 23 26.38 45.11 13.29
CA LYS E 23 25.58 44.11 13.99
C LYS E 23 24.19 43.98 13.33
N ARG E 24 23.63 45.12 12.85
CA ARG E 24 22.34 45.16 12.15
C ARG E 24 22.46 44.43 10.82
N HIS E 25 23.59 44.62 10.12
CA HIS E 25 23.84 43.94 8.86
C HIS E 25 24.03 42.44 9.03
N TYR E 26 24.75 42.04 10.08
CA TYR E 26 24.94 40.62 10.40
C TYR E 26 23.55 39.97 10.70
N ARG E 27 22.72 40.62 11.56
CA ARG E 27 21.37 40.19 11.91
C ARG E 27 20.52 40.12 10.63
N ILE E 28 20.71 41.07 9.68
CA ILE E 28 20.00 41.09 8.40
C ILE E 28 20.34 39.84 7.57
N GLY E 29 21.64 39.47 7.54
CA GLY E 29 22.09 38.25 6.88
C GLY E 29 21.39 37.00 7.39
N LEU E 30 21.32 36.90 8.72
CA LEU E 30 20.68 35.79 9.39
C LEU E 30 19.19 35.77 9.08
N ASN E 31 18.54 36.95 9.03
CA ASN E 31 17.11 37.07 8.71
C ASN E 31 16.87 36.61 7.30
N LEU E 32 17.76 36.96 6.37
CA LEU E 32 17.68 36.55 4.97
C LEU E 32 17.87 35.06 4.82
N PHE E 33 18.77 34.46 5.59
CA PHE E 33 19.02 33.02 5.55
C PHE E 33 17.77 32.26 5.93
N ASN E 34 17.15 32.67 7.02
CA ASN E 34 15.98 32.01 7.57
C ASN E 34 14.76 32.08 6.63
N LYS E 35 14.76 33.01 5.67
CA LYS E 35 13.72 33.14 4.68
C LYS E 35 14.12 32.39 3.42
N LYS E 36 15.40 32.53 2.98
CA LYS E 36 15.98 31.90 1.78
C LYS E 36 17.46 31.58 2.07
N PRO E 37 17.81 30.30 2.36
CA PRO E 37 19.19 29.98 2.78
C PRO E 37 20.28 30.26 1.78
N GLU E 38 19.98 30.10 0.51
CA GLU E 38 20.95 30.31 -0.56
C GLU E 38 21.26 31.82 -0.64
N LYS E 39 20.21 32.65 -0.45
CA LYS E 39 20.31 34.12 -0.46
C LYS E 39 21.00 34.66 0.78
N GLY E 40 20.71 34.07 1.92
CA GLY E 40 21.31 34.47 3.18
C GLY E 40 22.80 34.20 3.18
N VAL E 41 23.22 33.03 2.68
CA VAL E 41 24.62 32.67 2.61
C VAL E 41 25.39 33.60 1.68
N GLN E 42 24.83 33.87 0.49
CA GLN E 42 25.45 34.79 -0.47
C GLN E 42 25.69 36.15 0.18
N TYR E 43 24.67 36.67 0.87
CA TYR E 43 24.70 37.95 1.58
C TYR E 43 25.82 38.01 2.60
N LEU E 44 25.93 36.98 3.44
CA LEU E 44 26.93 36.88 4.51
C LEU E 44 28.34 36.83 3.97
N ILE E 45 28.53 36.07 2.88
CA ILE E 45 29.82 36.00 2.21
C ILE E 45 30.20 37.38 1.65
N GLU E 46 29.27 38.02 0.90
CA GLU E 46 29.50 39.32 0.30
C GLU E 46 29.81 40.40 1.32
N ARG E 47 29.21 40.28 2.52
CA ARG E 47 29.43 41.27 3.58
C ARG E 47 30.50 40.89 4.58
N GLY E 48 31.33 39.93 4.19
CA GLY E 48 32.47 39.46 4.96
C GLY E 48 32.16 38.96 6.36
N PHE E 49 31.06 38.24 6.49
CA PHE E 49 30.70 37.67 7.78
C PHE E 49 30.94 36.17 7.76
N VAL E 50 31.19 35.63 6.58
CA VAL E 50 31.38 34.20 6.35
C VAL E 50 32.41 34.06 5.21
N PRO E 51 33.44 33.19 5.35
CA PRO E 51 34.39 32.98 4.23
C PRO E 51 33.71 32.13 3.15
N ASP E 52 34.18 32.21 1.90
CA ASP E 52 33.56 31.57 0.74
C ASP E 52 33.76 30.06 0.56
N THR E 53 34.57 29.44 1.40
CA THR E 53 34.81 28.01 1.26
C THR E 53 33.64 27.19 1.85
N PRO E 54 33.38 26.00 1.27
CA PRO E 54 32.36 25.10 1.82
C PRO E 54 32.59 24.74 3.28
N VAL E 55 33.89 24.62 3.68
CA VAL E 55 34.28 24.27 5.05
C VAL E 55 33.94 25.39 6.02
N GLY E 56 34.09 26.62 5.55
CA GLY E 56 33.85 27.83 6.34
C GLY E 56 32.38 28.00 6.58
N VAL E 57 31.58 27.77 5.55
CA VAL E 57 30.12 27.87 5.62
C VAL E 57 29.58 26.74 6.50
N ALA E 58 30.18 25.53 6.40
CA ALA E 58 29.80 24.35 7.20
C ALA E 58 29.96 24.66 8.71
N HIS E 59 31.12 25.24 9.06
CA HIS E 59 31.46 25.63 10.43
C HIS E 59 30.47 26.65 10.92
N PHE E 60 30.23 27.67 10.10
CA PHE E 60 29.34 28.78 10.36
C PHE E 60 27.93 28.33 10.75
N LEU E 61 27.35 27.41 9.94
CA LEU E 61 26.01 26.85 10.16
C LEU E 61 25.99 26.07 11.45
N LEU E 62 27.01 25.21 11.65
CA LEU E 62 27.12 24.36 12.83
C LEU E 62 27.23 25.17 14.13
N GLN E 63 28.12 26.19 14.15
CA GLN E 63 28.34 27.03 15.33
C GLN E 63 27.32 28.17 15.50
N ARG E 64 27.45 29.25 14.69
CA ARG E 64 26.67 30.49 14.80
C ARG E 64 25.16 30.39 15.04
N LYS E 65 24.76 30.93 16.20
CA LYS E 65 23.39 31.00 16.72
C LYS E 65 22.62 32.03 15.89
N GLY E 66 21.30 31.93 15.95
CA GLY E 66 20.42 32.81 15.22
C GLY E 66 19.93 32.20 13.93
N LEU E 67 20.42 31.01 13.58
CA LEU E 67 19.98 30.30 12.38
C LEU E 67 18.94 29.25 12.75
N SER E 68 17.87 29.21 11.96
CA SER E 68 16.77 28.26 12.08
C SER E 68 17.31 26.87 11.68
N ARG E 69 17.19 25.84 12.57
CA ARG E 69 17.70 24.48 12.30
C ARG E 69 16.95 23.73 11.21
N GLN E 70 15.69 24.13 10.96
CA GLN E 70 14.87 23.59 9.86
C GLN E 70 15.47 24.13 8.56
N MET E 71 15.77 25.42 8.55
CA MET E 71 16.39 26.08 7.42
C MET E 71 17.81 25.59 7.14
N ILE E 72 18.57 25.19 8.20
CA ILE E 72 19.91 24.59 8.02
C ILE E 72 19.74 23.31 7.19
N GLY E 73 18.72 22.53 7.53
CA GLY E 73 18.34 21.30 6.83
C GLY E 73 17.95 21.57 5.38
N GLU E 74 17.16 22.64 5.15
CA GLU E 74 16.72 23.04 3.82
C GLU E 74 17.91 23.31 2.92
N PHE E 75 18.90 24.06 3.45
CA PHE E 75 20.11 24.44 2.72
C PHE E 75 20.99 23.23 2.44
N LEU E 76 21.24 22.42 3.45
CA LEU E 76 22.09 21.25 3.35
C LEU E 76 21.53 20.16 2.43
N GLY E 77 20.22 19.99 2.39
CA GLY E 77 19.63 18.94 1.59
C GLY E 77 19.37 19.30 0.14
N ASN E 78 19.97 20.43 -0.35
CA ASN E 78 19.75 20.98 -1.68
C ASN E 78 19.92 20.06 -2.85
N ARG E 79 20.93 19.17 -2.84
CA ARG E 79 21.21 18.22 -3.94
C ARG E 79 21.40 18.80 -5.34
N GLN E 80 20.74 19.93 -5.67
CA GLN E 80 20.91 20.55 -6.96
C GLN E 80 22.10 21.47 -7.00
N LYS E 81 22.43 22.17 -5.89
CA LYS E 81 23.57 23.08 -5.88
C LYS E 81 24.87 22.43 -5.46
N GLN E 82 25.87 22.55 -6.36
CA GLN E 82 27.18 21.98 -6.12
C GLN E 82 27.85 22.54 -4.89
N PHE E 83 27.59 23.82 -4.53
CA PHE E 83 28.15 24.39 -3.32
C PHE E 83 27.57 23.74 -2.07
N ASN E 84 26.24 23.60 -2.03
CA ASN E 84 25.51 23.01 -0.91
C ASN E 84 25.93 21.58 -0.62
N ARG E 85 26.17 20.80 -1.70
CA ARG E 85 26.59 19.42 -1.60
C ARG E 85 27.93 19.34 -0.88
N ASP E 86 28.86 20.25 -1.25
CA ASP E 86 30.17 20.35 -0.62
C ASP E 86 30.08 20.82 0.82
N VAL E 87 29.13 21.73 1.11
CA VAL E 87 28.90 22.22 2.47
C VAL E 87 28.46 21.05 3.34
N LEU E 88 27.48 20.25 2.85
CA LEU E 88 26.97 19.08 3.56
C LEU E 88 28.06 18.08 3.86
N ASP E 89 28.88 17.74 2.85
CA ASP E 89 29.99 16.80 3.02
C ASP E 89 30.95 17.28 4.10
N CYS E 90 31.27 18.60 4.13
CA CYS E 90 32.14 19.16 5.18
C CYS E 90 31.48 19.03 6.52
N VAL E 91 30.17 19.34 6.58
CA VAL E 91 29.36 19.30 7.80
C VAL E 91 29.43 17.90 8.42
N VAL E 92 29.17 16.86 7.58
CA VAL E 92 29.16 15.47 8.00
C VAL E 92 30.56 15.00 8.37
N ASP E 93 31.59 15.49 7.68
CA ASP E 93 32.98 15.12 7.97
C ASP E 93 33.49 15.68 9.29
N GLU E 94 32.81 16.69 9.84
CA GLU E 94 33.18 17.25 11.14
C GLU E 94 32.68 16.34 12.27
N MET E 95 31.72 15.44 11.96
CA MET E 95 31.13 14.52 12.92
C MET E 95 31.96 13.28 13.07
N ASP E 96 32.04 12.82 14.33
CA ASP E 96 32.77 11.68 14.84
C ASP E 96 31.80 10.53 15.13
N PHE E 97 31.60 9.64 14.16
CA PHE E 97 30.66 8.52 14.32
C PHE E 97 31.32 7.21 14.70
N SER E 98 32.67 7.17 14.68
CA SER E 98 33.42 5.97 15.02
C SER E 98 33.06 5.45 16.39
N THR E 99 32.84 4.13 16.46
CA THR E 99 32.50 3.42 17.69
C THR E 99 31.17 3.83 18.34
N MET E 100 30.25 4.32 17.52
CA MET E 100 28.89 4.64 17.97
C MET E 100 27.97 3.70 17.25
N GLU E 101 26.86 3.33 17.90
CA GLU E 101 25.85 2.52 17.22
C GLU E 101 25.04 3.48 16.35
N LEU E 102 24.26 2.95 15.42
CA LEU E 102 23.52 3.78 14.47
C LEU E 102 22.60 4.82 15.07
N ASP E 103 21.87 4.46 16.14
CA ASP E 103 20.96 5.43 16.76
C ASP E 103 21.73 6.57 17.41
N GLU E 104 22.85 6.26 18.10
CA GLU E 104 23.70 7.23 18.79
C GLU E 104 24.29 8.20 17.80
N ALA E 105 24.75 7.68 16.63
CA ALA E 105 25.31 8.50 15.58
C ALA E 105 24.22 9.43 15.00
N LEU E 106 23.02 8.89 14.78
CA LEU E 106 21.91 9.66 14.22
C LEU E 106 21.45 10.72 15.16
N ARG E 107 21.44 10.42 16.49
CA ARG E 107 21.08 11.39 17.52
C ARG E 107 22.00 12.61 17.41
N LYS E 108 23.31 12.38 17.26
CA LYS E 108 24.34 13.41 17.14
C LYS E 108 24.11 14.27 15.89
N PHE E 109 23.94 13.61 14.74
CA PHE E 109 23.74 14.29 13.47
C PHE E 109 22.46 15.12 13.47
N GLN E 110 21.34 14.49 13.85
CA GLN E 110 20.02 15.13 13.87
C GLN E 110 19.87 16.21 14.89
N ALA E 111 20.85 16.37 15.81
CA ALA E 111 20.77 17.44 16.80
C ALA E 111 21.16 18.77 16.20
N HIS E 112 22.07 18.76 15.23
CA HIS E 112 22.54 20.01 14.64
C HIS E 112 21.72 20.66 13.53
N ILE E 113 20.87 19.86 12.89
CA ILE E 113 20.06 20.24 11.75
C ILE E 113 18.70 19.57 11.89
N ARG E 114 17.60 20.19 11.48
CA ARG E 114 16.32 19.51 11.57
C ARG E 114 16.14 18.73 10.27
N VAL E 115 16.08 17.40 10.47
CA VAL E 115 15.91 16.42 9.42
C VAL E 115 14.44 16.19 9.38
N GLN E 116 13.67 17.18 8.95
CA GLN E 116 12.23 17.00 8.84
C GLN E 116 11.63 17.83 7.73
N GLY E 117 10.69 17.23 6.99
CA GLY E 117 9.99 17.93 5.92
C GLY E 117 9.89 17.16 4.63
N LYS E 118 10.25 17.82 3.50
CA LYS E 118 10.29 17.32 2.12
C LYS E 118 11.03 15.99 2.05
N ALA E 119 10.38 14.96 1.44
CA ALA E 119 10.94 13.60 1.33
C ALA E 119 12.35 13.58 0.76
N GLN E 120 12.58 14.36 -0.33
CA GLN E 120 13.88 14.43 -0.99
C GLN E 120 14.94 15.08 -0.12
N LYS E 121 14.54 16.03 0.75
CA LYS E 121 15.46 16.72 1.63
C LYS E 121 15.90 15.77 2.70
N VAL E 122 14.94 15.03 3.29
CA VAL E 122 15.25 14.07 4.36
C VAL E 122 16.16 12.96 3.85
N GLU E 123 15.88 12.46 2.63
CA GLU E 123 16.65 11.42 1.95
C GLU E 123 18.10 11.86 1.71
N ARG E 124 18.34 13.10 1.17
CA ARG E 124 19.68 13.63 0.90
C ARG E 124 20.51 13.68 2.18
N LEU E 125 19.92 14.21 3.26
CA LEU E 125 20.57 14.24 4.56
C LEU E 125 20.39 12.78 4.93
N ILE E 126 21.02 12.19 5.90
CA ILE E 126 20.70 10.77 6.06
C ILE E 126 21.33 9.85 4.98
N GLU E 127 21.29 10.13 3.66
CA GLU E 127 22.15 9.36 2.72
C GLU E 127 23.62 9.88 2.92
N ALA E 128 23.78 11.20 3.14
CA ALA E 128 25.07 11.83 3.42
C ALA E 128 25.59 11.33 4.76
N PHE E 129 24.67 11.23 5.71
CA PHE E 129 24.93 10.69 7.05
C PHE E 129 25.36 9.21 6.98
N SER E 130 24.60 8.39 6.23
CA SER E 130 24.87 6.97 6.08
C SER E 130 26.20 6.69 5.42
N GLN E 131 26.60 7.51 4.46
CA GLN E 131 27.90 7.33 3.84
C GLN E 131 29.00 7.54 4.88
N ARG E 132 28.85 8.59 5.70
CA ARG E 132 29.83 8.92 6.74
C ARG E 132 29.88 7.85 7.83
N TYR E 133 28.70 7.37 8.28
CA TYR E 133 28.65 6.32 9.29
C TYR E 133 29.41 5.09 8.82
N CYS E 134 29.17 4.65 7.59
CA CYS E 134 29.85 3.50 7.00
C CYS E 134 31.38 3.66 6.90
N ILE E 135 31.84 4.89 6.62
CA ILE E 135 33.27 5.19 6.53
C ILE E 135 33.92 5.06 7.93
N CYS E 136 33.22 5.57 8.96
CA CYS E 136 33.68 5.57 10.36
C CYS E 136 33.54 4.23 11.03
N ASN E 137 32.70 3.36 10.46
CA ASN E 137 32.41 2.07 11.06
C ASN E 137 32.44 1.00 9.97
N PRO E 138 33.63 0.71 9.39
CA PRO E 138 33.71 -0.30 8.32
C PRO E 138 33.49 -1.74 8.81
N GLY E 139 33.71 -2.00 10.10
CA GLY E 139 33.49 -3.33 10.69
C GLY E 139 32.03 -3.73 10.79
N VAL E 140 31.15 -2.72 10.87
CA VAL E 140 29.69 -2.90 10.95
C VAL E 140 29.15 -3.20 9.56
N VAL E 141 29.62 -2.46 8.56
CA VAL E 141 29.21 -2.64 7.16
C VAL E 141 29.58 -4.01 6.58
N ARG E 142 30.62 -4.65 7.14
CA ARG E 142 31.03 -5.99 6.74
C ARG E 142 30.03 -7.08 7.17
N GLN E 143 29.32 -6.86 8.30
CA GLN E 143 28.30 -7.77 8.86
C GLN E 143 27.12 -7.90 7.95
N PHE E 144 26.75 -6.81 7.31
CA PHE E 144 25.59 -6.78 6.46
C PHE E 144 25.63 -7.56 5.20
N ARG E 145 26.63 -7.37 4.35
CA ARG E 145 26.64 -8.08 3.06
C ARG E 145 25.52 -7.42 2.20
N ASN E 146 25.58 -6.07 2.21
CA ASN E 146 24.80 -5.04 1.53
C ASN E 146 25.00 -3.70 2.28
N PRO E 147 25.58 -2.67 1.63
CA PRO E 147 25.81 -1.38 2.34
C PRO E 147 24.58 -0.47 2.47
N ASP E 148 23.51 -0.81 1.71
CA ASP E 148 22.20 -0.17 1.68
C ASP E 148 21.43 -0.52 2.94
N THR E 149 21.85 -1.60 3.64
CA THR E 149 21.22 -2.01 4.89
C THR E 149 21.37 -0.91 5.97
N ILE E 150 22.50 -0.19 6.01
CA ILE E 150 22.69 0.91 6.96
C ILE E 150 21.73 2.07 6.65
N PHE E 151 21.62 2.41 5.37
CA PHE E 151 20.74 3.45 4.92
C PHE E 151 19.26 3.11 5.25
N ILE E 152 18.82 1.85 4.96
CA ILE E 152 17.46 1.37 5.23
C ILE E 152 17.19 1.42 6.73
N LEU E 153 18.13 0.89 7.54
CA LEU E 153 17.99 0.86 8.98
C LEU E 153 17.92 2.28 9.57
N ALA E 154 18.68 3.22 9.01
CA ALA E 154 18.64 4.61 9.46
C ALA E 154 17.20 5.18 9.33
N PHE E 155 16.54 4.84 8.22
CA PHE E 155 15.17 5.27 8.03
C PHE E 155 14.20 4.48 8.85
N ALA E 156 14.54 3.24 9.24
CA ALA E 156 13.65 2.45 10.10
C ALA E 156 13.66 3.07 11.48
N ILE E 157 14.82 3.60 11.88
CA ILE E 157 15.01 4.27 13.17
C ILE E 157 14.21 5.57 13.18
N ILE E 158 14.35 6.36 12.09
CA ILE E 158 13.60 7.60 11.90
C ILE E 158 12.09 7.34 11.97
N LEU E 159 11.61 6.32 11.20
CA LEU E 159 10.19 5.91 11.19
C LEU E 159 9.68 5.48 12.58
N LEU E 160 10.52 4.75 13.33
CA LEU E 160 10.20 4.32 14.68
C LEU E 160 10.03 5.51 15.60
N ASN E 161 10.97 6.47 15.52
CA ASN E 161 10.93 7.69 16.31
C ASN E 161 9.58 8.40 16.09
N THR E 162 9.14 8.52 14.81
CA THR E 162 7.85 9.08 14.45
C THR E 162 6.71 8.23 15.05
N ASP E 163 6.75 6.91 14.88
CA ASP E 163 5.68 6.04 15.39
C ASP E 163 5.47 6.18 16.91
N MET E 164 6.55 6.08 17.70
CA MET E 164 6.50 6.15 19.15
C MET E 164 6.14 7.56 19.67
N TYR E 165 6.66 8.61 19.02
CA TYR E 165 6.56 9.97 19.54
C TYR E 165 5.61 10.93 18.94
N SER E 166 5.04 10.59 17.77
CA SER E 166 4.08 11.46 17.12
C SER E 166 2.68 11.19 17.67
N PRO E 167 1.98 12.28 18.07
CA PRO E 167 0.62 12.14 18.63
C PRO E 167 -0.40 11.65 17.62
N ASN E 168 -0.09 11.81 16.31
CA ASN E 168 -0.94 11.35 15.22
C ASN E 168 -1.00 9.80 15.16
N VAL E 169 -0.13 9.08 15.92
CA VAL E 169 -0.11 7.61 16.00
C VAL E 169 -1.01 7.02 17.11
N LYS E 170 -1.43 7.78 18.17
CA LYS E 170 -2.32 7.28 19.25
C LYS E 170 -1.98 5.96 20.01
N PRO E 171 -1.62 6.13 21.32
CA PRO E 171 -1.20 5.03 22.22
C PRO E 171 -1.43 3.55 21.98
N GLU E 172 -2.67 3.14 21.70
CA GLU E 172 -3.08 1.74 21.50
C GLU E 172 -2.31 1.09 20.34
N ARG E 173 -2.13 1.85 19.23
CA ARG E 173 -1.50 1.40 17.99
C ARG E 173 0.05 1.56 17.85
N LYS E 174 0.75 2.09 18.90
CA LYS E 174 2.22 2.26 18.98
C LYS E 174 2.95 0.91 18.69
N MET E 175 4.17 0.97 18.15
CA MET E 175 4.92 -0.17 17.63
C MET E 175 5.23 -1.45 18.39
N LYS E 176 5.83 -1.46 19.59
CA LYS E 176 6.30 -2.69 20.27
C LYS E 176 7.60 -3.12 19.66
N LEU E 177 8.45 -3.68 20.49
CA LEU E 177 9.76 -4.17 20.08
C LEU E 177 9.60 -5.20 18.95
N GLU E 178 8.61 -6.07 19.09
CA GLU E 178 8.30 -7.15 18.15
C GLU E 178 7.87 -6.63 16.80
N ASP E 179 7.01 -5.57 16.76
CA ASP E 179 6.59 -4.99 15.50
C ASP E 179 7.80 -4.40 14.77
N PHE E 180 8.67 -3.67 15.49
CA PHE E 180 9.87 -3.08 14.93
C PHE E 180 10.78 -4.14 14.32
N ILE E 181 10.99 -5.26 15.06
CA ILE E 181 11.83 -6.36 14.62
C ILE E 181 11.26 -7.01 13.36
N LYS E 182 9.94 -7.38 13.36
CA LYS E 182 9.24 -8.04 12.23
C LYS E 182 9.13 -7.16 10.99
N ASN E 183 8.95 -5.86 11.17
CA ASN E 183 8.88 -4.92 10.06
C ASN E 183 10.15 -4.97 9.20
N LEU E 184 11.28 -5.28 9.82
CA LEU E 184 12.58 -5.29 9.16
C LEU E 184 13.06 -6.64 8.67
N ARG E 185 12.18 -7.64 8.72
CA ARG E 185 12.51 -8.99 8.26
C ARG E 185 12.89 -8.98 6.80
N GLY E 186 13.95 -9.69 6.49
CA GLY E 186 14.43 -9.85 5.12
C GLY E 186 15.12 -8.67 4.49
N VAL E 187 15.33 -7.58 5.23
CA VAL E 187 15.92 -6.32 4.72
C VAL E 187 17.36 -6.50 4.24
N ASP E 188 18.12 -7.39 4.89
CA ASP E 188 19.52 -7.60 4.58
C ASP E 188 19.70 -8.57 3.41
N ASP E 189 19.34 -8.14 2.18
CA ASP E 189 19.41 -8.97 0.96
C ASP E 189 18.75 -10.34 1.14
N GLY E 190 17.58 -10.34 1.75
CA GLY E 190 16.83 -11.56 1.99
C GLY E 190 16.92 -12.08 3.41
N GLU E 191 18.01 -11.74 4.11
CA GLU E 191 18.23 -12.17 5.48
C GLU E 191 17.85 -11.08 6.48
N ASP E 192 17.88 -11.43 7.75
CA ASP E 192 17.53 -10.51 8.81
C ASP E 192 18.75 -9.86 9.43
N ILE E 193 18.55 -8.64 9.93
CA ILE E 193 19.54 -7.88 10.70
C ILE E 193 19.60 -8.57 12.09
N PRO E 194 20.76 -8.55 12.82
CA PRO E 194 20.83 -9.19 14.15
C PRO E 194 19.74 -8.73 15.10
N ARG E 195 19.09 -9.69 15.76
CA ARG E 195 18.00 -9.42 16.69
C ARG E 195 18.38 -8.44 17.79
N GLU E 196 19.57 -8.61 18.36
CA GLU E 196 20.06 -7.79 19.45
C GLU E 196 20.34 -6.37 19.03
N MET E 197 20.80 -6.20 17.78
CA MET E 197 21.05 -4.88 17.21
C MET E 197 19.74 -4.12 17.13
N LEU E 198 18.70 -4.73 16.51
CA LEU E 198 17.36 -4.15 16.38
C LEU E 198 16.76 -3.80 17.72
N MET E 199 16.88 -4.73 18.70
CA MET E 199 16.37 -4.59 20.08
C MET E 199 16.98 -3.36 20.74
N GLY E 200 18.30 -3.25 20.60
CA GLY E 200 19.07 -2.16 21.15
C GLY E 200 18.62 -0.82 20.58
N ILE E 201 18.47 -0.75 19.24
CA ILE E 201 18.01 0.45 18.54
C ILE E 201 16.65 0.83 19.06
N TYR E 202 15.76 -0.16 19.13
CA TYR E 202 14.41 0.04 19.61
C TYR E 202 14.41 0.62 21.03
N GLU E 203 15.09 -0.04 21.97
CA GLU E 203 15.12 0.38 23.37
C GLU E 203 15.73 1.75 23.59
N ARG E 204 16.76 2.10 22.81
CA ARG E 204 17.38 3.42 22.88
C ARG E 204 16.41 4.56 22.46
N ILE E 205 15.63 4.36 21.37
CA ILE E 205 14.63 5.32 20.91
C ILE E 205 13.49 5.39 21.92
N ARG E 206 13.07 4.24 22.46
CA ARG E 206 12.00 4.19 23.47
C ARG E 206 12.38 4.99 24.72
N LYS E 207 13.63 4.88 25.15
CA LYS E 207 14.13 5.60 26.32
C LYS E 207 14.28 7.09 26.10
N ARG E 208 14.61 7.54 24.88
CA ARG E 208 14.75 8.97 24.53
C ARG E 208 14.41 9.30 23.06
N GLU E 209 13.55 10.30 22.86
CA GLU E 209 13.17 10.73 21.53
C GLU E 209 14.32 11.47 20.87
N LEU E 210 14.37 11.38 19.53
CA LEU E 210 15.29 12.12 18.67
C LEU E 210 14.62 13.51 18.58
N LYS E 211 15.34 14.58 19.04
CA LYS E 211 14.69 15.88 19.17
C LYS E 211 15.20 17.13 18.44
N THR E 212 16.52 17.22 18.14
CA THR E 212 17.12 18.43 17.51
C THR E 212 17.37 19.42 18.65
N ASN E 213 18.38 20.24 18.50
CA ASN E 213 18.69 21.22 19.52
C ASN E 213 17.80 22.44 19.45
N GLU E 214 17.52 22.99 20.64
CA GLU E 214 16.72 24.16 20.91
C GLU E 214 17.26 25.28 20.04
N ASP E 215 16.35 25.85 19.26
CA ASP E 215 16.56 26.88 18.24
C ASP E 215 16.11 28.22 18.79
N HIS E 216 16.33 29.27 18.01
CA HIS E 216 15.88 30.60 18.38
C HIS E 216 14.32 30.59 18.22
N VAL E 217 13.83 29.75 17.30
CA VAL E 217 12.41 29.57 17.06
C VAL E 217 11.70 28.74 18.16
N SER E 218 12.45 27.87 18.91
CA SER E 218 11.94 27.06 20.04
C SER E 218 11.21 28.00 21.01
N GLN E 219 11.87 29.12 21.38
CA GLN E 219 11.35 30.15 22.26
C GLN E 219 10.08 30.81 21.70
N VAL E 220 9.99 31.03 20.35
CA VAL E 220 8.80 31.64 19.70
C VAL E 220 7.61 30.70 19.80
N GLN E 221 7.86 29.38 19.65
CA GLN E 221 6.85 28.33 19.76
C GLN E 221 6.32 28.26 21.18
N LYS E 222 7.24 28.40 22.15
CA LYS E 222 6.91 28.41 23.57
C LYS E 222 5.95 29.57 23.81
N VAL E 223 6.24 30.79 23.28
CA VAL E 223 5.38 31.99 23.43
C VAL E 223 4.02 31.75 22.77
N GLU E 224 4.04 31.35 21.47
CA GLU E 224 2.91 31.16 20.58
C GLU E 224 1.78 30.32 21.15
N LYS E 225 2.13 29.36 22.01
CA LYS E 225 1.17 28.45 22.65
C LYS E 225 0.48 29.06 23.90
N LEU E 226 1.11 30.06 24.52
CA LEU E 226 0.59 30.78 25.68
C LEU E 226 -0.42 31.85 25.27
N ILE E 227 -0.43 32.22 23.96
CA ILE E 227 -1.35 33.22 23.39
C ILE E 227 -2.62 32.51 22.88
N VAL E 228 -3.80 33.02 23.27
CA VAL E 228 -5.10 32.47 22.84
C VAL E 228 -5.93 33.52 22.07
N GLY E 229 -5.62 33.68 20.79
CA GLY E 229 -6.28 34.63 19.91
C GLY E 229 -5.74 34.75 18.48
N LYS E 230 -6.38 35.67 17.71
CA LYS E 230 -6.16 36.05 16.31
C LYS E 230 -4.67 36.29 15.95
N GLY E 241 1.84 37.89 10.58
CA GLY E 241 0.44 37.60 10.84
C GLY E 241 0.24 36.43 11.80
N CYS E 242 -0.52 35.39 11.34
CA CYS E 242 -0.71 34.17 12.12
C CYS E 242 0.42 33.15 11.82
N VAL E 243 0.43 31.99 12.56
CA VAL E 243 1.49 30.98 12.54
C VAL E 243 2.84 31.67 12.92
N LEU E 244 2.76 32.37 14.07
CA LEU E 244 3.77 33.17 14.73
C LEU E 244 5.18 32.64 14.61
N SER E 245 5.35 31.30 14.63
CA SER E 245 6.65 30.65 14.62
C SER E 245 7.33 30.52 13.27
N LEU E 246 7.48 31.63 12.55
CA LEU E 246 8.15 31.57 11.26
C LEU E 246 9.67 31.44 11.44
N PRO E 247 10.37 30.65 10.58
CA PRO E 247 11.82 30.43 10.76
C PRO E 247 12.67 31.66 11.07
N HIS E 248 12.40 32.79 10.35
CA HIS E 248 13.11 34.06 10.47
C HIS E 248 12.80 34.79 11.76
N ARG E 249 11.59 34.61 12.28
CA ARG E 249 11.12 35.29 13.48
C ARG E 249 11.79 34.85 14.80
N ARG E 250 12.38 35.84 15.48
CA ARG E 250 13.07 35.76 16.77
C ARG E 250 12.36 36.70 17.77
N LEU E 251 12.22 36.31 19.05
CA LEU E 251 11.58 37.18 20.04
C LEU E 251 12.61 38.10 20.72
N VAL E 252 12.54 39.39 20.39
CA VAL E 252 13.42 40.44 20.92
C VAL E 252 13.20 40.65 22.43
N CYS E 253 11.93 40.88 22.87
CA CYS E 253 11.57 41.05 24.28
C CYS E 253 10.06 41.05 24.61
N TYR E 254 9.73 40.78 25.90
CA TYR E 254 8.42 40.82 26.51
C TYR E 254 8.48 41.97 27.53
N CYS E 255 7.41 42.77 27.64
CA CYS E 255 7.38 43.94 28.51
C CYS E 255 5.93 44.29 28.82
N ARG E 256 5.60 44.61 30.08
CA ARG E 256 4.26 45.10 30.34
C ARG E 256 4.21 46.59 30.19
N LEU E 257 3.14 47.05 29.57
CA LEU E 257 2.83 48.45 29.29
C LEU E 257 1.34 48.62 29.42
N PHE E 258 0.91 49.82 29.79
CA PHE E 258 -0.47 50.17 29.96
C PHE E 258 -0.92 50.93 28.73
N GLU E 259 -2.02 50.49 28.10
CA GLU E 259 -2.49 51.10 26.87
C GLU E 259 -3.26 52.39 27.14
N VAL E 260 -2.92 53.43 26.37
CA VAL E 260 -3.49 54.77 26.53
C VAL E 260 -4.41 55.11 25.35
N PRO E 261 -5.75 54.88 25.49
CA PRO E 261 -6.69 55.24 24.41
C PRO E 261 -6.68 56.74 24.14
N ASP E 262 -6.67 57.57 25.18
CA ASP E 262 -6.60 58.99 24.92
C ASP E 262 -5.49 59.66 25.72
N PRO E 263 -4.39 60.08 25.04
CA PRO E 263 -3.29 60.76 25.76
C PRO E 263 -3.69 62.14 26.31
N ASN E 264 -4.74 62.74 25.74
CA ASN E 264 -5.26 64.05 26.14
C ASN E 264 -6.12 63.97 27.39
N LYS E 265 -6.59 62.76 27.77
CA LYS E 265 -7.43 62.57 28.96
C LYS E 265 -6.68 61.72 29.99
N PRO E 266 -6.95 61.82 31.31
CA PRO E 266 -6.25 60.92 32.26
C PRO E 266 -6.95 59.57 32.39
N GLN E 267 -6.37 58.64 33.17
CA GLN E 267 -6.94 57.30 33.46
C GLN E 267 -6.40 56.66 34.74
N LYS E 268 -7.12 55.65 35.29
CA LYS E 268 -6.69 54.89 36.48
C LYS E 268 -5.32 54.22 36.17
N LEU E 269 -4.45 54.12 37.19
CA LEU E 269 -3.11 53.59 37.02
C LEU E 269 -2.93 52.24 36.33
N GLY E 270 -3.43 51.17 36.93
CA GLY E 270 -3.27 49.83 36.35
C GLY E 270 -4.12 49.52 35.12
N LEU E 271 -4.92 50.52 34.67
CA LEU E 271 -5.83 50.41 33.53
C LEU E 271 -5.17 50.05 32.22
N HIS E 272 -5.85 49.19 31.46
CA HIS E 272 -5.41 48.70 30.15
C HIS E 272 -4.00 48.09 30.24
N GLN E 273 -3.82 47.08 31.12
CA GLN E 273 -2.54 46.41 31.29
C GLN E 273 -2.28 45.44 30.17
N ARG E 274 -1.48 45.88 29.20
CA ARG E 274 -1.10 45.05 28.08
C ARG E 274 0.25 44.39 28.38
N GLU E 275 0.51 43.31 27.64
CA GLU E 275 1.71 42.50 27.68
C GLU E 275 2.22 42.50 26.25
N ILE E 276 3.36 43.11 26.04
CA ILE E 276 3.91 43.26 24.70
C ILE E 276 4.95 42.21 24.43
N PHE E 277 4.94 41.69 23.19
CA PHE E 277 5.96 40.78 22.72
C PHE E 277 6.49 41.40 21.43
N LEU E 278 7.79 41.66 21.44
CA LEU E 278 8.52 42.21 20.32
C LEU E 278 9.39 41.14 19.73
N PHE E 279 9.13 40.88 18.46
CA PHE E 279 9.81 39.95 17.58
C PHE E 279 10.56 40.84 16.62
N ASN E 280 11.57 40.30 15.96
CA ASN E 280 12.37 41.11 15.05
C ASN E 280 11.59 41.86 13.97
N ASP E 281 10.39 41.38 13.57
CA ASP E 281 9.57 42.02 12.52
C ASP E 281 8.16 42.38 12.94
N LEU E 282 7.76 42.09 14.19
CA LEU E 282 6.39 42.30 14.61
C LEU E 282 6.30 42.70 16.08
N LEU E 283 5.24 43.47 16.41
CA LEU E 283 4.90 43.81 17.79
C LEU E 283 3.53 43.22 18.08
N VAL E 284 3.45 42.32 19.07
CA VAL E 284 2.18 41.70 19.50
C VAL E 284 1.78 42.27 20.86
N VAL E 285 0.51 42.60 21.05
CA VAL E 285 -0.03 43.20 22.28
C VAL E 285 -1.10 42.24 22.85
N THR E 286 -1.13 41.99 24.16
CA THR E 286 -2.09 41.06 24.73
C THR E 286 -2.61 41.55 26.07
N LYS E 287 -3.87 41.19 26.48
CA LYS E 287 -4.35 41.44 27.85
C LYS E 287 -3.95 40.08 28.52
N ILE E 288 -4.42 39.76 29.73
CA ILE E 288 -4.02 38.48 30.37
C ILE E 288 -5.17 37.47 30.56
N PHE E 289 -4.86 36.17 30.40
CA PHE E 289 -5.88 35.11 30.53
C PHE E 289 -5.91 34.33 31.86
N GLN E 290 -5.01 33.32 32.03
CA GLN E 290 -4.92 32.47 33.24
C GLN E 290 -3.94 33.02 34.28
N LYS E 291 -4.52 33.47 35.39
CA LYS E 291 -3.91 34.06 36.58
C LYS E 291 -2.79 33.15 37.19
N LYS E 292 -3.19 32.24 38.10
CA LYS E 292 -2.41 31.38 39.00
C LYS E 292 -1.09 30.73 38.52
N LYS E 293 -0.05 30.96 39.37
CA LYS E 293 1.38 30.63 39.34
C LYS E 293 1.88 29.47 38.46
N ASN E 294 1.24 28.27 38.53
CA ASN E 294 1.57 27.05 37.77
C ASN E 294 1.99 27.30 36.26
N SER E 295 1.47 28.40 35.63
CA SER E 295 1.67 28.92 34.25
C SER E 295 0.87 30.24 34.04
N VAL E 296 0.97 30.86 32.84
CA VAL E 296 0.26 32.11 32.49
C VAL E 296 -0.09 32.20 30.99
N THR E 297 -1.37 32.53 30.70
CA THR E 297 -1.88 32.70 29.33
C THR E 297 -2.20 34.14 28.99
N TYR E 298 -2.20 34.42 27.70
CA TYR E 298 -2.36 35.77 27.21
C TYR E 298 -3.49 35.82 26.21
N SER E 299 -4.27 36.89 26.28
CA SER E 299 -5.45 37.12 25.44
C SER E 299 -5.30 37.42 23.92
N PHE E 300 -4.26 38.15 23.47
CA PHE E 300 -4.07 38.63 22.08
C PHE E 300 -5.05 39.74 21.78
N ARG E 301 -4.53 40.95 21.65
CA ARG E 301 -5.36 42.11 21.39
C ARG E 301 -5.12 42.55 19.96
N GLN E 302 -3.87 42.86 19.59
CA GLN E 302 -3.54 43.27 18.23
C GLN E 302 -2.10 43.00 17.82
N SER E 303 -1.83 42.99 16.49
CA SER E 303 -0.52 42.71 15.91
C SER E 303 -0.08 43.85 14.98
N PHE E 304 1.14 44.32 15.16
CA PHE E 304 1.65 45.42 14.37
C PHE E 304 2.92 45.07 13.66
N SER E 305 2.89 45.18 12.34
CA SER E 305 4.08 45.02 11.51
C SER E 305 5.00 46.22 11.82
N LEU E 306 6.31 46.00 11.85
CA LEU E 306 7.19 47.14 12.16
C LEU E 306 7.51 48.09 10.99
N TYR E 307 7.44 47.58 9.75
CA TYR E 307 7.74 48.36 8.56
C TYR E 307 6.88 49.60 8.49
N GLY E 308 7.55 50.73 8.26
CA GLY E 308 6.89 52.00 8.11
C GLY E 308 6.45 52.63 9.40
N MET E 309 6.77 52.00 10.55
CA MET E 309 6.38 52.54 11.86
C MET E 309 7.50 53.32 12.51
N GLN E 310 7.14 54.20 13.44
CA GLN E 310 8.07 55.02 14.22
C GLN E 310 7.62 55.00 15.68
N VAL E 311 8.54 55.33 16.56
CA VAL E 311 8.34 55.33 18.02
C VAL E 311 8.68 56.70 18.54
N LEU E 312 7.83 57.24 19.39
CA LEU E 312 8.10 58.54 19.98
C LEU E 312 7.64 58.58 21.41
N LEU E 313 8.49 59.15 22.23
CA LEU E 313 8.26 59.29 23.65
C LEU E 313 7.51 60.57 23.85
N PHE E 314 6.59 60.57 24.81
CA PHE E 314 5.83 61.76 25.18
C PHE E 314 5.58 61.79 26.68
N GLU E 315 5.53 62.99 27.24
CA GLU E 315 5.25 63.20 28.66
C GLU E 315 4.24 64.33 28.72
N ASN E 316 3.15 64.13 29.45
CA ASN E 316 2.16 65.19 29.64
C ASN E 316 1.74 65.28 31.11
N GLN E 317 0.70 66.09 31.39
CA GLN E 317 0.18 66.26 32.77
C GLN E 317 -0.41 64.99 33.36
N TYR E 318 -0.67 63.96 32.52
CA TYR E 318 -1.27 62.69 32.93
C TYR E 318 -0.37 61.49 32.78
N TYR E 319 0.47 61.45 31.74
CA TYR E 319 1.33 60.28 31.49
C TYR E 319 2.80 60.66 31.56
N PRO E 320 3.60 60.06 32.48
CA PRO E 320 5.01 60.43 32.55
C PRO E 320 5.93 59.63 31.62
N ASN E 321 5.74 58.32 31.53
CA ASN E 321 6.59 57.48 30.69
C ASN E 321 5.76 57.03 29.45
N GLY E 322 5.20 57.98 28.69
CA GLY E 322 4.38 57.66 27.52
C GLY E 322 5.17 57.34 26.28
N ILE E 323 4.62 56.52 25.38
CA ILE E 323 5.18 56.09 24.08
C ILE E 323 4.02 56.11 23.08
N ARG E 324 4.27 56.55 21.85
CA ARG E 324 3.26 56.56 20.79
C ARG E 324 3.88 55.90 19.55
N LEU E 325 3.21 54.86 19.06
CA LEU E 325 3.66 54.18 17.87
C LEU E 325 2.81 54.75 16.75
N THR E 326 3.46 55.22 15.69
CA THR E 326 2.75 55.82 14.57
C THR E 326 3.26 55.25 13.28
N SER E 327 2.42 55.23 12.25
CA SER E 327 2.79 54.72 10.94
C SER E 327 2.79 55.80 9.89
N SER E 328 3.98 56.25 9.51
CA SER E 328 4.07 57.23 8.44
C SER E 328 4.48 56.52 7.18
N VAL E 329 3.75 56.82 6.09
CA VAL E 329 3.95 56.33 4.73
C VAL E 329 4.31 57.53 3.83
N PRO E 330 5.07 57.35 2.71
CA PRO E 330 5.42 58.51 1.87
C PRO E 330 4.22 59.15 1.14
N GLY E 331 3.86 60.35 1.61
CA GLY E 331 2.77 61.15 1.06
C GLY E 331 1.57 61.35 1.97
N ALA E 332 1.04 60.25 2.54
CA ALA E 332 -0.13 60.24 3.43
C ALA E 332 0.18 60.60 4.88
N ASP E 333 1.47 60.81 5.21
CA ASP E 333 1.97 61.16 6.54
C ASP E 333 1.51 60.25 7.73
N ILE E 334 1.66 60.77 8.97
CA ILE E 334 1.37 60.09 10.22
C ILE E 334 -0.07 59.67 10.49
N LYS E 335 -0.18 58.49 11.12
CA LYS E 335 -1.38 57.77 11.52
C LYS E 335 -1.04 57.05 12.84
N VAL E 336 -1.79 57.31 13.92
CA VAL E 336 -1.47 56.68 15.20
C VAL E 336 -1.88 55.21 15.29
N LEU E 337 -0.93 54.33 15.56
CA LEU E 337 -1.22 52.93 15.71
C LEU E 337 -1.78 52.67 17.11
N ILE E 338 -0.98 53.05 18.13
CA ILE E 338 -1.27 52.79 19.54
C ILE E 338 -0.45 53.75 20.44
N ASN E 339 -0.87 53.91 21.69
CA ASN E 339 -0.26 54.78 22.69
C ASN E 339 -0.10 53.95 23.96
N PHE E 340 1.02 54.12 24.65
CA PHE E 340 1.30 53.34 25.84
C PHE E 340 1.90 54.18 26.96
N ASN E 341 1.69 53.76 28.20
CA ASN E 341 2.38 54.35 29.34
C ASN E 341 3.26 53.26 29.97
N ALA E 342 4.59 53.47 30.08
CA ALA E 342 5.47 52.47 30.71
C ALA E 342 5.50 52.67 32.21
N PRO E 343 5.66 51.62 33.03
CA PRO E 343 5.61 51.83 34.49
C PRO E 343 6.74 52.69 35.05
N ASN E 344 7.91 52.64 34.39
CA ASN E 344 9.05 53.45 34.80
C ASN E 344 9.77 54.04 33.59
N PRO E 345 10.54 55.13 33.79
CA PRO E 345 11.31 55.68 32.67
C PRO E 345 12.29 54.62 32.11
N GLN E 346 12.85 53.76 33.00
CA GLN E 346 13.80 52.70 32.64
C GLN E 346 13.20 51.74 31.64
N ASP E 347 11.98 51.26 31.90
CA ASP E 347 11.29 50.34 31.01
C ASP E 347 10.98 50.98 29.68
N ARG E 348 10.50 52.25 29.72
CA ARG E 348 10.23 53.05 28.53
C ARG E 348 11.48 53.07 27.67
N LYS E 349 12.63 53.47 28.25
CA LYS E 349 13.91 53.58 27.53
C LYS E 349 14.31 52.28 26.91
N LYS E 350 14.23 51.19 27.68
CA LYS E 350 14.63 49.85 27.25
C LYS E 350 13.84 49.38 26.02
N PHE E 351 12.52 49.40 26.19
CA PHE E 351 11.59 48.98 25.16
C PHE E 351 11.74 49.83 23.91
N THR E 352 11.80 51.16 24.09
CA THR E 352 11.94 52.07 22.96
C THR E 352 13.22 51.83 22.19
N ASP E 353 14.34 51.58 22.90
CA ASP E 353 15.62 51.32 22.26
C ASP E 353 15.58 50.04 21.45
N ASP E 354 15.00 48.99 22.03
CA ASP E 354 14.85 47.71 21.34
C ASP E 354 13.94 47.81 20.14
N LEU E 355 12.81 48.52 20.29
CA LEU E 355 11.83 48.67 19.21
C LEU E 355 12.42 49.51 18.07
N ARG E 356 13.13 50.59 18.40
CA ARG E 356 13.77 51.45 17.40
C ARG E 356 14.77 50.65 16.59
N GLU E 357 15.60 49.81 17.27
CA GLU E 357 16.59 49.00 16.56
C GLU E 357 15.94 47.99 15.66
N SER E 358 14.85 47.40 16.13
CA SER E 358 14.08 46.41 15.37
C SER E 358 13.55 47.04 14.07
N ILE E 359 13.01 48.27 14.16
CA ILE E 359 12.44 49.00 13.02
C ILE E 359 13.46 49.26 11.95
N ALA E 360 14.65 49.67 12.39
CA ALA E 360 15.74 49.97 11.49
C ALA E 360 16.17 48.68 10.77
N GLU E 361 16.26 47.57 11.53
CA GLU E 361 16.60 46.27 11.00
C GLU E 361 15.58 45.91 9.88
N VAL E 362 14.25 46.05 10.17
CA VAL E 362 13.15 45.82 9.23
C VAL E 362 13.22 46.77 8.00
N GLN E 363 13.59 48.06 8.23
CA GLN E 363 13.70 49.07 7.19
C GLN E 363 14.73 48.67 6.16
N GLU E 364 15.94 48.32 6.61
CA GLU E 364 17.02 47.90 5.72
C GLU E 364 16.70 46.61 4.95
N MET E 365 15.80 45.74 5.50
CA MET E 365 15.42 44.54 4.78
C MET E 365 14.50 44.78 3.63
N GLU E 366 13.50 45.65 3.79
CA GLU E 366 12.60 45.95 2.68
C GLU E 366 13.32 46.77 1.65
N LYS E 367 14.32 47.60 2.10
CA LYS E 367 15.21 48.43 1.27
C LYS E 367 15.99 47.52 0.31
N HIS E 368 16.50 46.40 0.85
CA HIS E 368 17.27 45.39 0.14
C HIS E 368 16.45 44.60 -0.85
N ARG E 369 15.34 43.98 -0.40
CA ARG E 369 14.49 43.18 -1.30
C ARG E 369 13.86 43.97 -2.44
N ILE E 370 13.69 45.29 -2.31
CA ILE E 370 13.17 46.12 -3.39
C ILE E 370 14.31 46.34 -4.41
N GLU E 371 15.56 46.50 -3.91
CA GLU E 371 16.73 46.65 -4.77
C GLU E 371 17.02 45.32 -5.47
N SER E 372 16.99 44.21 -4.71
CA SER E 372 17.20 42.87 -5.27
C SER E 372 16.18 42.54 -6.39
N GLU E 373 14.94 43.07 -6.28
CA GLU E 373 13.88 42.89 -7.27
C GLU E 373 14.05 43.85 -8.48
N LEU E 374 14.62 45.07 -8.23
CA LEU E 374 14.87 46.08 -9.26
C LEU E 374 16.00 45.64 -10.21
N GLU E 375 16.81 44.67 -9.75
CA GLU E 375 17.92 44.06 -10.51
C GLU E 375 17.38 42.88 -11.32
N LYS E 376 16.49 42.06 -10.69
CA LYS E 376 15.81 40.89 -11.28
C LYS E 376 15.01 41.31 -12.52
N PHE F 16 -81.75 3.13 -7.32
CA PHE F 16 -81.74 4.01 -8.48
C PHE F 16 -80.35 4.60 -8.70
N SER F 17 -80.07 5.25 -9.88
CA SER F 17 -78.76 5.88 -10.17
C SER F 17 -78.61 7.36 -9.66
N ASN F 18 -79.35 7.68 -8.58
CA ASN F 18 -79.46 8.95 -7.84
C ASN F 18 -79.32 8.64 -6.31
N ASP F 19 -78.60 7.53 -6.03
CA ASP F 19 -78.31 6.85 -4.75
C ASP F 19 -76.99 7.29 -4.13
N VAL F 20 -76.98 7.45 -2.81
CA VAL F 20 -75.78 7.84 -2.05
C VAL F 20 -74.61 6.85 -2.25
N ILE F 21 -74.88 5.56 -2.11
CA ILE F 21 -73.88 4.50 -2.27
C ILE F 21 -73.31 4.40 -3.71
N ARG F 22 -74.20 4.42 -4.73
CA ARG F 22 -73.83 4.34 -6.14
C ARG F 22 -72.98 5.52 -6.55
N LYS F 23 -73.37 6.75 -6.12
CA LYS F 23 -72.63 7.99 -6.38
C LYS F 23 -71.25 7.93 -5.70
N ARG F 24 -71.20 7.34 -4.48
CA ARG F 24 -69.95 7.16 -3.75
C ARG F 24 -69.03 6.18 -4.50
N HIS F 25 -69.59 5.10 -5.04
CA HIS F 25 -68.84 4.14 -5.83
C HIS F 25 -68.30 4.72 -7.15
N TYR F 26 -69.12 5.55 -7.83
CA TYR F 26 -68.71 6.26 -9.04
C TYR F 26 -67.53 7.21 -8.70
N ARG F 27 -67.66 7.98 -7.61
CA ARG F 27 -66.61 8.89 -7.14
C ARG F 27 -65.34 8.09 -6.80
N ILE F 28 -65.52 6.86 -6.22
CA ILE F 28 -64.41 5.96 -5.89
C ILE F 28 -63.66 5.51 -7.16
N GLY F 29 -64.41 5.18 -8.20
CA GLY F 29 -63.83 4.86 -9.51
C GLY F 29 -62.95 5.97 -10.06
N LEU F 30 -63.47 7.20 -10.01
CA LEU F 30 -62.75 8.38 -10.46
C LEU F 30 -61.51 8.61 -9.62
N ASN F 31 -61.59 8.41 -8.29
CA ASN F 31 -60.46 8.56 -7.37
C ASN F 31 -59.39 7.56 -7.70
N LEU F 32 -59.78 6.30 -7.99
CA LEU F 32 -58.87 5.24 -8.40
C LEU F 32 -58.20 5.55 -9.73
N PHE F 33 -58.94 6.12 -10.69
CA PHE F 33 -58.38 6.46 -11.98
C PHE F 33 -57.26 7.46 -11.82
N ASN F 34 -57.51 8.51 -11.04
CA ASN F 34 -56.58 9.60 -10.83
C ASN F 34 -55.31 9.18 -10.13
N LYS F 35 -55.32 8.01 -9.48
CA LYS F 35 -54.13 7.44 -8.83
C LYS F 35 -53.48 6.41 -9.79
N LYS F 36 -54.30 5.55 -10.45
CA LYS F 36 -53.88 4.49 -11.38
C LYS F 36 -54.94 4.35 -12.49
N PRO F 37 -54.69 4.90 -13.71
CA PRO F 37 -55.74 4.91 -14.75
C PRO F 37 -56.22 3.58 -15.24
N GLU F 38 -55.32 2.61 -15.31
CA GLU F 38 -55.69 1.27 -15.80
C GLU F 38 -56.61 0.58 -14.77
N LYS F 39 -56.33 0.82 -13.48
CA LYS F 39 -57.10 0.30 -12.35
C LYS F 39 -58.46 1.01 -12.22
N GLY F 40 -58.48 2.33 -12.42
CA GLY F 40 -59.70 3.12 -12.36
C GLY F 40 -60.65 2.70 -13.45
N VAL F 41 -60.15 2.51 -14.67
CA VAL F 41 -60.98 2.09 -15.80
C VAL F 41 -61.58 0.73 -15.58
N GLN F 42 -60.77 -0.23 -15.13
CA GLN F 42 -61.25 -1.58 -14.84
C GLN F 42 -62.40 -1.53 -13.84
N TYR F 43 -62.22 -0.75 -12.76
CA TYR F 43 -63.19 -0.57 -11.68
C TYR F 43 -64.52 -0.02 -12.20
N LEU F 44 -64.46 1.02 -13.04
CA LEU F 44 -65.64 1.67 -13.61
C LEU F 44 -66.41 0.76 -14.52
N ILE F 45 -65.69 -0.02 -15.34
CA ILE F 45 -66.30 -1.03 -16.22
C ILE F 45 -67.03 -2.10 -15.36
N GLU F 46 -66.33 -2.66 -14.37
CA GLU F 46 -66.89 -3.68 -13.48
C GLU F 46 -68.09 -3.20 -12.70
N ARG F 47 -68.15 -1.90 -12.40
CA ARG F 47 -69.28 -1.35 -11.64
C ARG F 47 -70.34 -0.72 -12.51
N GLY F 48 -70.29 -1.03 -13.79
CA GLY F 48 -71.25 -0.59 -14.80
C GLY F 48 -71.38 0.92 -14.93
N PHE F 49 -70.26 1.64 -14.78
CA PHE F 49 -70.30 3.08 -14.93
C PHE F 49 -69.77 3.49 -16.26
N VAL F 50 -69.06 2.58 -16.92
CA VAL F 50 -68.40 2.75 -18.21
C VAL F 50 -68.60 1.46 -19.03
N PRO F 51 -69.05 1.54 -20.32
CA PRO F 51 -69.14 0.31 -21.13
C PRO F 51 -67.74 -0.15 -21.53
N ASP F 52 -67.58 -1.44 -21.84
CA ASP F 52 -66.28 -2.05 -22.11
C ASP F 52 -65.62 -1.78 -23.48
N THR F 53 -66.29 -1.07 -24.38
CA THR F 53 -65.72 -0.79 -25.67
C THR F 53 -64.72 0.38 -25.62
N PRO F 54 -63.69 0.35 -26.48
CA PRO F 54 -62.73 1.45 -26.56
C PRO F 54 -63.39 2.80 -26.86
N VAL F 55 -64.47 2.78 -27.68
CA VAL F 55 -65.23 3.99 -28.06
C VAL F 55 -65.95 4.59 -26.87
N GLY F 56 -66.46 3.71 -26.00
CA GLY F 56 -67.23 4.09 -24.82
C GLY F 56 -66.34 4.73 -23.80
N VAL F 57 -65.14 4.15 -23.62
CA VAL F 57 -64.13 4.64 -22.68
C VAL F 57 -63.57 5.96 -23.19
N ALA F 58 -63.39 6.08 -24.52
CA ALA F 58 -62.90 7.31 -25.17
C ALA F 58 -63.85 8.50 -24.91
N HIS F 59 -65.16 8.25 -25.09
CA HIS F 59 -66.21 9.21 -24.88
C HIS F 59 -66.23 9.63 -23.43
N PHE F 60 -66.15 8.65 -22.52
CA PHE F 60 -66.16 8.80 -21.09
C PHE F 60 -65.06 9.75 -20.62
N LEU F 61 -63.81 9.53 -21.08
CA LEU F 61 -62.66 10.35 -20.73
C LEU F 61 -62.86 11.77 -21.24
N LEU F 62 -63.30 11.89 -22.51
CA LEU F 62 -63.50 13.18 -23.17
C LEU F 62 -64.58 14.03 -22.50
N GLN F 63 -65.73 13.42 -22.17
CA GLN F 63 -66.84 14.10 -21.52
C GLN F 63 -66.72 14.23 -20.01
N ARG F 64 -66.95 13.11 -19.28
CA ARG F 64 -67.02 13.06 -17.81
C ARG F 64 -65.95 13.81 -17.00
N LYS F 65 -66.47 14.79 -16.24
CA LYS F 65 -65.75 15.66 -15.34
C LYS F 65 -65.29 14.84 -14.13
N GLY F 66 -64.28 15.32 -13.44
CA GLY F 66 -63.78 14.62 -12.27
C GLY F 66 -62.53 13.84 -12.56
N LEU F 67 -62.14 13.77 -13.85
CA LEU F 67 -60.89 13.10 -14.26
C LEU F 67 -59.76 14.12 -14.45
N SER F 68 -58.58 13.78 -13.89
CA SER F 68 -57.37 14.57 -14.00
C SER F 68 -56.88 14.47 -15.45
N ARG F 69 -56.68 15.64 -16.15
CA ARG F 69 -56.25 15.64 -17.56
C ARG F 69 -54.82 15.15 -17.80
N GLN F 70 -53.97 15.22 -16.74
CA GLN F 70 -52.61 14.69 -16.77
C GLN F 70 -52.74 13.16 -16.83
N MET F 71 -53.61 12.63 -15.94
CA MET F 71 -53.85 11.21 -15.88
C MET F 71 -54.59 10.67 -17.11
N ILE F 72 -55.46 11.48 -17.78
CA ILE F 72 -56.08 11.09 -19.07
C ILE F 72 -54.96 10.82 -20.06
N GLY F 73 -53.97 11.72 -20.12
CA GLY F 73 -52.79 11.61 -20.97
C GLY F 73 -51.97 10.39 -20.63
N GLU F 74 -51.78 10.10 -19.32
CA GLU F 74 -51.03 8.91 -18.84
C GLU F 74 -51.66 7.64 -19.35
N PHE F 75 -53.00 7.54 -19.27
CA PHE F 75 -53.73 6.36 -19.74
C PHE F 75 -53.67 6.23 -21.26
N LEU F 76 -53.97 7.33 -21.99
CA LEU F 76 -54.00 7.37 -23.44
C LEU F 76 -52.62 7.12 -24.06
N GLY F 77 -51.55 7.53 -23.36
CA GLY F 77 -50.17 7.39 -23.82
C GLY F 77 -49.53 6.04 -23.57
N ASN F 78 -50.30 5.06 -23.03
CA ASN F 78 -49.82 3.71 -22.76
C ASN F 78 -49.59 3.01 -24.10
N ARG F 79 -48.30 2.88 -24.45
CA ARG F 79 -47.81 2.36 -25.74
C ARG F 79 -47.99 0.86 -25.78
N GLN F 80 -47.97 0.23 -24.61
CA GLN F 80 -48.00 -1.20 -24.51
C GLN F 80 -49.36 -1.86 -24.52
N LYS F 81 -50.38 -1.20 -23.89
CA LYS F 81 -51.69 -1.82 -23.81
C LYS F 81 -52.55 -1.67 -25.03
N GLN F 82 -52.96 -2.82 -25.60
CA GLN F 82 -53.78 -2.83 -26.80
C GLN F 82 -55.09 -2.16 -26.62
N PHE F 83 -55.67 -2.19 -25.41
CA PHE F 83 -56.93 -1.49 -25.15
C PHE F 83 -56.74 0.01 -25.22
N ASN F 84 -55.71 0.52 -24.54
CA ASN F 84 -55.39 1.95 -24.47
C ASN F 84 -55.12 2.55 -25.85
N ARG F 85 -54.42 1.79 -26.72
CA ARG F 85 -54.11 2.21 -28.08
C ARG F 85 -55.39 2.44 -28.85
N ASP F 86 -56.37 1.51 -28.71
CA ASP F 86 -57.67 1.61 -29.33
C ASP F 86 -58.49 2.75 -28.75
N VAL F 87 -58.37 3.00 -27.45
CA VAL F 87 -59.06 4.10 -26.78
C VAL F 87 -58.55 5.43 -27.38
N LEU F 88 -57.20 5.56 -27.50
CA LEU F 88 -56.57 6.75 -28.07
C LEU F 88 -57.04 7.00 -29.49
N ASP F 89 -57.03 5.96 -30.35
CA ASP F 89 -57.49 6.06 -31.73
C ASP F 89 -58.92 6.53 -31.78
N CYS F 90 -59.82 6.02 -30.90
CA CYS F 90 -61.21 6.49 -30.87
C CYS F 90 -61.29 7.95 -30.46
N VAL F 91 -60.48 8.32 -29.45
CA VAL F 91 -60.39 9.68 -28.91
C VAL F 91 -60.04 10.65 -30.04
N VAL F 92 -58.96 10.33 -30.78
CA VAL F 92 -58.49 11.16 -31.88
C VAL F 92 -59.41 11.14 -33.08
N ASP F 93 -60.15 10.02 -33.31
CA ASP F 93 -61.15 9.93 -34.39
C ASP F 93 -62.36 10.81 -34.15
N GLU F 94 -62.57 11.25 -32.88
CA GLU F 94 -63.65 12.17 -32.55
C GLU F 94 -63.32 13.59 -33.08
N MET F 95 -62.16 13.69 -33.80
CA MET F 95 -61.45 14.74 -34.58
C MET F 95 -62.25 15.73 -35.41
N ASP F 96 -61.73 16.95 -35.45
CA ASP F 96 -62.18 18.10 -36.25
C ASP F 96 -60.91 18.90 -36.67
N PHE F 97 -59.97 18.24 -37.37
CA PHE F 97 -58.71 18.91 -37.74
C PHE F 97 -58.67 19.46 -39.15
N SER F 98 -59.70 19.14 -39.97
CA SER F 98 -59.77 19.57 -41.36
C SER F 98 -59.67 21.09 -41.46
N THR F 99 -58.83 21.56 -42.39
CA THR F 99 -58.61 22.98 -42.68
C THR F 99 -58.00 23.80 -41.55
N MET F 100 -57.28 23.14 -40.65
CA MET F 100 -56.56 23.81 -39.57
C MET F 100 -55.08 23.59 -39.86
N GLU F 101 -54.21 24.58 -39.54
CA GLU F 101 -52.77 24.40 -39.67
C GLU F 101 -52.36 23.53 -38.47
N LEU F 102 -51.16 22.96 -38.50
CA LEU F 102 -50.69 22.04 -37.47
C LEU F 102 -50.73 22.57 -36.05
N ASP F 103 -50.35 23.84 -35.84
CA ASP F 103 -50.37 24.39 -34.48
C ASP F 103 -51.79 24.51 -33.95
N GLU F 104 -52.73 24.97 -34.82
CA GLU F 104 -54.15 25.15 -34.48
C GLU F 104 -54.78 23.83 -34.09
N ALA F 105 -54.47 22.77 -34.87
CA ALA F 105 -54.96 21.42 -34.61
C ALA F 105 -54.40 20.92 -33.28
N LEU F 106 -53.10 21.13 -33.04
CA LEU F 106 -52.46 20.68 -31.81
C LEU F 106 -52.99 21.42 -30.60
N ARG F 107 -53.29 22.71 -30.73
CA ARG F 107 -53.87 23.51 -29.66
C ARG F 107 -55.18 22.86 -29.20
N LYS F 108 -56.04 22.47 -30.18
CA LYS F 108 -57.32 21.82 -29.95
C LYS F 108 -57.14 20.46 -29.22
N PHE F 109 -56.23 19.64 -29.75
CA PHE F 109 -55.94 18.33 -29.20
C PHE F 109 -55.39 18.39 -27.78
N GLN F 110 -54.34 19.21 -27.58
CA GLN F 110 -53.65 19.37 -26.31
C GLN F 110 -54.51 20.04 -25.24
N ALA F 111 -55.73 20.52 -25.61
CA ALA F 111 -56.64 21.09 -24.63
C ALA F 111 -57.40 19.98 -23.90
N HIS F 112 -57.67 18.85 -24.56
CA HIS F 112 -58.44 17.79 -23.90
C HIS F 112 -57.71 16.79 -22.98
N ILE F 113 -56.39 16.77 -23.11
CA ILE F 113 -55.41 15.85 -22.54
C ILE F 113 -54.17 16.65 -22.13
N ARG F 114 -53.52 16.34 -21.00
CA ARG F 114 -52.28 17.07 -20.74
C ARG F 114 -51.20 16.26 -21.39
N VAL F 115 -50.63 16.93 -22.42
CA VAL F 115 -49.54 16.48 -23.27
C VAL F 115 -48.26 16.92 -22.55
N GLN F 116 -48.00 16.36 -21.40
CA GLN F 116 -46.79 16.69 -20.68
C GLN F 116 -46.27 15.57 -19.84
N GLY F 117 -44.96 15.40 -19.91
CA GLY F 117 -44.22 14.43 -19.14
C GLY F 117 -43.16 13.69 -19.92
N LYS F 118 -43.15 12.37 -19.70
CA LYS F 118 -42.27 11.36 -20.27
C LYS F 118 -42.31 11.44 -21.81
N ALA F 119 -41.12 11.52 -22.46
CA ALA F 119 -40.99 11.61 -23.92
C ALA F 119 -41.76 10.53 -24.66
N GLN F 120 -41.72 9.26 -24.15
CA GLN F 120 -42.43 8.13 -24.75
C GLN F 120 -43.94 8.28 -24.70
N LYS F 121 -44.46 8.91 -23.65
CA LYS F 121 -45.89 9.17 -23.47
C LYS F 121 -46.31 10.30 -24.44
N VAL F 122 -45.52 11.36 -24.54
CA VAL F 122 -45.77 12.47 -25.46
C VAL F 122 -45.74 11.96 -26.93
N GLU F 123 -44.78 11.07 -27.27
CA GLU F 123 -44.64 10.45 -28.59
C GLU F 123 -45.91 9.69 -28.98
N ARG F 124 -46.44 8.82 -28.06
CA ARG F 124 -47.64 8.00 -28.31
C ARG F 124 -48.86 8.86 -28.62
N LEU F 125 -49.05 9.92 -27.82
CA LEU F 125 -50.07 10.93 -28.06
C LEU F 125 -49.31 11.70 -29.09
N ILE F 126 -49.86 12.54 -29.89
CA ILE F 126 -48.97 13.16 -30.90
C ILE F 126 -48.66 12.21 -32.12
N GLU F 127 -48.33 10.90 -31.95
CA GLU F 127 -48.25 10.02 -33.13
C GLU F 127 -49.70 9.69 -33.55
N ALA F 128 -50.58 9.49 -32.55
CA ALA F 128 -52.00 9.24 -32.81
C ALA F 128 -52.66 10.51 -33.37
N PHE F 129 -52.25 11.65 -32.83
CA PHE F 129 -52.73 12.94 -33.31
C PHE F 129 -52.30 13.17 -34.75
N SER F 130 -51.01 12.92 -35.06
CA SER F 130 -50.41 13.13 -36.37
C SER F 130 -51.05 12.26 -37.42
N GLN F 131 -51.43 11.02 -37.07
CA GLN F 131 -52.11 10.15 -38.03
C GLN F 131 -53.47 10.75 -38.39
N ARG F 132 -54.19 11.24 -37.39
CA ARG F 132 -55.49 11.88 -37.61
C ARG F 132 -55.42 13.18 -38.39
N TYR F 133 -54.44 14.04 -38.05
CA TYR F 133 -54.23 15.29 -38.80
C TYR F 133 -54.03 15.00 -40.27
N CYS F 134 -53.16 14.03 -40.59
CA CYS F 134 -52.87 13.63 -41.97
C CYS F 134 -54.11 13.10 -42.72
N ILE F 135 -55.00 12.39 -42.01
CA ILE F 135 -56.25 11.88 -42.59
C ILE F 135 -57.22 13.03 -42.94
N CYS F 136 -57.29 14.03 -42.05
CA CYS F 136 -58.15 15.23 -42.20
C CYS F 136 -57.59 16.25 -43.15
N ASN F 137 -56.29 16.17 -43.43
CA ASN F 137 -55.60 17.13 -44.27
C ASN F 137 -54.70 16.40 -45.25
N PRO F 138 -55.29 15.62 -46.21
CA PRO F 138 -54.45 14.88 -47.17
C PRO F 138 -53.71 15.74 -48.18
N GLY F 139 -54.20 16.95 -48.46
CA GLY F 139 -53.57 17.88 -49.40
C GLY F 139 -52.27 18.47 -48.87
N VAL F 140 -52.12 18.52 -47.54
CA VAL F 140 -50.94 19.02 -46.84
C VAL F 140 -49.86 17.95 -46.90
N VAL F 141 -50.24 16.70 -46.61
CA VAL F 141 -49.34 15.56 -46.61
C VAL F 141 -48.69 15.28 -47.97
N ARG F 142 -49.37 15.68 -49.06
CA ARG F 142 -48.86 15.55 -50.41
C ARG F 142 -47.67 16.48 -50.70
N GLN F 143 -47.64 17.66 -50.05
CA GLN F 143 -46.58 18.67 -50.19
C GLN F 143 -45.25 18.16 -49.64
N PHE F 144 -45.34 17.39 -48.56
CA PHE F 144 -44.16 16.89 -47.89
C PHE F 144 -43.39 15.83 -48.58
N ARG F 145 -44.03 14.78 -49.08
CA ARG F 145 -43.28 13.68 -49.70
C ARG F 145 -42.29 13.05 -48.67
N ASN F 146 -42.87 12.79 -47.49
CA ASN F 146 -42.47 12.14 -46.24
C ASN F 146 -43.62 12.37 -45.26
N PRO F 147 -44.47 11.35 -45.02
CA PRO F 147 -45.59 11.56 -44.07
C PRO F 147 -45.16 11.86 -42.62
N ASP F 148 -44.01 11.31 -42.18
CA ASP F 148 -43.38 11.44 -40.86
C ASP F 148 -43.00 12.87 -40.53
N THR F 149 -42.92 13.70 -41.58
CA THR F 149 -42.59 15.12 -41.42
C THR F 149 -43.63 15.83 -40.54
N ILE F 150 -44.94 15.45 -40.61
CA ILE F 150 -46.00 16.00 -39.76
C ILE F 150 -45.78 15.62 -38.30
N PHE F 151 -45.42 14.35 -38.07
CA PHE F 151 -45.11 13.88 -36.72
C PHE F 151 -43.94 14.62 -36.13
N ILE F 152 -42.84 14.75 -36.89
CA ILE F 152 -41.63 15.44 -36.45
C ILE F 152 -41.92 16.90 -36.15
N LEU F 153 -42.64 17.57 -37.05
CA LEU F 153 -43.00 18.97 -36.87
C LEU F 153 -43.90 19.18 -35.65
N ALA F 154 -44.80 18.22 -35.37
CA ALA F 154 -45.66 18.27 -34.19
C ALA F 154 -44.81 18.31 -32.92
N PHE F 155 -43.74 17.51 -32.87
CA PHE F 155 -42.83 17.55 -31.75
C PHE F 155 -41.97 18.78 -31.73
N ALA F 156 -41.70 19.38 -32.89
CA ALA F 156 -40.88 20.57 -32.90
C ALA F 156 -41.70 21.71 -32.28
N ILE F 157 -43.03 21.69 -32.52
CA ILE F 157 -43.97 22.67 -31.99
C ILE F 157 -44.06 22.50 -30.48
N ILE F 158 -44.24 21.25 -30.03
CA ILE F 158 -44.29 20.90 -28.62
C ILE F 158 -42.99 21.36 -27.92
N LEU F 159 -41.82 21.02 -28.49
CA LEU F 159 -40.52 21.38 -27.93
C LEU F 159 -40.34 22.90 -27.82
N LEU F 160 -40.82 23.63 -28.84
CA LEU F 160 -40.77 25.09 -28.87
C LEU F 160 -41.57 25.68 -27.72
N ASN F 161 -42.80 25.17 -27.55
CA ASN F 161 -43.68 25.60 -26.48
C ASN F 161 -42.97 25.47 -25.14
N THR F 162 -42.33 24.31 -24.90
CA THR F 162 -41.55 24.09 -23.68
C THR F 162 -40.39 25.11 -23.59
N ASP F 163 -39.58 25.23 -24.67
CA ASP F 163 -38.41 26.10 -24.65
C ASP F 163 -38.77 27.55 -24.30
N MET F 164 -39.78 28.12 -24.98
CA MET F 164 -40.24 29.49 -24.87
C MET F 164 -40.94 29.75 -23.55
N TYR F 165 -41.72 28.80 -23.04
CA TYR F 165 -42.53 29.08 -21.87
C TYR F 165 -42.11 28.50 -20.54
N SER F 166 -41.23 27.46 -20.53
CA SER F 166 -40.74 26.86 -19.27
C SER F 166 -39.79 27.83 -18.59
N PRO F 167 -40.11 28.14 -17.31
CA PRO F 167 -39.28 29.10 -16.54
C PRO F 167 -37.90 28.56 -16.24
N ASN F 168 -37.73 27.23 -16.27
CA ASN F 168 -36.45 26.56 -16.05
C ASN F 168 -35.45 26.83 -17.21
N VAL F 169 -35.94 27.33 -18.38
CA VAL F 169 -35.10 27.69 -19.53
C VAL F 169 -34.84 29.19 -19.41
N LYS F 170 -33.61 29.56 -19.01
CA LYS F 170 -33.14 30.94 -18.86
C LYS F 170 -33.40 31.75 -20.16
N PRO F 171 -34.11 32.93 -20.06
CA PRO F 171 -34.50 33.71 -21.24
C PRO F 171 -33.48 33.93 -22.35
N GLU F 172 -32.17 33.80 -22.03
CA GLU F 172 -31.07 33.94 -22.98
C GLU F 172 -31.04 32.68 -23.88
N ARG F 173 -31.15 31.50 -23.27
CA ARG F 173 -31.07 30.26 -24.03
C ARG F 173 -32.38 29.82 -24.75
N LYS F 174 -33.39 30.73 -24.78
CA LYS F 174 -34.66 30.55 -25.48
C LYS F 174 -34.41 30.44 -27.00
N MET F 175 -35.31 29.79 -27.73
CA MET F 175 -35.20 29.66 -29.17
C MET F 175 -35.89 30.83 -29.86
N LYS F 176 -35.10 31.45 -30.74
CA LYS F 176 -35.52 32.55 -31.57
C LYS F 176 -36.16 31.94 -32.81
N LEU F 177 -36.83 32.76 -33.63
CA LEU F 177 -37.25 32.31 -34.94
C LEU F 177 -35.84 32.37 -35.50
N GLU F 178 -35.46 31.48 -36.34
CA GLU F 178 -34.09 31.31 -36.85
C GLU F 178 -33.59 30.07 -36.20
N ASP F 179 -33.52 30.00 -34.85
CA ASP F 179 -33.11 28.74 -34.23
C ASP F 179 -34.16 27.63 -34.53
N PHE F 180 -35.45 28.00 -34.43
CA PHE F 180 -36.56 27.09 -34.70
C PHE F 180 -36.50 26.57 -36.15
N ILE F 181 -36.25 27.52 -37.09
CA ILE F 181 -36.16 27.21 -38.51
C ILE F 181 -34.99 26.26 -38.80
N LYS F 182 -33.78 26.61 -38.30
CA LYS F 182 -32.54 25.83 -38.51
C LYS F 182 -32.55 24.45 -37.86
N ASN F 183 -33.21 24.34 -36.69
CA ASN F 183 -33.34 23.06 -36.00
C ASN F 183 -34.05 22.03 -36.89
N LEU F 184 -34.92 22.49 -37.77
CA LEU F 184 -35.72 21.62 -38.63
C LEU F 184 -35.21 21.41 -40.03
N ARG F 185 -33.99 21.87 -40.30
CA ARG F 185 -33.33 21.69 -41.58
C ARG F 185 -33.19 20.22 -41.92
N GLY F 186 -33.52 19.87 -43.16
CA GLY F 186 -33.40 18.51 -43.68
C GLY F 186 -34.40 17.50 -43.20
N VAL F 187 -35.39 17.92 -42.39
CA VAL F 187 -36.40 17.03 -41.80
C VAL F 187 -37.30 16.33 -42.82
N ASP F 188 -37.60 17.01 -43.93
CA ASP F 188 -38.49 16.50 -44.96
C ASP F 188 -37.73 15.58 -45.94
N ASP F 189 -37.33 14.37 -45.46
CA ASP F 189 -36.57 13.39 -46.24
C ASP F 189 -35.35 14.01 -46.93
N GLY F 190 -34.61 14.83 -46.20
CA GLY F 190 -33.42 15.47 -46.73
C GLY F 190 -33.63 16.92 -47.09
N GLU F 191 -34.88 17.29 -47.41
CA GLU F 191 -35.23 18.67 -47.78
C GLU F 191 -35.81 19.44 -46.60
N ASP F 192 -36.02 20.74 -46.79
CA ASP F 192 -36.56 21.59 -45.74
C ASP F 192 -38.05 21.77 -45.88
N ILE F 193 -38.71 22.03 -44.76
CA ILE F 193 -40.12 22.44 -44.70
C ILE F 193 -40.10 23.95 -45.12
N PRO F 194 -41.18 24.49 -45.77
CA PRO F 194 -41.19 25.91 -46.16
C PRO F 194 -40.88 26.88 -45.02
N ARG F 195 -39.93 27.83 -45.25
CA ARG F 195 -39.51 28.79 -44.22
C ARG F 195 -40.70 29.56 -43.62
N GLU F 196 -41.67 29.99 -44.48
CA GLU F 196 -42.84 30.77 -44.09
C GLU F 196 -43.80 29.97 -43.22
N MET F 197 -43.91 28.65 -43.49
CA MET F 197 -44.76 27.75 -42.71
C MET F 197 -44.20 27.69 -41.30
N LEU F 198 -42.88 27.41 -41.16
CA LEU F 198 -42.18 27.35 -39.88
C LEU F 198 -42.30 28.66 -39.11
N MET F 199 -42.14 29.80 -39.81
CA MET F 199 -42.23 31.16 -39.23
C MET F 199 -43.63 31.36 -38.63
N GLY F 200 -44.65 30.98 -39.39
CA GLY F 200 -46.04 31.08 -38.97
C GLY F 200 -46.30 30.28 -37.72
N ILE F 201 -45.84 29.01 -37.68
CA ILE F 201 -45.97 28.11 -36.53
C ILE F 201 -45.29 28.78 -35.32
N TYR F 202 -44.04 29.24 -35.52
CA TYR F 202 -43.26 29.91 -34.48
C TYR F 202 -44.01 31.09 -33.90
N GLU F 203 -44.46 32.03 -34.76
CA GLU F 203 -45.18 33.22 -34.30
C GLU F 203 -46.54 32.91 -33.62
N ARG F 204 -47.23 31.86 -34.06
CA ARG F 204 -48.49 31.46 -33.43
C ARG F 204 -48.23 31.02 -31.97
N ILE F 205 -47.19 30.17 -31.72
CA ILE F 205 -46.81 29.70 -30.39
C ILE F 205 -46.34 30.87 -29.54
N ARG F 206 -45.51 31.77 -30.12
CA ARG F 206 -45.00 32.94 -29.42
C ARG F 206 -46.13 33.85 -28.95
N LYS F 207 -47.13 34.04 -29.80
CA LYS F 207 -48.29 34.88 -29.48
C LYS F 207 -49.23 34.26 -28.45
N ARG F 208 -49.37 32.93 -28.40
CA ARG F 208 -50.24 32.22 -27.43
C ARG F 208 -49.70 30.84 -27.04
N GLU F 209 -49.56 30.59 -25.73
CA GLU F 209 -49.05 29.32 -25.21
C GLU F 209 -50.08 28.18 -25.29
N LEU F 210 -49.57 26.94 -25.29
CA LEU F 210 -50.35 25.71 -25.24
C LEU F 210 -50.61 25.50 -23.72
N LYS F 211 -51.89 25.49 -23.27
CA LYS F 211 -52.17 25.41 -21.83
C LYS F 211 -53.12 24.28 -21.31
N THR F 212 -53.42 23.28 -22.16
CA THR F 212 -54.35 22.21 -21.79
C THR F 212 -55.69 22.85 -21.50
N ASN F 213 -56.30 22.55 -20.35
CA ASN F 213 -57.60 23.04 -19.98
C ASN F 213 -57.82 22.88 -18.51
N GLU F 214 -58.75 23.70 -18.02
CA GLU F 214 -59.16 23.79 -16.64
C GLU F 214 -59.76 22.44 -16.21
N ASP F 215 -59.09 21.85 -15.21
CA ASP F 215 -59.32 20.55 -14.60
C ASP F 215 -59.97 20.74 -13.24
N HIS F 216 -60.34 19.63 -12.60
CA HIS F 216 -60.84 19.67 -11.23
C HIS F 216 -59.65 20.06 -10.29
N VAL F 217 -58.44 19.71 -10.71
CA VAL F 217 -57.19 20.01 -10.02
C VAL F 217 -56.77 21.49 -10.18
N SER F 218 -57.22 22.16 -11.29
CA SER F 218 -56.93 23.59 -11.53
C SER F 218 -57.35 24.42 -10.31
N GLN F 219 -58.58 24.15 -9.81
CA GLN F 219 -59.18 24.75 -8.63
C GLN F 219 -58.35 24.49 -7.36
N VAL F 220 -57.76 23.28 -7.20
CA VAL F 220 -56.91 22.91 -6.03
C VAL F 220 -55.64 23.72 -6.06
N GLN F 221 -55.08 23.93 -7.26
CA GLN F 221 -53.84 24.70 -7.47
C GLN F 221 -54.11 26.15 -7.14
N LYS F 222 -55.29 26.65 -7.53
CA LYS F 222 -55.74 28.01 -7.25
C LYS F 222 -55.75 28.21 -5.74
N VAL F 223 -56.34 27.27 -4.99
CA VAL F 223 -56.42 27.33 -3.52
C VAL F 223 -54.99 27.30 -2.90
N GLU F 224 -54.21 26.25 -3.27
CA GLU F 224 -52.88 25.91 -2.77
C GLU F 224 -51.91 27.06 -2.75
N LYS F 225 -52.05 27.98 -3.72
CA LYS F 225 -51.16 29.13 -3.87
C LYS F 225 -51.51 30.32 -2.93
N LEU F 226 -52.77 30.36 -2.47
CA LEU F 226 -53.28 31.40 -1.59
C LEU F 226 -52.84 31.17 -0.16
N ILE F 227 -52.42 29.93 0.12
CA ILE F 227 -51.93 29.50 1.43
C ILE F 227 -50.42 29.82 1.60
N VAL F 228 -50.05 30.43 2.77
CA VAL F 228 -48.67 30.74 3.16
C VAL F 228 -48.22 30.08 4.51
N GLY F 229 -47.81 28.79 4.38
CA GLY F 229 -47.37 27.86 5.41
C GLY F 229 -46.86 28.35 6.76
N LYS F 230 -47.66 28.06 7.83
CA LYS F 230 -47.47 28.38 9.27
C LYS F 230 -46.62 29.62 9.60
N CYS F 242 -46.36 18.12 2.13
CA CYS F 242 -47.51 18.97 1.79
C CYS F 242 -47.93 18.84 0.30
N VAL F 243 -47.85 19.95 -0.53
CA VAL F 243 -48.21 20.00 -1.98
C VAL F 243 -49.63 19.44 -2.31
N LEU F 244 -50.66 20.15 -1.83
CA LEU F 244 -52.01 19.70 -2.11
C LEU F 244 -52.42 20.18 -3.47
N SER F 245 -52.36 19.27 -4.44
CA SER F 245 -52.73 19.44 -5.85
C SER F 245 -52.41 18.13 -6.52
N LEU F 246 -52.58 17.04 -5.74
CA LEU F 246 -52.39 15.71 -6.27
C LEU F 246 -53.54 15.39 -7.26
N PRO F 247 -53.23 14.63 -8.36
CA PRO F 247 -54.26 14.35 -9.38
C PRO F 247 -55.65 13.93 -8.87
N HIS F 248 -55.68 13.04 -7.87
CA HIS F 248 -56.88 12.48 -7.27
C HIS F 248 -57.64 13.46 -6.43
N ARG F 249 -56.92 14.41 -5.79
CA ARG F 249 -57.49 15.42 -4.89
C ARG F 249 -58.37 16.48 -5.58
N ARG F 250 -59.64 16.56 -5.11
CA ARG F 250 -60.71 17.48 -5.53
C ARG F 250 -61.13 18.32 -4.29
N LEU F 251 -61.43 19.61 -4.45
CA LEU F 251 -61.90 20.44 -3.33
C LEU F 251 -63.42 20.37 -3.18
N VAL F 252 -63.87 19.67 -2.13
CA VAL F 252 -65.29 19.45 -1.77
C VAL F 252 -65.96 20.77 -1.40
N CYS F 253 -65.38 21.55 -0.43
CA CYS F 253 -65.89 22.86 0.00
C CYS F 253 -64.98 23.70 0.89
N TYR F 254 -65.23 25.03 0.92
CA TYR F 254 -64.59 26.04 1.76
C TYR F 254 -65.69 26.54 2.70
N CYS F 255 -65.35 26.77 3.98
CA CYS F 255 -66.32 27.17 4.97
C CYS F 255 -65.61 27.86 6.13
N ARG F 256 -66.15 28.99 6.64
CA ARG F 256 -65.55 29.55 7.84
C ARG F 256 -66.22 28.96 9.05
N LEU F 257 -65.39 28.62 10.03
CA LEU F 257 -65.73 28.05 11.31
C LEU F 257 -64.83 28.65 12.35
N PHE F 258 -65.32 28.74 13.57
CA PHE F 258 -64.60 29.29 14.70
C PHE F 258 -64.07 28.14 15.51
N GLU F 259 -62.78 28.14 15.79
CA GLU F 259 -62.15 27.05 16.51
C GLU F 259 -62.38 27.16 18.02
N VAL F 260 -62.80 26.04 18.61
CA VAL F 260 -63.13 25.95 20.04
C VAL F 260 -62.08 25.13 20.81
N PRO F 261 -61.08 25.81 21.42
CA PRO F 261 -60.07 25.08 22.21
C PRO F 261 -60.70 24.35 23.39
N ASP F 262 -61.64 24.98 24.11
CA ASP F 262 -62.28 24.26 25.19
C ASP F 262 -63.78 24.37 25.10
N PRO F 263 -64.47 23.25 24.74
CA PRO F 263 -65.95 23.27 24.67
C PRO F 263 -66.61 23.46 26.02
N ASN F 264 -65.89 23.14 27.12
CA ASN F 264 -66.38 23.27 28.48
C ASN F 264 -66.33 24.70 29.00
N LYS F 265 -65.57 25.59 28.33
CA LYS F 265 -65.44 26.99 28.73
C LYS F 265 -66.05 27.88 27.64
N PRO F 266 -66.54 29.10 27.94
CA PRO F 266 -67.06 29.95 26.85
C PRO F 266 -65.96 30.77 26.19
N GLN F 267 -66.32 31.55 25.13
CA GLN F 267 -65.43 32.45 24.39
C GLN F 267 -66.18 33.54 23.59
N LYS F 268 -65.46 34.64 23.22
CA LYS F 268 -66.00 35.74 22.41
C LYS F 268 -66.45 35.16 21.04
N LEU F 269 -67.52 35.73 20.45
CA LEU F 269 -68.08 35.25 19.20
C LEU F 269 -67.15 35.01 18.00
N GLY F 270 -66.55 36.07 17.47
CA GLY F 270 -65.67 35.98 16.31
C GLY F 270 -64.31 35.34 16.54
N LEU F 271 -64.04 34.93 17.81
CA LEU F 271 -62.77 34.34 18.24
C LEU F 271 -62.38 33.08 17.51
N HIS F 272 -61.09 32.98 17.19
CA HIS F 272 -60.49 31.84 16.47
C HIS F 272 -61.22 31.55 15.16
N GLN F 273 -61.21 32.52 14.26
CA GLN F 273 -61.85 32.40 12.96
C GLN F 273 -60.99 31.63 11.97
N ARG F 274 -61.33 30.36 11.81
CA ARG F 274 -60.63 29.51 10.86
C ARG F 274 -61.39 29.49 9.56
N GLU F 275 -60.68 29.10 8.51
CA GLU F 275 -61.15 28.96 7.14
C GLU F 275 -60.81 27.54 6.76
N ILE F 276 -61.85 26.73 6.58
CA ILE F 276 -61.65 25.32 6.31
C ILE F 276 -61.75 25.04 4.83
N PHE F 277 -60.89 24.14 4.36
CA PHE F 277 -60.97 23.65 3.01
C PHE F 277 -61.03 22.13 3.12
N LEU F 278 -62.11 21.57 2.56
CA LEU F 278 -62.35 20.14 2.53
C LEU F 278 -62.16 19.66 1.11
N PHE F 279 -61.24 18.72 1.00
CA PHE F 279 -60.83 18.01 -0.18
C PHE F 279 -61.36 16.61 0.02
N ASN F 280 -61.51 15.83 -1.05
CA ASN F 280 -62.05 14.50 -0.92
C ASN F 280 -61.34 13.59 0.10
N ASP F 281 -60.03 13.84 0.41
CA ASP F 281 -59.27 13.02 1.35
C ASP F 281 -58.65 13.77 2.52
N LEU F 282 -58.81 15.09 2.57
CA LEU F 282 -58.13 15.90 3.58
C LEU F 282 -58.96 17.09 4.02
N LEU F 283 -58.72 17.52 5.27
CA LEU F 283 -59.31 18.75 5.82
C LEU F 283 -58.17 19.68 6.17
N VAL F 284 -58.15 20.87 5.54
CA VAL F 284 -57.13 21.89 5.78
C VAL F 284 -57.78 23.04 6.56
N VAL F 285 -57.07 23.55 7.57
CA VAL F 285 -57.52 24.60 8.48
C VAL F 285 -56.59 25.81 8.32
N THR F 286 -57.13 27.05 8.20
CA THR F 286 -56.28 28.24 8.03
C THR F 286 -56.83 29.40 8.83
N LYS F 287 -55.99 30.36 9.27
CA LYS F 287 -56.46 31.64 9.83
C LYS F 287 -56.32 32.50 8.54
N ILE F 288 -56.56 33.80 8.56
CA ILE F 288 -56.39 34.62 7.34
C ILE F 288 -55.15 35.47 7.47
N PHE F 289 -54.36 35.57 6.41
CA PHE F 289 -53.20 36.44 6.45
C PHE F 289 -53.60 37.86 6.04
N GLN F 290 -53.85 38.10 4.74
CA GLN F 290 -54.18 39.40 4.17
C GLN F 290 -55.58 39.40 3.50
N LYS F 291 -56.57 40.12 4.07
CA LYS F 291 -57.89 40.23 3.44
C LYS F 291 -58.03 41.59 2.71
N LYS F 292 -57.52 41.62 1.46
CA LYS F 292 -57.56 42.79 0.58
C LYS F 292 -58.69 42.61 -0.44
N LYS F 293 -59.46 43.72 -0.74
CA LYS F 293 -60.65 43.82 -1.62
C LYS F 293 -60.92 42.64 -2.56
N ASN F 294 -59.88 42.27 -3.35
CA ASN F 294 -59.86 41.08 -4.21
C ASN F 294 -58.56 40.31 -3.97
N SER F 295 -58.68 38.98 -3.79
CA SER F 295 -57.63 37.99 -3.50
C SER F 295 -57.18 38.00 -2.05
N VAL F 296 -57.68 37.00 -1.29
CA VAL F 296 -57.37 36.75 0.13
C VAL F 296 -56.23 35.74 0.20
N THR F 297 -55.32 35.95 1.16
CA THR F 297 -54.18 35.09 1.40
C THR F 297 -54.40 34.37 2.73
N TYR F 298 -54.29 33.04 2.74
CA TYR F 298 -54.55 32.21 3.90
C TYR F 298 -53.28 31.75 4.58
N SER F 299 -53.36 31.53 5.90
CA SER F 299 -52.21 31.10 6.69
C SER F 299 -51.78 29.62 6.53
N PHE F 300 -52.55 28.66 7.03
CA PHE F 300 -52.27 27.22 7.12
C PHE F 300 -51.92 27.00 8.52
N ARG F 301 -52.87 26.45 9.24
CA ARG F 301 -52.74 26.23 10.64
C ARG F 301 -52.54 24.73 10.92
N GLN F 302 -53.30 23.85 10.24
CA GLN F 302 -53.17 22.39 10.36
C GLN F 302 -53.75 21.62 9.16
N SER F 303 -53.52 20.31 9.13
CA SER F 303 -53.99 19.41 8.07
C SER F 303 -54.45 18.09 8.69
N PHE F 304 -55.65 17.67 8.34
CA PHE F 304 -56.18 16.44 8.91
C PHE F 304 -56.58 15.46 7.84
N SER F 305 -55.99 14.28 7.91
CA SER F 305 -56.35 13.16 7.04
C SER F 305 -57.76 12.70 7.45
N LEU F 306 -58.60 12.33 6.48
CA LEU F 306 -59.95 11.91 6.86
C LEU F 306 -60.09 10.47 7.38
N TYR F 307 -59.20 9.57 6.94
CA TYR F 307 -59.23 8.16 7.33
C TYR F 307 -59.22 7.99 8.84
N GLY F 308 -60.17 7.23 9.35
CA GLY F 308 -60.27 6.97 10.76
C GLY F 308 -60.86 8.11 11.58
N MET F 309 -61.21 9.26 10.96
CA MET F 309 -61.85 10.36 11.69
C MET F 309 -63.37 10.26 11.68
N GLN F 310 -64.00 10.84 12.68
CA GLN F 310 -65.47 10.90 12.84
C GLN F 310 -65.85 12.34 13.14
N VAL F 311 -67.11 12.66 12.91
CA VAL F 311 -67.68 14.01 13.06
C VAL F 311 -68.87 13.90 13.96
N LEU F 312 -68.96 14.77 14.94
CA LEU F 312 -70.11 14.74 15.84
C LEU F 312 -70.50 16.14 16.22
N LEU F 313 -71.80 16.36 16.22
CA LEU F 313 -72.39 17.63 16.53
C LEU F 313 -72.59 17.67 18.03
N PHE F 314 -72.42 18.86 18.61
CA PHE F 314 -72.65 19.10 20.03
C PHE F 314 -73.23 20.48 20.25
N GLU F 315 -74.07 20.60 21.27
CA GLU F 315 -74.67 21.89 21.66
C GLU F 315 -74.57 21.96 23.16
N ASN F 316 -74.03 23.06 23.67
CA ASN F 316 -73.97 23.27 25.11
C ASN F 316 -74.45 24.70 25.50
N GLN F 317 -74.27 25.10 26.78
CA GLN F 317 -74.63 26.44 27.26
C GLN F 317 -73.80 27.56 26.61
N TYR F 318 -72.68 27.21 25.95
CA TYR F 318 -71.79 28.18 25.33
C TYR F 318 -71.74 28.11 23.80
N TYR F 319 -71.84 26.90 23.23
CA TYR F 319 -71.75 26.73 21.78
C TYR F 319 -73.02 26.13 21.22
N PRO F 320 -73.75 26.83 20.33
CA PRO F 320 -74.97 26.25 19.76
C PRO F 320 -74.76 25.36 18.54
N ASN F 321 -73.92 25.77 17.60
CA ASN F 321 -73.69 24.98 16.38
C ASN F 321 -72.27 24.35 16.45
N GLY F 322 -71.98 23.60 17.52
CA GLY F 322 -70.67 22.97 17.69
C GLY F 322 -70.47 21.68 16.90
N ILE F 323 -69.22 21.37 16.55
CA ILE F 323 -68.77 20.18 15.81
C ILE F 323 -67.47 19.72 16.49
N ARG F 324 -67.27 18.41 16.64
CA ARG F 324 -66.05 17.84 17.20
C ARG F 324 -65.54 16.75 16.26
N LEU F 325 -64.29 16.88 15.83
CA LEU F 325 -63.68 15.90 14.97
C LEU F 325 -62.82 15.05 15.87
N THR F 326 -62.93 13.73 15.77
CA THR F 326 -62.17 12.80 16.61
C THR F 326 -61.62 11.63 15.76
N SER F 327 -60.40 11.16 16.04
CA SER F 327 -59.80 10.04 15.30
C SER F 327 -59.66 8.77 16.14
N SER F 328 -60.31 7.70 15.66
CA SER F 328 -60.28 6.39 16.30
C SER F 328 -59.58 5.37 15.41
N VAL F 329 -58.26 5.29 15.59
CA VAL F 329 -57.32 4.39 14.90
C VAL F 329 -57.26 3.03 15.64
N PRO F 330 -56.94 1.89 14.97
CA PRO F 330 -56.92 0.60 15.70
C PRO F 330 -55.82 0.46 16.75
N GLY F 331 -56.23 0.46 18.02
CA GLY F 331 -55.34 0.35 19.16
C GLY F 331 -55.28 1.57 20.06
N ALA F 332 -55.00 2.76 19.47
CA ALA F 332 -54.90 4.04 20.19
C ALA F 332 -56.27 4.70 20.47
N ASP F 333 -57.34 4.07 19.91
CA ASP F 333 -58.78 4.38 19.92
C ASP F 333 -59.29 5.66 20.61
N ILE F 334 -59.82 6.60 19.78
CA ILE F 334 -60.38 7.90 20.15
C ILE F 334 -59.38 8.93 20.64
N LYS F 335 -59.29 10.03 19.89
CA LYS F 335 -58.48 11.20 20.16
C LYS F 335 -59.24 12.38 19.58
N VAL F 336 -59.45 13.43 20.38
CA VAL F 336 -60.17 14.60 19.88
C VAL F 336 -59.23 15.41 19.00
N LEU F 337 -59.44 15.39 17.68
CA LEU F 337 -58.66 16.12 16.71
C LEU F 337 -58.76 17.64 16.90
N ILE F 338 -59.99 18.18 16.86
CA ILE F 338 -60.31 19.62 16.89
C ILE F 338 -61.82 19.81 17.20
N ASN F 339 -62.20 21.01 17.61
CA ASN F 339 -63.57 21.39 17.97
C ASN F 339 -63.87 22.70 17.26
N PHE F 340 -65.08 22.83 16.74
CA PHE F 340 -65.47 24.03 15.99
C PHE F 340 -66.87 24.51 16.33
N ASN F 341 -67.10 25.80 16.21
CA ASN F 341 -68.45 26.35 16.32
C ASN F 341 -68.83 26.95 14.94
N ALA F 342 -69.93 26.49 14.32
CA ALA F 342 -70.35 27.04 13.04
C ALA F 342 -71.19 28.29 13.26
N PRO F 343 -71.16 29.29 12.35
CA PRO F 343 -71.94 30.52 12.60
C PRO F 343 -73.45 30.33 12.64
N ASN F 344 -73.94 29.34 11.90
CA ASN F 344 -75.36 29.02 11.87
C ASN F 344 -75.59 27.52 11.86
N PRO F 345 -76.79 27.06 12.27
CA PRO F 345 -77.08 25.62 12.19
C PRO F 345 -76.98 25.14 10.75
N GLN F 346 -77.36 26.00 9.77
CA GLN F 346 -77.33 25.68 8.33
C GLN F 346 -75.94 25.32 7.87
N ASP F 347 -74.95 26.14 8.22
CA ASP F 347 -73.57 25.90 7.86
C ASP F 347 -73.03 24.64 8.50
N ARG F 348 -73.35 24.44 9.81
CA ARG F 348 -72.99 23.24 10.56
C ARG F 348 -73.49 22.03 9.78
N LYS F 349 -74.79 21.99 9.45
CA LYS F 349 -75.40 20.87 8.74
C LYS F 349 -74.72 20.60 7.42
N LYS F 350 -74.50 21.64 6.64
CA LYS F 350 -73.91 21.54 5.33
C LYS F 350 -72.49 20.91 5.35
N PHE F 351 -71.63 21.54 6.17
CA PHE F 351 -70.27 21.10 6.35
C PHE F 351 -70.19 19.67 6.88
N THR F 352 -71.01 19.37 7.93
CA THR F 352 -71.03 18.05 8.52
C THR F 352 -71.45 16.99 7.53
N ASP F 353 -72.46 17.29 6.70
CA ASP F 353 -72.93 16.34 5.70
C ASP F 353 -71.87 16.04 4.66
N ASP F 354 -71.21 17.09 4.19
CA ASP F 354 -70.13 16.94 3.21
C ASP F 354 -68.95 16.19 3.78
N LEU F 355 -68.56 16.52 5.01
CA LEU F 355 -67.42 15.88 5.68
C LEU F 355 -67.70 14.41 5.95
N ARG F 356 -68.93 14.09 6.42
CA ARG F 356 -69.34 12.72 6.68
C ARG F 356 -69.27 11.89 5.39
N GLU F 357 -69.77 12.43 4.28
CA GLU F 357 -69.73 11.71 3.01
C GLU F 357 -68.31 11.48 2.53
N SER F 358 -67.46 12.49 2.71
CA SER F 358 -66.05 12.42 2.35
C SER F 358 -65.37 11.28 3.11
N ILE F 359 -65.63 11.15 4.43
CA ILE F 359 -65.05 10.12 5.29
C ILE F 359 -65.41 8.72 4.84
N ALA F 360 -66.67 8.53 4.51
CA ALA F 360 -67.17 7.25 4.03
C ALA F 360 -66.47 6.91 2.70
N GLU F 361 -66.34 7.91 1.80
CA GLU F 361 -65.68 7.75 0.51
C GLU F 361 -64.26 7.26 0.77
N VAL F 362 -63.52 7.93 1.66
CA VAL F 362 -62.14 7.60 2.08
C VAL F 362 -62.05 6.21 2.74
N GLN F 363 -63.07 5.85 3.55
CA GLN F 363 -63.14 4.55 4.23
C GLN F 363 -63.17 3.42 3.23
N GLU F 364 -64.17 3.44 2.32
CA GLU F 364 -64.35 2.44 1.28
C GLU F 364 -63.17 2.40 0.27
N MET F 365 -62.31 3.44 0.27
CA MET F 365 -61.11 3.49 -0.58
C MET F 365 -60.02 2.61 -0.03
N GLU F 366 -59.74 2.71 1.28
CA GLU F 366 -58.70 1.91 1.94
C GLU F 366 -59.16 0.50 2.10
N LYS F 367 -60.47 0.33 2.38
CA LYS F 367 -61.13 -0.97 2.49
C LYS F 367 -60.82 -1.75 1.22
N HIS F 368 -60.93 -1.07 0.02
CA HIS F 368 -60.66 -1.62 -1.31
C HIS F 368 -59.20 -1.92 -1.52
N ARG F 369 -58.32 -0.93 -1.35
CA ARG F 369 -56.89 -1.14 -1.55
C ARG F 369 -56.25 -2.21 -0.66
N ILE F 370 -56.82 -2.47 0.53
CA ILE F 370 -56.33 -3.53 1.41
C ILE F 370 -56.80 -4.89 0.86
N GLU F 371 -58.03 -4.92 0.31
CA GLU F 371 -58.55 -6.12 -0.33
C GLU F 371 -57.80 -6.38 -1.63
N SER F 372 -57.52 -5.29 -2.42
CA SER F 372 -56.76 -5.34 -3.68
C SER F 372 -55.34 -5.88 -3.47
N GLU F 373 -54.78 -5.65 -2.28
CA GLU F 373 -53.45 -6.12 -1.88
C GLU F 373 -53.47 -7.53 -1.31
N LEU F 374 -54.60 -7.91 -0.66
CA LEU F 374 -54.81 -9.26 -0.09
C LEU F 374 -55.00 -10.32 -1.20
N GLU F 375 -55.33 -9.86 -2.42
CA GLU F 375 -55.50 -10.67 -3.63
C GLU F 375 -54.15 -10.79 -4.35
N LYS F 376 -53.37 -9.68 -4.39
CA LYS F 376 -52.00 -9.62 -4.96
C LYS F 376 -51.10 -10.66 -4.29
N GLN F 377 -51.34 -10.92 -2.97
CA GLN F 377 -50.65 -11.91 -2.16
C GLN F 377 -51.41 -13.24 -2.21
N MET G 1 11.42 -12.51 -10.84
CA MET G 1 12.15 -13.55 -11.56
C MET G 1 11.16 -14.48 -12.28
N ARG G 2 11.30 -14.63 -13.60
CA ARG G 2 10.39 -15.49 -14.34
C ARG G 2 10.84 -16.94 -14.31
N ILE G 3 9.97 -17.79 -13.80
CA ILE G 3 10.22 -19.22 -13.68
C ILE G 3 9.20 -20.01 -14.47
N LEU G 4 9.67 -20.94 -15.28
CA LEU G 4 8.78 -21.84 -15.98
C LEU G 4 8.86 -23.23 -15.31
N MET G 5 7.72 -23.74 -14.82
CA MET G 5 7.67 -25.06 -14.20
C MET G 5 7.02 -26.03 -15.15
N VAL G 6 7.80 -26.98 -15.64
CA VAL G 6 7.36 -27.98 -16.60
C VAL G 6 7.62 -29.40 -16.13
N GLY G 7 7.12 -30.37 -16.88
CA GLY G 7 7.19 -31.78 -16.56
C GLY G 7 5.92 -32.46 -17.03
N LEU G 8 5.90 -33.80 -17.04
CA LEU G 8 4.72 -34.54 -17.51
C LEU G 8 3.53 -34.29 -16.63
N ASP G 9 2.33 -34.58 -17.15
CA ASP G 9 1.13 -34.52 -16.32
C ASP G 9 1.32 -35.53 -15.17
N ALA G 10 0.70 -35.25 -14.02
CA ALA G 10 0.74 -36.05 -12.80
C ALA G 10 2.07 -36.06 -12.06
N ALA G 11 3.07 -35.27 -12.51
CA ALA G 11 4.38 -35.20 -11.87
C ALA G 11 4.31 -34.53 -10.48
N GLY G 12 3.36 -33.61 -10.31
CA GLY G 12 3.15 -32.89 -9.06
C GLY G 12 3.35 -31.39 -9.16
N LYS G 13 3.39 -30.84 -10.38
CA LYS G 13 3.61 -29.40 -10.61
C LYS G 13 2.61 -28.50 -9.91
N THR G 14 1.31 -28.76 -10.13
CA THR G 14 0.25 -27.97 -9.51
C THR G 14 0.30 -28.10 -7.98
N THR G 15 0.57 -29.31 -7.46
CA THR G 15 0.71 -29.55 -6.02
C THR G 15 1.83 -28.68 -5.47
N ILE G 16 2.96 -28.63 -6.17
CA ILE G 16 4.10 -27.82 -5.78
C ILE G 16 3.76 -26.33 -5.79
N LEU G 17 3.11 -25.86 -6.87
CA LEU G 17 2.77 -24.46 -6.98
C LEU G 17 1.96 -23.96 -5.79
N TYR G 18 0.89 -24.69 -5.45
CA TYR G 18 -0.01 -24.33 -4.35
C TYR G 18 0.64 -24.51 -2.97
N LYS G 19 1.53 -25.51 -2.83
CA LYS G 19 2.24 -25.74 -1.59
C LYS G 19 3.19 -24.57 -1.36
N LEU G 20 3.89 -24.16 -2.42
CA LEU G 20 4.80 -23.02 -2.34
C LEU G 20 4.05 -21.73 -2.07
N LYS G 21 2.93 -21.50 -2.77
CA LYS G 21 2.16 -20.26 -2.61
C LYS G 21 1.39 -20.17 -1.28
N LEU G 22 0.88 -21.32 -0.75
CA LEU G 22 0.13 -21.49 0.52
C LEU G 22 0.36 -20.41 1.62
N GLY G 23 1.61 -19.99 1.80
CA GLY G 23 2.01 -19.00 2.79
C GLY G 23 1.75 -17.54 2.45
N GLU G 24 1.23 -17.26 1.23
CA GLU G 24 0.95 -15.90 0.76
C GLU G 24 -0.53 -15.68 0.42
N ILE G 25 -1.09 -14.54 0.90
CA ILE G 25 -2.48 -14.09 0.78
C ILE G 25 -3.19 -14.25 -0.59
N VAL G 26 -4.28 -15.04 -0.59
CA VAL G 26 -5.19 -15.28 -1.72
C VAL G 26 -6.52 -14.60 -1.36
N THR G 27 -6.58 -13.29 -1.65
CA THR G 27 -7.74 -12.43 -1.39
C THR G 27 -8.71 -12.42 -2.59
N THR G 28 -8.21 -12.86 -3.76
CA THR G 28 -8.98 -12.87 -5.00
C THR G 28 -8.91 -14.18 -5.80
N ILE G 29 -9.98 -14.42 -6.57
CA ILE G 29 -10.19 -15.54 -7.48
C ILE G 29 -9.20 -15.41 -8.67
N PRO G 30 -8.36 -16.46 -8.91
CA PRO G 30 -7.36 -16.36 -9.98
C PRO G 30 -7.94 -16.40 -11.40
N THR G 31 -7.45 -15.50 -12.27
CA THR G 31 -7.86 -15.32 -13.67
C THR G 31 -7.94 -16.64 -14.47
N ILE G 32 -8.93 -16.77 -15.38
CA ILE G 32 -9.17 -17.94 -16.23
C ILE G 32 -7.92 -18.35 -17.02
N GLY G 33 -7.57 -19.61 -16.93
CA GLY G 33 -6.41 -20.18 -17.62
C GLY G 33 -5.58 -21.10 -16.76
N PHE G 34 -4.31 -21.25 -17.14
CA PHE G 34 -3.32 -22.10 -16.50
C PHE G 34 -2.85 -21.50 -15.19
N ASN G 35 -2.05 -22.24 -14.41
CA ASN G 35 -1.64 -21.69 -13.13
C ASN G 35 -0.39 -20.87 -13.14
N VAL G 36 -0.50 -19.72 -12.49
CA VAL G 36 0.58 -18.76 -12.32
C VAL G 36 0.44 -18.11 -10.96
N GLU G 37 1.51 -18.12 -10.18
CA GLU G 37 1.54 -17.48 -8.86
C GLU G 37 2.90 -16.89 -8.63
N THR G 38 2.95 -15.78 -7.89
CA THR G 38 4.21 -15.14 -7.50
C THR G 38 4.53 -15.60 -6.09
N VAL G 39 5.71 -16.18 -5.92
CA VAL G 39 6.20 -16.66 -4.64
C VAL G 39 7.41 -15.84 -4.18
N GLU G 40 7.34 -15.28 -2.98
CA GLU G 40 8.47 -14.56 -2.43
C GLU G 40 9.26 -15.52 -1.54
N TYR G 41 10.58 -15.60 -1.73
CA TYR G 41 11.37 -16.48 -0.89
C TYR G 41 12.29 -15.71 0.09
N LYS G 42 13.59 -15.65 -0.14
CA LYS G 42 14.46 -14.92 0.77
C LYS G 42 14.56 -13.52 0.20
N ASN G 43 13.42 -12.79 0.23
CA ASN G 43 13.26 -11.43 -0.28
C ASN G 43 13.41 -11.30 -1.81
N ILE G 44 13.25 -12.42 -2.53
CA ILE G 44 13.29 -12.52 -3.99
C ILE G 44 11.92 -13.01 -4.44
N SER G 45 11.33 -12.33 -5.42
CA SER G 45 10.00 -12.70 -5.90
C SER G 45 10.07 -13.48 -7.20
N PHE G 46 9.49 -14.68 -7.21
CA PHE G 46 9.47 -15.54 -8.37
C PHE G 46 8.06 -15.70 -8.91
N THR G 47 7.87 -15.36 -10.19
CA THR G 47 6.60 -15.62 -10.86
C THR G 47 6.76 -17.00 -11.49
N VAL G 48 6.05 -17.98 -10.95
CA VAL G 48 6.13 -19.34 -11.44
C VAL G 48 4.95 -19.75 -12.30
N TRP G 49 5.24 -20.10 -13.56
CA TRP G 49 4.25 -20.51 -14.54
C TRP G 49 4.22 -22.03 -14.58
N ASP G 50 3.10 -22.60 -14.16
CA ASP G 50 2.85 -24.05 -14.14
C ASP G 50 2.14 -24.39 -15.46
N VAL G 51 2.91 -24.88 -16.44
CA VAL G 51 2.58 -25.19 -17.86
C VAL G 51 2.48 -26.71 -18.15
N GLY G 52 1.99 -27.08 -19.32
CA GLY G 52 1.90 -28.47 -19.75
C GLY G 52 1.22 -28.65 -21.08
N GLY G 53 1.03 -27.52 -21.78
CA GLY G 53 0.35 -27.42 -23.06
C GLY G 53 0.82 -28.33 -24.18
N GLN G 54 0.49 -29.65 -24.08
CA GLN G 54 0.81 -30.71 -25.06
C GLN G 54 2.13 -30.48 -25.82
N ASP G 55 2.06 -30.50 -27.14
CA ASP G 55 3.15 -30.23 -28.06
C ASP G 55 2.52 -29.53 -29.25
N LYS G 56 1.18 -29.58 -29.28
CA LYS G 56 0.35 -28.90 -30.27
C LYS G 56 0.39 -27.41 -29.92
N ILE G 57 0.35 -27.08 -28.62
CA ILE G 57 0.40 -25.68 -28.18
C ILE G 57 1.78 -25.25 -27.64
N ARG G 58 2.78 -26.11 -27.86
CA ARG G 58 4.20 -25.92 -27.55
C ARG G 58 4.80 -24.66 -28.23
N PRO G 59 4.47 -24.29 -29.54
CA PRO G 59 5.05 -23.06 -30.13
C PRO G 59 4.78 -21.76 -29.38
N LEU G 60 3.69 -21.74 -28.61
CA LEU G 60 3.32 -20.63 -27.75
C LEU G 60 4.17 -20.83 -26.52
N TRP G 61 4.17 -19.85 -25.59
CA TRP G 61 5.06 -19.81 -24.42
C TRP G 61 6.39 -19.17 -24.87
N ARG G 62 6.73 -19.32 -26.17
CA ARG G 62 7.90 -18.77 -26.80
C ARG G 62 8.08 -17.26 -26.60
N HIS G 63 6.97 -16.51 -26.36
CA HIS G 63 6.96 -15.07 -26.08
C HIS G 63 7.63 -14.86 -24.73
N TYR G 64 7.25 -15.69 -23.76
CA TYR G 64 7.77 -15.67 -22.40
C TYR G 64 9.21 -16.17 -22.40
N PHE G 65 9.46 -17.37 -22.96
CA PHE G 65 10.73 -18.07 -23.15
C PHE G 65 11.98 -17.19 -23.22
N GLN G 66 11.89 -16.05 -23.94
CA GLN G 66 12.98 -15.07 -24.11
C GLN G 66 13.45 -14.47 -22.76
N ASN G 67 12.48 -14.26 -21.86
CA ASN G 67 12.69 -13.66 -20.56
C ASN G 67 12.66 -14.65 -19.41
N THR G 68 12.52 -15.99 -19.66
CA THR G 68 12.54 -17.00 -18.58
C THR G 68 13.95 -17.10 -18.06
N GLN G 69 14.09 -16.97 -16.73
CA GLN G 69 15.37 -16.98 -16.05
C GLN G 69 15.68 -18.32 -15.42
N GLY G 70 14.63 -19.06 -15.08
CA GLY G 70 14.77 -20.34 -14.41
C GLY G 70 13.73 -21.33 -14.82
N LEU G 71 14.13 -22.60 -14.85
CA LEU G 71 13.27 -23.71 -15.17
C LEU G 71 13.19 -24.66 -13.99
N ILE G 72 11.97 -25.05 -13.63
CA ILE G 72 11.76 -26.09 -12.63
C ILE G 72 11.21 -27.29 -13.37
N PHE G 73 11.97 -28.39 -13.42
CA PHE G 73 11.49 -29.62 -14.08
C PHE G 73 11.08 -30.63 -13.02
N VAL G 74 9.79 -30.93 -12.96
CA VAL G 74 9.23 -31.85 -11.98
C VAL G 74 9.06 -33.24 -12.57
N VAL G 75 9.62 -34.25 -11.89
CA VAL G 75 9.56 -35.64 -12.31
C VAL G 75 8.89 -36.52 -11.26
N ASP G 76 7.96 -37.39 -11.69
CA ASP G 76 7.36 -38.36 -10.77
C ASP G 76 8.39 -39.48 -10.67
N SER G 77 9.12 -39.50 -9.54
CA SER G 77 10.22 -40.47 -9.29
C SER G 77 9.77 -41.92 -9.20
N ASN G 78 8.47 -42.14 -9.00
CA ASN G 78 7.87 -43.48 -8.92
C ASN G 78 7.44 -44.02 -10.30
N ASP G 79 7.35 -43.14 -11.30
CA ASP G 79 6.89 -43.51 -12.63
C ASP G 79 8.02 -43.89 -13.57
N ARG G 80 8.49 -45.13 -13.43
CA ARG G 80 9.55 -45.67 -14.28
C ARG G 80 9.11 -45.77 -15.74
N GLU G 81 7.85 -46.14 -15.97
CA GLU G 81 7.27 -46.31 -17.30
C GLU G 81 7.38 -45.03 -18.13
N ARG G 82 7.29 -43.86 -17.50
CA ARG G 82 7.32 -42.59 -18.21
C ARG G 82 8.61 -41.79 -18.03
N VAL G 83 9.64 -42.34 -17.37
CA VAL G 83 10.88 -41.60 -17.14
C VAL G 83 11.59 -41.19 -18.43
N ASN G 84 11.56 -42.06 -19.45
CA ASN G 84 12.17 -41.74 -20.74
C ASN G 84 11.41 -40.62 -21.45
N GLU G 85 10.07 -40.63 -21.33
CA GLU G 85 9.23 -39.57 -21.90
C GLU G 85 9.57 -38.25 -21.20
N ALA G 86 9.77 -38.28 -19.86
CA ALA G 86 10.16 -37.09 -19.11
C ALA G 86 11.50 -36.56 -19.62
N ARG G 87 12.49 -37.44 -19.85
CA ARG G 87 13.78 -37.07 -20.41
C ARG G 87 13.58 -36.38 -21.75
N GLU G 88 12.75 -36.96 -22.63
CA GLU G 88 12.48 -36.39 -23.94
C GLU G 88 11.93 -34.98 -23.85
N GLU G 89 10.96 -34.76 -22.97
CA GLU G 89 10.34 -33.45 -22.78
C GLU G 89 11.33 -32.44 -22.23
N LEU G 90 12.21 -32.90 -21.33
CA LEU G 90 13.26 -32.03 -20.79
C LEU G 90 14.24 -31.60 -21.86
N MET G 91 14.74 -32.56 -22.63
CA MET G 91 15.70 -32.27 -23.68
C MET G 91 15.13 -31.39 -24.79
N ARG G 92 13.83 -31.58 -25.13
CA ARG G 92 13.10 -30.79 -26.12
C ARG G 92 13.05 -29.33 -25.67
N MET G 93 12.86 -29.09 -24.37
CA MET G 93 12.84 -27.75 -23.78
C MET G 93 14.25 -27.14 -23.79
N LEU G 94 15.23 -27.91 -23.31
CA LEU G 94 16.62 -27.45 -23.23
C LEU G 94 17.27 -27.12 -24.57
N ALA G 95 16.72 -27.68 -25.65
CA ALA G 95 17.20 -27.44 -27.00
C ALA G 95 16.83 -26.02 -27.50
N GLU G 96 15.85 -25.37 -26.84
CA GLU G 96 15.39 -24.04 -27.22
C GLU G 96 16.44 -22.95 -26.95
N ASP G 97 16.84 -22.23 -28.01
CA ASP G 97 17.81 -21.15 -27.91
C ASP G 97 17.40 -20.07 -26.92
N GLU G 98 16.09 -19.79 -26.84
CA GLU G 98 15.51 -18.80 -25.94
C GLU G 98 15.80 -19.13 -24.46
N LEU G 99 16.05 -20.40 -24.15
CA LEU G 99 16.30 -20.84 -22.78
C LEU G 99 17.78 -21.16 -22.48
N ARG G 100 18.68 -20.85 -23.43
CA ARG G 100 20.11 -21.16 -23.32
C ARG G 100 20.78 -20.69 -22.01
N ASP G 101 20.28 -19.58 -21.43
CA ASP G 101 20.85 -19.03 -20.20
C ASP G 101 20.08 -19.37 -18.93
N ALA G 102 18.93 -20.01 -19.10
CA ALA G 102 18.09 -20.38 -17.96
C ALA G 102 18.79 -21.41 -17.06
N VAL G 103 18.63 -21.26 -15.73
CA VAL G 103 19.11 -22.22 -14.75
C VAL G 103 18.05 -23.30 -14.59
N LEU G 104 18.49 -24.54 -14.30
CA LEU G 104 17.59 -25.69 -14.20
C LEU G 104 17.55 -26.32 -12.83
N LEU G 105 16.37 -26.32 -12.21
CA LEU G 105 16.15 -27.01 -10.95
C LEU G 105 15.27 -28.21 -11.23
N VAL G 106 15.78 -29.40 -10.94
CA VAL G 106 15.00 -30.63 -11.12
C VAL G 106 14.44 -31.08 -9.79
N PHE G 107 13.11 -31.23 -9.70
CA PHE G 107 12.49 -31.80 -8.51
C PHE G 107 12.20 -33.28 -8.77
N ALA G 108 12.95 -34.17 -8.10
CA ALA G 108 12.72 -35.61 -8.18
C ALA G 108 11.64 -35.86 -7.13
N ASN G 109 10.39 -35.71 -7.57
CA ASN G 109 9.23 -35.73 -6.70
C ASN G 109 8.69 -37.10 -6.35
N LYS G 110 7.80 -37.14 -5.34
CA LYS G 110 7.13 -38.33 -4.86
C LYS G 110 8.09 -39.30 -4.16
N GLN G 111 9.08 -38.74 -3.45
CA GLN G 111 10.06 -39.53 -2.71
C GLN G 111 9.44 -40.32 -1.55
N ASP G 112 8.21 -39.98 -1.15
CA ASP G 112 7.47 -40.67 -0.10
C ASP G 112 7.08 -42.10 -0.51
N LEU G 113 6.92 -42.33 -1.83
CA LEU G 113 6.52 -43.63 -2.34
C LEU G 113 7.66 -44.64 -2.22
N PRO G 114 7.37 -45.87 -1.74
CA PRO G 114 8.45 -46.84 -1.46
C PRO G 114 9.31 -47.24 -2.64
N ASN G 115 8.74 -47.23 -3.85
CA ASN G 115 9.47 -47.62 -5.06
C ASN G 115 10.03 -46.42 -5.83
N ALA G 116 10.01 -45.23 -5.23
CA ALA G 116 10.56 -44.04 -5.89
C ALA G 116 12.06 -44.17 -6.16
N MET G 117 12.46 -43.77 -7.37
CA MET G 117 13.86 -43.74 -7.79
C MET G 117 14.47 -42.53 -7.07
N ASN G 118 15.67 -42.72 -6.55
CA ASN G 118 16.53 -41.78 -5.82
C ASN G 118 16.99 -40.61 -6.75
N ALA G 119 17.43 -39.46 -6.18
CA ALA G 119 17.93 -38.33 -7.00
C ALA G 119 19.08 -38.78 -7.92
N ALA G 120 20.00 -39.64 -7.42
CA ALA G 120 21.11 -40.18 -8.21
C ALA G 120 20.59 -41.00 -9.39
N GLU G 121 19.57 -41.85 -9.15
CA GLU G 121 18.99 -42.67 -10.23
C GLU G 121 18.30 -41.80 -11.28
N ILE G 122 17.52 -40.81 -10.83
CA ILE G 122 16.83 -39.89 -11.74
C ILE G 122 17.84 -39.11 -12.58
N THR G 123 18.96 -38.70 -11.96
CA THR G 123 20.04 -37.98 -12.65
C THR G 123 20.49 -38.79 -13.87
N ASP G 124 20.70 -40.09 -13.67
CA ASP G 124 21.12 -41.00 -14.73
C ASP G 124 20.06 -41.13 -15.80
N LYS G 125 18.81 -41.38 -15.39
CA LYS G 125 17.69 -41.58 -16.30
C LYS G 125 17.39 -40.35 -17.18
N LEU G 126 17.65 -39.15 -16.67
CA LEU G 126 17.39 -37.91 -17.39
C LEU G 126 18.62 -37.44 -18.17
N GLY G 127 19.76 -38.08 -17.94
CA GLY G 127 21.01 -37.74 -18.60
C GLY G 127 21.55 -36.36 -18.24
N LEU G 128 21.29 -35.90 -17.00
CA LEU G 128 21.72 -34.58 -16.54
C LEU G 128 23.22 -34.38 -16.53
N HIS G 129 23.98 -35.45 -16.29
CA HIS G 129 25.44 -35.47 -16.24
C HIS G 129 26.07 -35.07 -17.58
N SER G 130 25.32 -35.24 -18.70
CA SER G 130 25.81 -34.94 -20.04
C SER G 130 25.67 -33.45 -20.38
N LEU G 131 24.87 -32.69 -19.61
CA LEU G 131 24.71 -31.25 -19.85
C LEU G 131 26.01 -30.51 -19.48
N ARG G 132 26.44 -29.56 -20.30
CA ARG G 132 27.68 -28.83 -20.00
C ARG G 132 27.56 -27.39 -19.54
N HIS G 133 27.25 -26.47 -20.46
CA HIS G 133 27.13 -25.03 -20.27
C HIS G 133 25.83 -24.70 -19.52
N ARG G 134 25.52 -25.45 -18.45
CA ARG G 134 24.29 -25.23 -17.73
C ARG G 134 24.35 -25.38 -16.25
N ASN G 135 23.72 -24.42 -15.54
CA ASN G 135 23.64 -24.42 -14.08
C ASN G 135 22.44 -25.28 -13.73
N TRP G 136 22.67 -26.43 -13.09
CA TRP G 136 21.58 -27.33 -12.75
C TRP G 136 21.74 -27.95 -11.38
N TYR G 137 20.62 -28.33 -10.78
CA TYR G 137 20.58 -28.93 -9.45
C TYR G 137 19.41 -29.87 -9.41
N ILE G 138 19.59 -31.03 -8.78
CA ILE G 138 18.51 -31.98 -8.58
C ILE G 138 18.20 -32.08 -7.10
N GLN G 139 16.91 -32.00 -6.76
CA GLN G 139 16.46 -32.04 -5.38
C GLN G 139 15.38 -33.08 -5.21
N ALA G 140 15.62 -34.03 -4.30
CA ALA G 140 14.64 -35.03 -3.96
C ALA G 140 13.53 -34.34 -3.14
N THR G 141 12.27 -34.54 -3.53
CA THR G 141 11.15 -33.89 -2.84
C THR G 141 9.96 -34.80 -2.63
N CYS G 142 9.16 -34.40 -1.66
CA CYS G 142 7.84 -34.95 -1.46
C CYS G 142 6.94 -33.70 -1.39
N ALA G 143 6.27 -33.37 -2.49
CA ALA G 143 5.44 -32.17 -2.56
C ALA G 143 4.32 -32.14 -1.52
N THR G 144 3.71 -33.30 -1.25
CA THR G 144 2.62 -33.41 -0.29
C THR G 144 3.03 -33.02 1.15
N SER G 145 4.26 -33.39 1.54
CA SER G 145 4.78 -33.08 2.86
C SER G 145 5.58 -31.77 2.87
N GLY G 146 5.97 -31.28 1.70
CA GLY G 146 6.76 -30.08 1.54
C GLY G 146 8.26 -30.30 1.60
N ASP G 147 8.68 -31.53 1.93
CA ASP G 147 10.09 -31.87 2.07
C ASP G 147 10.89 -31.64 0.78
N GLY G 148 11.99 -30.92 0.93
CA GLY G 148 12.91 -30.63 -0.18
C GLY G 148 12.61 -29.39 -0.98
N LEU G 149 11.40 -28.83 -0.86
CA LEU G 149 11.01 -27.66 -1.65
C LEU G 149 11.82 -26.41 -1.38
N TYR G 150 12.00 -26.07 -0.12
CA TYR G 150 12.74 -24.86 0.21
C TYR G 150 14.23 -24.96 -0.05
N GLU G 151 14.76 -26.20 -0.05
CA GLU G 151 16.15 -26.47 -0.40
C GLU G 151 16.35 -26.21 -1.89
N GLY G 152 15.38 -26.61 -2.71
CA GLY G 152 15.37 -26.31 -4.13
C GLY G 152 15.35 -24.80 -4.37
N LEU G 153 14.48 -24.08 -3.64
CA LEU G 153 14.37 -22.62 -3.73
C LEU G 153 15.63 -21.90 -3.24
N ASP G 154 16.35 -22.48 -2.27
CA ASP G 154 17.61 -21.91 -1.80
C ASP G 154 18.60 -21.86 -2.97
N TRP G 155 18.77 -22.98 -3.70
CA TRP G 155 19.67 -23.05 -4.85
C TRP G 155 19.23 -22.06 -5.93
N LEU G 156 17.94 -22.05 -6.26
CA LEU G 156 17.36 -21.20 -7.31
C LEU G 156 17.50 -19.71 -6.98
N SER G 157 17.19 -19.31 -5.73
CA SER G 157 17.35 -17.90 -5.29
C SER G 157 18.83 -17.51 -5.40
N ASN G 158 19.76 -18.40 -4.99
CA ASN G 158 21.20 -18.12 -5.07
C ASN G 158 21.68 -17.96 -6.50
N GLN G 159 21.12 -18.73 -7.43
CA GLN G 159 21.46 -18.62 -8.84
C GLN G 159 21.03 -17.28 -9.43
N LEU G 160 19.84 -16.81 -9.05
CA LEU G 160 19.23 -15.64 -9.66
C LEU G 160 19.36 -14.29 -8.97
N ARG G 161 19.72 -14.25 -7.66
CA ARG G 161 19.76 -12.99 -6.87
C ARG G 161 19.70 -11.67 -7.70
N ASN G 162 18.47 -11.17 -7.99
CA ASN G 162 18.28 -9.96 -8.79
C ASN G 162 17.57 -8.85 -8.03
N ARG H 2 33.13 -30.76 11.50
CA ARG H 2 34.52 -30.73 11.09
C ARG H 2 34.66 -30.50 9.59
N ILE H 3 35.35 -29.43 9.24
CA ILE H 3 35.58 -29.04 7.86
C ILE H 3 37.07 -29.00 7.58
N LEU H 4 37.48 -29.62 6.47
CA LEU H 4 38.85 -29.54 6.02
C LEU H 4 38.93 -28.62 4.80
N MET H 5 39.71 -27.55 4.89
CA MET H 5 39.90 -26.61 3.78
C MET H 5 41.25 -26.82 3.12
N VAL H 6 41.22 -27.32 1.89
CA VAL H 6 42.41 -27.63 1.13
C VAL H 6 42.42 -26.94 -0.22
N GLY H 7 43.54 -27.06 -0.93
CA GLY H 7 43.77 -26.42 -2.21
C GLY H 7 45.23 -26.03 -2.29
N LEU H 8 45.70 -25.64 -3.49
CA LEU H 8 47.11 -25.27 -3.67
C LEU H 8 47.48 -24.06 -2.86
N ASP H 9 48.78 -23.88 -2.62
CA ASP H 9 49.24 -22.66 -1.99
C ASP H 9 48.84 -21.50 -2.90
N ALA H 10 48.63 -20.32 -2.29
CA ALA H 10 48.24 -19.09 -2.96
C ALA H 10 46.79 -19.05 -3.49
N ALA H 11 45.99 -20.12 -3.24
CA ALA H 11 44.58 -20.18 -3.67
C ALA H 11 43.69 -19.19 -2.95
N GLY H 12 44.03 -18.88 -1.69
CA GLY H 12 43.29 -17.94 -0.86
C GLY H 12 42.67 -18.53 0.39
N LYS H 13 43.11 -19.75 0.78
CA LYS H 13 42.58 -20.47 1.95
C LYS H 13 42.69 -19.67 3.25
N THR H 14 43.89 -19.18 3.56
CA THR H 14 44.10 -18.38 4.77
C THR H 14 43.30 -17.10 4.74
N THR H 15 43.22 -16.45 3.56
CA THR H 15 42.43 -15.23 3.39
C THR H 15 40.96 -15.52 3.71
N ILE H 16 40.45 -16.64 3.22
CA ILE H 16 39.08 -17.06 3.48
C ILE H 16 38.86 -17.35 4.95
N LEU H 17 39.77 -18.09 5.58
CA LEU H 17 39.61 -18.43 6.99
C LEU H 17 39.46 -17.20 7.88
N TYR H 18 40.34 -16.22 7.71
CA TYR H 18 40.33 -14.97 8.49
C TYR H 18 39.17 -14.07 8.15
N LYS H 19 38.73 -14.08 6.88
CA LYS H 19 37.59 -13.28 6.46
C LYS H 19 36.34 -13.87 7.12
N LEU H 20 36.22 -15.20 7.12
CA LEU H 20 35.11 -15.89 7.76
C LEU H 20 35.12 -15.69 9.27
N LYS H 21 36.29 -15.83 9.93
CA LYS H 21 36.39 -15.64 11.38
C LYS H 21 36.55 -14.14 11.75
N LEU H 22 35.47 -13.39 11.64
CA LEU H 22 35.47 -11.96 11.94
C LEU H 22 34.16 -11.62 12.62
N GLY H 23 34.29 -11.05 13.81
CA GLY H 23 33.18 -10.68 14.68
C GLY H 23 33.27 -11.33 16.05
N GLU H 24 33.84 -12.56 16.10
CA GLU H 24 33.99 -13.36 17.31
C GLU H 24 34.85 -12.71 18.38
N ILE H 25 34.61 -13.09 19.65
CA ILE H 25 35.35 -12.63 20.83
C ILE H 25 36.73 -13.28 20.68
N VAL H 26 37.74 -12.46 20.29
CA VAL H 26 39.14 -12.79 20.00
C VAL H 26 39.60 -14.15 20.51
N THR H 27 39.95 -15.07 19.58
CA THR H 27 40.50 -16.38 19.96
C THR H 27 41.92 -16.21 20.54
N THR H 28 42.45 -14.96 20.44
CA THR H 28 43.73 -14.43 20.92
C THR H 28 44.87 -15.43 21.01
N ILE H 29 45.73 -15.41 19.97
CA ILE H 29 46.88 -16.30 19.80
C ILE H 29 46.55 -17.82 19.95
N PRO H 30 45.60 -18.36 19.12
CA PRO H 30 45.20 -19.78 19.26
C PRO H 30 46.26 -20.79 19.69
N THR H 31 47.31 -20.98 18.86
CA THR H 31 48.39 -21.95 19.16
C THR H 31 49.79 -21.54 18.64
N ILE H 32 50.42 -22.50 17.94
CA ILE H 32 51.70 -22.53 17.27
C ILE H 32 51.45 -23.69 16.30
N GLY H 33 51.04 -23.32 15.11
CA GLY H 33 50.71 -24.29 14.07
C GLY H 33 49.98 -23.68 12.91
N PHE H 34 49.33 -24.53 12.10
CA PHE H 34 48.56 -24.09 10.94
C PHE H 34 47.26 -23.42 11.43
N ASN H 35 46.40 -23.00 10.51
CA ASN H 35 45.20 -22.34 10.97
C ASN H 35 44.00 -23.21 11.16
N VAL H 36 43.33 -22.98 12.29
CA VAL H 36 42.09 -23.63 12.68
C VAL H 36 41.25 -22.63 13.44
N GLU H 37 40.01 -22.45 13.00
CA GLU H 37 39.05 -21.56 13.66
C GLU H 37 37.68 -22.17 13.61
N THR H 38 36.87 -21.92 14.65
CA THR H 38 35.48 -22.35 14.69
C THR H 38 34.63 -21.17 14.26
N VAL H 39 33.82 -21.38 13.24
CA VAL H 39 32.93 -20.37 12.68
C VAL H 39 31.48 -20.80 12.91
N GLU H 40 30.68 -19.93 13.53
CA GLU H 40 29.27 -20.20 13.70
C GLU H 40 28.52 -19.51 12.57
N TYR H 41 27.65 -20.25 11.87
CA TYR H 41 26.90 -19.63 10.79
C TYR H 41 25.40 -19.45 11.11
N LYS H 42 24.50 -20.23 10.55
CA LYS H 42 23.09 -20.08 10.86
C LYS H 42 22.80 -21.03 12.01
N ASN H 43 23.41 -20.73 13.18
CA ASN H 43 23.30 -21.51 14.42
C ASN H 43 23.97 -22.91 14.35
N ILE H 44 24.90 -23.08 13.39
CA ILE H 44 25.69 -24.30 13.19
C ILE H 44 27.16 -23.91 13.34
N SER H 45 27.91 -24.67 14.13
CA SER H 45 29.33 -24.37 14.37
C SER H 45 30.24 -25.25 13.53
N PHE H 46 31.11 -24.61 12.74
CA PHE H 46 32.06 -25.31 11.88
C PHE H 46 33.48 -25.08 12.33
N THR H 47 34.20 -26.17 12.61
CA THR H 47 35.62 -26.10 12.90
C THR H 47 36.32 -26.28 11.55
N VAL H 48 36.93 -25.21 11.05
CA VAL H 48 37.59 -25.22 9.75
C VAL H 48 39.11 -25.31 9.84
N TRP H 49 39.66 -26.39 9.33
CA TRP H 49 41.09 -26.65 9.32
C TRP H 49 41.72 -26.28 7.99
N ASP H 50 42.80 -25.47 8.02
CA ASP H 50 43.54 -25.07 6.83
C ASP H 50 44.26 -26.20 6.05
N VAL H 51 44.37 -27.46 6.59
CA VAL H 51 44.97 -28.70 6.02
C VAL H 51 46.00 -28.65 4.87
N GLY H 52 45.72 -27.83 3.84
CA GLY H 52 46.52 -27.58 2.63
C GLY H 52 48.03 -27.60 2.76
N GLY H 53 48.52 -27.71 4.00
CA GLY H 53 49.92 -27.90 4.35
C GLY H 53 50.31 -29.36 4.12
N GLN H 54 49.69 -29.97 3.07
CA GLN H 54 49.86 -31.33 2.58
C GLN H 54 51.26 -31.48 2.00
N ASP H 55 51.89 -30.31 1.65
CA ASP H 55 53.24 -30.14 1.10
C ASP H 55 53.39 -31.09 -0.09
N LYS H 56 53.83 -32.32 0.21
CA LYS H 56 53.97 -33.48 -0.66
C LYS H 56 53.65 -34.63 0.30
N ILE H 57 54.49 -34.73 1.36
CA ILE H 57 54.54 -35.71 2.44
C ILE H 57 53.49 -35.54 3.57
N ARG H 58 52.15 -35.49 3.27
CA ARG H 58 51.23 -35.38 4.40
C ARG H 58 50.06 -36.37 4.63
N PRO H 59 50.43 -37.54 5.23
CA PRO H 59 49.42 -38.52 5.64
C PRO H 59 49.15 -38.36 7.14
N LEU H 60 49.33 -37.13 7.67
CA LEU H 60 49.17 -36.76 9.09
C LEU H 60 47.84 -36.06 9.31
N TRP H 61 46.96 -36.22 8.33
CA TRP H 61 45.60 -35.73 8.34
C TRP H 61 44.75 -36.99 8.42
N ARG H 62 45.42 -38.17 8.53
CA ARG H 62 44.83 -39.50 8.68
C ARG H 62 43.91 -39.53 9.91
N HIS H 63 44.38 -38.94 11.04
CA HIS H 63 43.63 -38.87 12.30
C HIS H 63 42.32 -38.12 12.17
N TYR H 64 42.37 -36.88 11.65
CA TYR H 64 41.18 -36.03 11.49
C TYR H 64 40.15 -36.51 10.45
N PHE H 65 40.58 -37.37 9.49
CA PHE H 65 39.77 -37.90 8.40
C PHE H 65 38.54 -38.72 8.84
N GLN H 66 38.70 -39.54 9.92
CA GLN H 66 37.66 -40.43 10.52
C GLN H 66 36.42 -39.68 11.02
N ASN H 67 36.46 -38.34 10.95
CA ASN H 67 35.41 -37.47 11.43
C ASN H 67 35.17 -36.23 10.55
N THR H 68 35.88 -36.06 9.38
CA THR H 68 35.63 -34.89 8.51
C THR H 68 34.27 -35.02 7.85
N GLN H 69 33.43 -34.00 7.98
CA GLN H 69 32.08 -33.99 7.47
C GLN H 69 31.97 -33.19 6.17
N GLY H 70 32.88 -32.25 5.98
CA GLY H 70 32.87 -31.40 4.81
C GLY H 70 34.23 -30.98 4.36
N LEU H 71 34.39 -30.85 3.04
CA LEU H 71 35.62 -30.40 2.41
C LEU H 71 35.38 -29.08 1.69
N ILE H 72 36.26 -28.11 1.91
CA ILE H 72 36.22 -26.86 1.16
C ILE H 72 37.46 -26.88 0.28
N PHE H 73 37.28 -26.93 -1.04
CA PHE H 73 38.40 -26.91 -1.98
C PHE H 73 38.48 -25.53 -2.61
N VAL H 74 39.56 -24.80 -2.30
CA VAL H 74 39.77 -23.44 -2.81
C VAL H 74 40.68 -23.47 -4.04
N VAL H 75 40.22 -22.86 -5.13
CA VAL H 75 40.97 -22.77 -6.38
C VAL H 75 41.22 -21.32 -6.79
N ASP H 76 42.46 -21.01 -7.20
CA ASP H 76 42.76 -19.68 -7.73
C ASP H 76 42.28 -19.72 -9.18
N SER H 77 41.12 -19.09 -9.44
CA SER H 77 40.47 -19.10 -10.75
C SER H 77 41.26 -18.38 -11.85
N ASN H 78 42.24 -17.56 -11.46
CA ASN H 78 43.11 -16.84 -12.40
C ASN H 78 44.35 -17.65 -12.79
N ASP H 79 44.67 -18.71 -12.03
CA ASP H 79 45.86 -19.51 -12.26
C ASP H 79 45.61 -20.71 -13.17
N ARG H 80 45.58 -20.44 -14.48
CA ARG H 80 45.39 -21.47 -15.49
C ARG H 80 46.53 -22.47 -15.50
N GLU H 81 47.77 -21.98 -15.30
CA GLU H 81 48.98 -22.81 -15.30
C GLU H 81 48.91 -23.94 -14.27
N ARG H 82 48.26 -23.70 -13.14
CA ARG H 82 48.17 -24.70 -12.08
C ARG H 82 46.81 -25.36 -11.90
N VAL H 83 45.84 -25.08 -12.79
CA VAL H 83 44.50 -25.67 -12.64
C VAL H 83 44.49 -27.20 -12.70
N ASN H 84 45.35 -27.79 -13.54
CA ASN H 84 45.45 -29.25 -13.62
C ASN H 84 46.04 -29.83 -12.35
N GLU H 85 47.03 -29.13 -11.76
CA GLU H 85 47.62 -29.54 -10.49
C GLU H 85 46.54 -29.50 -9.40
N ALA H 86 45.69 -28.45 -9.42
CA ALA H 86 44.58 -28.34 -8.47
C ALA H 86 43.63 -29.53 -8.62
N ARG H 87 43.30 -29.90 -9.87
CA ARG H 87 42.46 -31.06 -10.13
C ARG H 87 43.11 -32.32 -9.54
N GLU H 88 44.41 -32.50 -9.76
CA GLU H 88 45.14 -33.67 -9.23
C GLU H 88 45.05 -33.76 -7.72
N GLU H 89 45.26 -32.63 -7.03
CA GLU H 89 45.19 -32.58 -5.57
C GLU H 89 43.79 -32.88 -5.07
N LEU H 90 42.78 -32.39 -5.79
CA LEU H 90 41.39 -32.65 -5.42
C LEU H 90 41.06 -34.14 -5.56
N MET H 91 41.42 -34.72 -6.71
CA MET H 91 41.13 -36.13 -6.97
C MET H 91 41.89 -37.06 -6.02
N ARG H 92 43.14 -36.70 -5.64
CA ARG H 92 43.97 -37.44 -4.68
C ARG H 92 43.27 -37.48 -3.33
N MET H 93 42.63 -36.36 -2.92
CA MET H 93 41.88 -36.25 -1.67
C MET H 93 40.61 -37.08 -1.76
N LEU H 94 39.84 -36.91 -2.84
CA LEU H 94 38.57 -37.61 -3.03
C LEU H 94 38.69 -39.12 -3.12
N ALA H 95 39.89 -39.62 -3.46
CA ALA H 95 40.17 -41.05 -3.55
C ALA H 95 40.26 -41.70 -2.16
N GLU H 96 40.43 -40.89 -1.10
CA GLU H 96 40.56 -41.40 0.26
C GLU H 96 39.24 -41.95 0.81
N ASP H 97 39.26 -43.25 1.18
CA ASP H 97 38.12 -43.93 1.76
C ASP H 97 37.70 -43.27 3.07
N GLU H 98 38.69 -42.81 3.85
CA GLU H 98 38.47 -42.15 5.13
C GLU H 98 37.60 -40.92 5.00
N LEU H 99 37.58 -40.30 3.82
CA LEU H 99 36.77 -39.12 3.57
C LEU H 99 35.50 -39.32 2.74
N ARG H 100 35.09 -40.58 2.55
CA ARG H 100 33.85 -40.92 1.85
C ARG H 100 32.60 -40.36 2.61
N ASP H 101 32.80 -40.00 3.89
CA ASP H 101 31.90 -39.48 4.92
C ASP H 101 31.01 -38.33 4.49
N ALA H 102 31.52 -37.33 3.70
CA ALA H 102 30.70 -36.21 3.30
C ALA H 102 31.06 -35.27 2.13
N VAL H 103 30.62 -34.02 2.26
CA VAL H 103 30.32 -33.03 1.25
C VAL H 103 31.45 -32.16 0.74
N LEU H 104 31.36 -31.74 -0.53
CA LEU H 104 32.40 -30.94 -1.15
C LEU H 104 31.93 -29.55 -1.61
N LEU H 105 32.52 -28.51 -1.04
CA LEU H 105 32.24 -27.15 -1.46
C LEU H 105 33.48 -26.63 -2.18
N VAL H 106 33.33 -26.25 -3.44
CA VAL H 106 34.44 -25.69 -4.21
C VAL H 106 34.32 -24.18 -4.26
N PHE H 107 35.35 -23.46 -3.80
CA PHE H 107 35.37 -22.01 -3.94
C PHE H 107 36.24 -21.66 -5.16
N ALA H 108 35.59 -21.18 -6.23
CA ALA H 108 36.29 -20.70 -7.43
C ALA H 108 36.66 -19.27 -7.10
N ASN H 109 37.81 -19.11 -6.45
CA ASN H 109 38.26 -17.86 -5.89
C ASN H 109 38.96 -16.91 -6.85
N LYS H 110 39.12 -15.65 -6.42
CA LYS H 110 39.79 -14.57 -7.16
C LYS H 110 39.00 -14.15 -8.40
N GLN H 111 37.67 -14.15 -8.28
CA GLN H 111 36.77 -13.74 -9.36
C GLN H 111 36.89 -12.26 -9.72
N ASP H 112 37.53 -11.47 -8.84
CA ASP H 112 37.77 -10.04 -9.06
C ASP H 112 38.78 -9.79 -10.18
N LEU H 113 39.68 -10.76 -10.41
CA LEU H 113 40.70 -10.63 -11.44
C LEU H 113 40.08 -10.75 -12.84
N PRO H 114 40.46 -9.85 -13.77
CA PRO H 114 39.81 -9.82 -15.09
C PRO H 114 39.90 -11.09 -15.91
N ASN H 115 40.99 -11.85 -15.75
CA ASN H 115 41.21 -13.08 -16.50
C ASN H 115 40.78 -14.34 -15.73
N ALA H 116 40.07 -14.18 -14.61
CA ALA H 116 39.60 -15.33 -13.85
C ALA H 116 38.63 -16.20 -14.64
N MET H 117 38.82 -17.51 -14.56
CA MET H 117 37.94 -18.49 -15.17
C MET H 117 36.68 -18.52 -14.32
N ASN H 118 35.53 -18.58 -14.97
CA ASN H 118 34.16 -18.62 -14.46
C ASN H 118 33.90 -19.95 -13.68
N ALA H 119 32.86 -20.00 -12.81
CA ALA H 119 32.53 -21.24 -12.08
C ALA H 119 32.27 -22.41 -13.06
N ALA H 120 31.59 -22.15 -14.19
CA ALA H 120 31.33 -23.16 -15.21
C ALA H 120 32.63 -23.68 -15.81
N GLU H 121 33.60 -22.78 -16.11
CA GLU H 121 34.89 -23.18 -16.66
C GLU H 121 35.68 -24.01 -15.66
N ILE H 122 35.72 -23.58 -14.39
CA ILE H 122 36.43 -24.30 -13.33
C ILE H 122 35.83 -25.69 -13.15
N THR H 123 34.48 -25.79 -13.23
CA THR H 123 33.78 -27.06 -13.12
C THR H 123 34.33 -28.06 -14.13
N ASP H 124 34.51 -27.60 -15.38
CA ASP H 124 35.06 -28.42 -16.46
C ASP H 124 36.50 -28.81 -16.19
N LYS H 125 37.33 -27.83 -15.83
CA LYS H 125 38.76 -28.04 -15.56
C LYS H 125 39.04 -29.01 -14.41
N LEU H 126 38.15 -29.05 -13.41
CA LEU H 126 38.30 -29.91 -12.24
C LEU H 126 37.61 -31.25 -12.43
N GLY H 127 36.82 -31.38 -13.50
CA GLY H 127 36.08 -32.59 -13.80
C GLY H 127 35.00 -32.95 -12.79
N LEU H 128 34.40 -31.92 -12.17
CA LEU H 128 33.37 -32.11 -11.14
C LEU H 128 32.13 -32.84 -11.61
N HIS H 129 31.74 -32.65 -12.87
CA HIS H 129 30.54 -33.29 -13.44
C HIS H 129 30.66 -34.81 -13.58
N SER H 130 31.88 -35.35 -13.49
CA SER H 130 32.11 -36.79 -13.57
C SER H 130 31.92 -37.47 -12.21
N LEU H 131 31.90 -36.69 -11.11
CA LEU H 131 31.71 -37.23 -9.76
C LEU H 131 30.32 -37.80 -9.59
N ARG H 132 30.22 -38.97 -8.96
CA ARG H 132 28.95 -39.63 -8.76
C ARG H 132 28.23 -39.45 -7.42
N HIS H 133 28.42 -40.36 -6.46
CA HIS H 133 27.79 -40.35 -5.14
C HIS H 133 28.46 -39.32 -4.22
N ARG H 134 28.48 -38.07 -4.69
CA ARG H 134 29.12 -36.97 -4.01
C ARG H 134 28.22 -35.75 -4.01
N ASN H 135 27.98 -35.17 -2.82
CA ASN H 135 27.23 -33.93 -2.71
C ASN H 135 28.28 -32.83 -2.91
N TRP H 136 28.13 -32.05 -3.99
CA TRP H 136 29.09 -31.00 -4.30
C TRP H 136 28.44 -29.74 -4.81
N TYR H 137 29.13 -28.61 -4.61
CA TYR H 137 28.66 -27.31 -5.02
C TYR H 137 29.86 -26.46 -5.34
N ILE H 138 29.76 -25.66 -6.41
CA ILE H 138 30.82 -24.73 -6.77
C ILE H 138 30.30 -23.30 -6.59
N GLN H 139 31.08 -22.46 -5.93
CA GLN H 139 30.71 -21.08 -5.67
C GLN H 139 31.80 -20.14 -6.12
N ALA H 140 31.45 -19.21 -7.00
CA ALA H 140 32.37 -18.17 -7.44
C ALA H 140 32.56 -17.18 -6.27
N THR H 141 33.82 -16.88 -5.93
CA THR H 141 34.10 -16.00 -4.81
C THR H 141 35.23 -15.03 -5.07
N CYS H 142 35.23 -13.94 -4.29
CA CYS H 142 36.34 -13.03 -4.16
C CYS H 142 36.54 -12.91 -2.68
N ALA H 143 37.54 -13.64 -2.15
CA ALA H 143 37.82 -13.68 -0.72
C ALA H 143 38.11 -12.30 -0.13
N THR H 144 38.83 -11.45 -0.88
CA THR H 144 39.19 -10.11 -0.42
C THR H 144 37.99 -9.20 -0.18
N SER H 145 36.95 -9.33 -1.02
CA SER H 145 35.73 -8.55 -0.88
C SER H 145 34.67 -9.28 -0.05
N GLY H 146 34.82 -10.59 0.13
CA GLY H 146 33.89 -11.44 0.85
C GLY H 146 32.77 -11.99 0.01
N ASP H 147 32.69 -11.55 -1.26
CA ASP H 147 31.63 -11.98 -2.16
C ASP H 147 31.61 -13.48 -2.41
N GLY H 148 30.44 -14.08 -2.24
CA GLY H 148 30.22 -15.49 -2.46
C GLY H 148 30.47 -16.41 -1.29
N LEU H 149 31.15 -15.91 -0.25
CA LEU H 149 31.48 -16.75 0.92
C LEU H 149 30.28 -17.27 1.68
N TYR H 150 29.35 -16.38 2.01
CA TYR H 150 28.20 -16.79 2.79
C TYR H 150 27.21 -17.66 2.02
N GLU H 151 27.23 -17.53 0.67
CA GLU H 151 26.43 -18.39 -0.21
C GLU H 151 26.99 -19.81 -0.17
N GLY H 152 28.31 -19.94 -0.15
CA GLY H 152 28.98 -21.22 0.01
C GLY H 152 28.60 -21.85 1.35
N LEU H 153 28.62 -21.05 2.43
CA LEU H 153 28.26 -21.50 3.77
C LEU H 153 26.79 -21.88 3.89
N ASP H 154 25.91 -21.22 3.11
CA ASP H 154 24.49 -21.57 3.09
C ASP H 154 24.33 -23.03 2.61
N TRP H 155 24.98 -23.38 1.49
CA TRP H 155 24.93 -24.75 0.96
C TRP H 155 25.51 -25.75 1.96
N LEU H 156 26.70 -25.44 2.51
CA LEU H 156 27.41 -26.30 3.46
C LEU H 156 26.62 -26.53 4.74
N SER H 157 26.01 -25.46 5.32
CA SER H 157 25.16 -25.61 6.48
C SER H 157 23.96 -26.56 6.24
N ASN H 158 24.09 -27.55 5.31
CA ASN H 158 23.12 -28.63 5.08
C ASN H 158 23.00 -29.53 6.31
N GLN H 159 24.13 -29.77 7.03
CA GLN H 159 24.27 -30.66 8.20
C GLN H 159 23.19 -30.67 9.24
N LEU H 160 22.59 -31.85 9.41
CA LEU H 160 21.52 -32.10 10.38
C LEU H 160 22.08 -32.73 11.66
#